data_8DZ3
#
_entry.id   8DZ3
#
_cell.length_a   1.00
_cell.length_b   1.00
_cell.length_c   1.00
_cell.angle_alpha   90.00
_cell.angle_beta   90.00
_cell.angle_gamma   90.00
#
_symmetry.space_group_name_H-M   'P 1'
#
loop_
_entity.id
_entity.type
_entity.pdbx_description
1 polymer 'Circumsporozoite protein'
2 polymer '337 Fab heavy chain'
3 polymer '337 Fab light chain'
#
loop_
_entity_poly.entity_id
_entity_poly.type
_entity_poly.pdbx_seq_one_letter_code
_entity_poly.pdbx_strand_id
1 'polypeptide(L)'
;YGSSSNTRVLNELNYDNAGTNLYNELEMNYYGKQENWYSLKKNSRSLGENDDGNNEDNEKLRKPKHKKLKQPADGNPDPN
ANPNVDPNANPNVDPNANPNVDPNANPNANPNANPNANPNANPNANPNANPNANPNANPNANPNANPNANPNANPNANPN
ANPNANPNKNNQGNGQGHNMPNDPNRNVDENANANSAVKNNNNEEPSDKHIKEYLNKIQNSLSTEWSPCSVTCGNGIQVR
IKPGSANKPKDELDYANDIEKKICKMEKCSSVFNVVNS
;
I
2 'polypeptide(L)'
;QVQLVESGGGVVQPGRSLRLSCAASGFSFSTYGMHWVRQAPGKGLEWVALIWHDGSKKFYSESVRGRFTISRDNSMDTLY
LQMSSLRAEDTAVYYCARDGADYFDSTGGAFDIWGQGTMVIVSSASTKGPSVFPLAPSSKSTSGGTAALGCLVKDYFPEP
VTVSWNSGALTSGVHTFPAVLQSSGLYSLSSVVTVPSSSLGTQTYICNVNHKPSNTKVDKKVEPKSCD
;
H,A,C,E,M,O,Q
3 'polypeptide(L)'
;EIVMTQSPATLSVSPGERATLSCRASQSVSSNLAWYQQKPGQAPRLLIYGASTRATGIPARFSGSGSGTEFTLTISSLQS
EDFATYYCQQYKTWWTFGQGTKVEIKRTVAAPSVFIFPPSDEQLKSGTASVVCLLNNFYPREAKVQWKVDNALQSGNSQE
SVTEQDSKDSTYSLSSTLTLSKADYEKHKVYACEVTHQGLSSPVTKSFNRGEC
;
L,B,D,F,N,P,R
#
# COMPACT_ATOMS: atom_id res chain seq x y z
N ASN A 106 13.95 26.41 -26.99
CA ASN A 106 13.22 26.85 -28.18
C ASN A 106 11.73 26.67 -27.97
N PRO A 107 10.97 27.77 -28.05
CA PRO A 107 9.54 27.69 -27.78
C PRO A 107 8.78 26.74 -28.69
N ASN A 108 9.19 26.61 -29.95
CA ASN A 108 8.46 25.82 -30.93
C ASN A 108 8.91 24.36 -30.99
N ALA A 109 9.79 23.94 -30.09
CA ALA A 109 10.23 22.56 -30.05
C ALA A 109 9.07 21.65 -29.66
N ASN A 110 9.15 20.39 -30.06
CA ASN A 110 8.06 19.44 -29.86
C ASN A 110 7.81 19.22 -28.37
N PRO A 111 6.61 19.49 -27.87
CA PRO A 111 6.31 19.21 -26.46
C PRO A 111 5.78 17.81 -26.20
N ASN A 112 5.85 16.92 -27.18
CA ASN A 112 5.30 15.58 -27.04
C ASN A 112 6.36 14.61 -26.52
N ALA A 113 5.91 13.63 -25.76
CA ALA A 113 6.81 12.66 -25.14
C ALA A 113 7.47 11.78 -26.20
N ASN A 114 8.76 11.49 -25.99
CA ASN A 114 9.48 10.60 -26.88
C ASN A 114 9.12 9.16 -26.54
N PRO A 115 8.58 8.38 -27.48
CA PRO A 115 8.16 7.01 -27.18
C PRO A 115 9.30 6.11 -26.72
N ASN A 116 10.52 6.42 -27.15
CA ASN A 116 11.67 5.59 -26.85
C ASN A 116 12.46 6.06 -25.64
N ALA A 117 11.93 7.01 -24.87
CA ALA A 117 12.55 7.35 -23.60
C ALA A 117 12.50 6.15 -22.66
N ASN A 118 13.49 6.05 -21.79
CA ASN A 118 13.62 4.89 -20.93
C ASN A 118 12.42 4.78 -20.00
N PRO A 119 11.67 3.68 -20.06
CA PRO A 119 10.48 3.54 -19.20
C PRO A 119 10.75 2.92 -17.84
N ASN A 120 12.00 2.62 -17.51
CA ASN A 120 12.34 1.93 -16.28
C ASN A 120 12.59 2.93 -15.16
N ALA A 121 12.32 2.48 -13.93
CA ALA A 121 12.44 3.35 -12.76
C ALA A 121 13.89 3.74 -12.51
N ASN A 122 14.08 4.92 -11.94
CA ASN A 122 15.41 5.40 -11.57
C ASN A 122 15.78 4.86 -10.20
N PRO A 123 16.89 4.11 -10.07
CA PRO A 123 17.28 3.59 -8.75
C PRO A 123 17.51 4.66 -7.70
N ASN A 124 18.13 5.79 -8.08
CA ASN A 124 18.49 6.83 -7.13
C ASN A 124 17.38 7.88 -7.08
N ALA A 125 16.16 7.40 -6.87
CA ALA A 125 15.03 8.26 -6.56
C ALA A 125 14.68 8.06 -5.10
N ASN A 126 14.13 9.09 -4.49
CA ASN A 126 13.88 9.11 -3.05
C ASN A 126 13.01 7.93 -2.65
N PRO A 127 13.55 6.96 -1.91
CA PRO A 127 12.75 5.81 -1.47
C PRO A 127 11.91 6.07 -0.23
N ASN A 128 11.99 7.26 0.35
CA ASN A 128 11.29 7.59 1.58
C ASN A 128 9.89 8.10 1.28
N ALA A 129 9.06 8.12 2.32
CA ALA A 129 7.65 8.45 2.15
C ALA A 129 7.42 9.95 2.14
N ASN A 130 6.30 10.36 1.54
CA ASN A 130 5.92 11.77 1.50
C ASN A 130 5.10 12.10 2.74
N PRO A 131 5.50 13.06 3.56
CA PRO A 131 4.68 13.44 4.72
C PRO A 131 3.29 13.91 4.35
N ASN A 132 3.16 14.66 3.25
CA ASN A 132 1.88 15.25 2.86
C ASN A 132 1.20 14.34 1.83
N ALA A 133 0.99 13.10 2.24
CA ALA A 133 0.18 12.16 1.47
C ALA A 133 -1.01 11.78 2.32
N ASN A 134 -2.13 11.47 1.66
CA ASN A 134 -3.40 11.28 2.35
C ASN A 134 -3.29 10.21 3.43
N PRO A 135 -3.44 10.60 4.70
CA PRO A 135 -3.36 9.63 5.80
C PRO A 135 -4.68 8.96 6.14
N ASN A 136 -5.78 9.33 5.49
CA ASN A 136 -7.09 8.76 5.78
C ASN A 136 -7.26 7.43 5.06
N ALA A 137 -8.24 6.66 5.53
CA ALA A 137 -8.44 5.31 5.02
C ALA A 137 -9.07 5.33 3.64
N ASN A 138 -8.88 4.24 2.91
CA ASN A 138 -9.55 4.06 1.62
C ASN A 138 -10.92 3.44 1.84
N PRO A 139 -12.01 4.10 1.44
CA PRO A 139 -13.34 3.50 1.65
C PRO A 139 -13.54 2.17 0.97
N ASN A 140 -12.92 1.96 -0.19
CA ASN A 140 -13.12 0.75 -0.98
C ASN A 140 -12.03 -0.28 -0.75
N ALA A 141 -11.39 -0.28 0.42
CA ALA A 141 -10.54 -1.40 0.79
C ALA A 141 -11.39 -2.59 1.18
N ASN A 142 -10.79 -3.77 1.20
CA ASN A 142 -11.54 -4.99 1.47
C ASN A 142 -12.05 -4.96 2.91
N PRO A 143 -13.37 -5.02 3.13
CA PRO A 143 -13.91 -5.01 4.49
C PRO A 143 -14.08 -6.38 5.11
N ASN A 144 -13.73 -7.45 4.41
CA ASN A 144 -13.95 -8.80 4.89
C ASN A 144 -12.74 -9.32 5.66
N ALA A 145 -12.99 -10.32 6.50
CA ALA A 145 -11.96 -10.87 7.37
C ALA A 145 -10.96 -11.70 6.58
N ASN A 146 -9.70 -11.67 7.03
CA ASN A 146 -8.65 -12.50 6.44
C ASN A 146 -8.75 -13.92 6.99
N PRO A 147 -8.83 -14.93 6.13
CA PRO A 147 -8.91 -16.31 6.64
C PRO A 147 -7.70 -16.74 7.44
N ASN A 148 -6.52 -16.19 7.17
CA ASN A 148 -5.28 -16.63 7.79
C ASN A 148 -4.91 -15.81 9.02
N ALA A 149 -5.76 -14.89 9.47
CA ALA A 149 -5.51 -14.21 10.72
C ALA A 149 -5.49 -15.21 11.86
N ASN A 150 -4.81 -14.86 12.94
CA ASN A 150 -4.59 -15.81 14.04
C ASN A 150 -5.92 -16.19 14.68
N PRO A 151 -6.29 -17.47 14.67
CA PRO A 151 -7.56 -17.89 15.30
C PRO A 151 -7.45 -18.19 16.79
N ASN A 152 -6.27 -18.03 17.39
CA ASN A 152 -6.04 -18.42 18.76
C ASN A 152 -6.26 -17.25 19.71
N ALA A 153 -6.66 -17.58 20.94
CA ALA A 153 -6.99 -16.56 21.92
C ALA A 153 -5.76 -15.77 22.34
N ASN A 154 -5.98 -14.50 22.69
CA ASN A 154 -4.91 -13.64 23.19
C ASN A 154 -4.74 -13.86 24.68
N PRO A 155 -3.54 -14.21 25.15
CA PRO A 155 -3.36 -14.42 26.60
C PRO A 155 -3.67 -13.20 27.44
N ASN A 156 -3.45 -12.00 26.92
CA ASN A 156 -3.58 -10.76 27.68
C ASN A 156 -4.99 -10.20 27.65
N ALA A 157 -5.95 -10.90 27.06
CA ALA A 157 -7.34 -10.47 27.14
C ALA A 157 -7.81 -10.50 28.60
N ASN A 158 -8.80 -9.67 28.91
CA ASN A 158 -9.24 -9.51 30.29
C ASN A 158 -9.79 -10.82 30.83
N PRO A 159 -9.21 -11.38 31.90
CA PRO A 159 -9.71 -12.65 32.45
C PRO A 159 -10.86 -12.49 33.43
N ASN A 160 -11.22 -11.26 33.77
CA ASN A 160 -12.25 -11.00 34.76
C ASN A 160 -13.64 -10.95 34.11
N ALA A 161 -14.64 -11.32 34.88
CA ALA A 161 -16.01 -11.39 34.39
C ALA A 161 -16.54 -10.01 34.00
N GLN B 1 -21.89 16.47 16.60
CA GLN B 1 -21.50 15.58 17.69
C GLN B 1 -20.07 15.09 17.51
N VAL B 2 -19.39 15.61 16.50
CA VAL B 2 -17.99 15.28 16.25
C VAL B 2 -17.15 16.03 17.27
N GLN B 3 -16.51 15.30 18.18
CA GLN B 3 -15.84 15.89 19.32
C GLN B 3 -14.45 15.29 19.50
N LEU B 4 -13.53 16.12 19.97
CA LEU B 4 -12.21 15.69 20.42
C LEU B 4 -11.97 16.31 21.78
N VAL B 5 -11.63 15.48 22.76
CA VAL B 5 -11.46 15.93 24.15
C VAL B 5 -10.05 15.55 24.59
N GLU B 6 -9.27 16.54 25.01
CA GLU B 6 -7.90 16.32 25.42
C GLU B 6 -7.78 16.21 26.93
N SER B 7 -6.74 15.52 27.38
CA SER B 7 -6.50 15.31 28.80
C SER B 7 -5.02 15.05 29.01
N GLY B 8 -4.61 15.11 30.27
CA GLY B 8 -3.23 14.80 30.62
C GLY B 8 -2.31 15.98 30.76
N GLY B 9 -2.84 17.20 30.72
CA GLY B 9 -2.03 18.39 30.89
C GLY B 9 -1.82 18.70 32.37
N GLY B 10 -0.92 19.65 32.61
CA GLY B 10 -0.59 20.08 33.94
C GLY B 10 0.81 20.63 33.99
N VAL B 11 1.36 20.70 35.20
CA VAL B 11 2.68 21.26 35.46
C VAL B 11 3.66 20.09 35.57
N VAL B 12 4.78 20.21 34.85
CA VAL B 12 5.82 19.18 34.82
C VAL B 12 7.17 19.86 34.82
N GLN B 13 8.12 19.30 35.58
CA GLN B 13 9.44 19.88 35.65
C GLN B 13 10.23 19.62 34.37
N PRO B 14 11.21 20.46 34.06
CA PRO B 14 12.01 20.24 32.85
C PRO B 14 12.76 18.92 32.92
N GLY B 15 12.89 18.27 31.76
CA GLY B 15 13.59 17.02 31.62
C GLY B 15 12.74 15.80 31.90
N ARG B 16 11.51 15.98 32.38
CA ARG B 16 10.64 14.85 32.69
C ARG B 16 9.74 14.52 31.51
N SER B 17 8.87 13.54 31.73
CA SER B 17 7.99 13.02 30.69
C SER B 17 6.53 13.30 31.04
N LEU B 18 5.72 13.52 30.01
CA LEU B 18 4.30 13.75 30.16
C LEU B 18 3.57 13.13 28.98
N ARG B 19 2.38 12.61 29.23
CA ARG B 19 1.61 11.87 28.23
C ARG B 19 0.24 12.53 28.07
N LEU B 20 -0.14 12.82 26.83
CA LEU B 20 -1.42 13.41 26.50
C LEU B 20 -2.35 12.36 25.89
N SER B 21 -3.64 12.57 26.07
CA SER B 21 -4.65 11.69 25.51
C SER B 21 -5.73 12.54 24.86
N CYS B 22 -6.33 12.00 23.80
CA CYS B 22 -7.36 12.68 23.03
C CYS B 22 -8.46 11.67 22.72
N ALA B 23 -9.65 11.89 23.26
CA ALA B 23 -10.76 10.98 23.07
C ALA B 23 -11.70 11.52 22.00
N ALA B 24 -12.00 10.67 21.02
CA ALA B 24 -12.81 11.04 19.86
C ALA B 24 -14.19 10.40 19.94
N SER B 25 -15.18 11.13 19.42
CA SER B 25 -16.54 10.61 19.33
C SER B 25 -17.26 11.35 18.21
N GLY B 26 -18.34 10.75 17.73
CA GLY B 26 -19.15 11.34 16.69
C GLY B 26 -18.70 11.07 15.28
N PHE B 27 -17.63 10.30 15.10
CA PHE B 27 -17.16 9.93 13.77
C PHE B 27 -16.36 8.65 13.89
N SER B 28 -16.06 8.05 12.74
CA SER B 28 -15.23 6.84 12.71
C SER B 28 -13.78 7.24 12.87
N PHE B 29 -13.22 6.96 14.06
CA PHE B 29 -11.87 7.42 14.37
C PHE B 29 -10.81 6.64 13.61
N SER B 30 -11.10 5.41 13.22
CA SER B 30 -10.11 4.54 12.60
C SER B 30 -9.88 4.83 11.12
N THR B 31 -10.67 5.71 10.51
CA THR B 31 -10.52 6.00 9.09
C THR B 31 -9.85 7.34 8.82
N TYR B 32 -9.43 8.07 9.85
CA TYR B 32 -8.84 9.39 9.69
C TYR B 32 -7.43 9.40 10.26
N GLY B 33 -6.59 10.24 9.68
CA GLY B 33 -5.31 10.57 10.27
C GLY B 33 -5.45 11.70 11.27
N MET B 34 -4.65 11.65 12.32
CA MET B 34 -4.75 12.59 13.43
C MET B 34 -3.46 13.39 13.58
N HIS B 35 -3.60 14.62 14.04
CA HIS B 35 -2.47 15.54 14.20
C HIS B 35 -2.40 16.04 15.64
N TRP B 36 -1.25 16.58 15.99
CA TRP B 36 -1.08 17.39 17.18
C TRP B 36 -0.56 18.76 16.77
N VAL B 37 -1.18 19.81 17.31
CA VAL B 37 -0.80 21.19 17.02
C VAL B 37 -0.53 21.89 18.34
N ARG B 38 0.46 22.76 18.35
CA ARG B 38 0.96 23.40 19.56
C ARG B 38 0.88 24.92 19.42
N GLN B 39 0.38 25.59 20.47
CA GLN B 39 0.30 27.05 20.50
C GLN B 39 0.93 27.55 21.80
N ALA B 40 2.14 28.11 21.69
CA ALA B 40 2.81 28.67 22.85
C ALA B 40 2.06 29.92 23.34
N PRO B 41 2.18 30.25 24.62
CA PRO B 41 1.50 31.44 25.15
C PRO B 41 1.95 32.70 24.44
N GLY B 42 0.99 33.43 23.88
CA GLY B 42 1.28 34.65 23.17
C GLY B 42 1.88 34.47 21.79
N LYS B 43 1.90 33.25 21.27
CA LYS B 43 2.52 32.96 19.99
C LYS B 43 1.48 32.39 19.02
N GLY B 44 1.96 32.02 17.84
CA GLY B 44 1.12 31.40 16.83
C GLY B 44 1.05 29.89 17.00
N LEU B 45 0.36 29.26 16.04
CA LEU B 45 0.16 27.83 16.04
C LEU B 45 1.35 27.13 15.41
N GLU B 46 1.64 25.92 15.89
CA GLU B 46 2.77 25.13 15.42
C GLU B 46 2.36 23.66 15.32
N TRP B 47 2.62 23.06 14.17
CA TRP B 47 2.33 21.65 13.97
C TRP B 47 3.39 20.79 14.65
N VAL B 48 2.95 19.69 15.27
CA VAL B 48 3.83 18.83 16.04
C VAL B 48 4.01 17.47 15.38
N ALA B 49 2.94 16.71 15.20
CA ALA B 49 3.09 15.33 14.74
C ALA B 49 1.83 14.89 14.00
N LEU B 50 2.00 13.86 13.18
CA LEU B 50 0.94 13.23 12.41
C LEU B 50 1.06 11.72 12.51
N ILE B 51 -0.08 11.04 12.58
CA ILE B 51 -0.12 9.58 12.55
C ILE B 51 -1.16 9.14 11.54
N TRP B 52 -0.85 8.08 10.80
CA TRP B 52 -1.76 7.51 9.82
C TRP B 52 -3.00 6.98 10.51
N HIS B 53 -4.01 6.63 9.70
CA HIS B 53 -5.26 6.11 10.25
C HIS B 53 -5.07 4.77 10.95
N ASP B 54 -4.04 4.01 10.58
CA ASP B 54 -3.78 2.72 11.19
C ASP B 54 -2.58 2.72 12.12
N GLY B 55 -1.85 3.83 12.22
CA GLY B 55 -0.67 3.91 13.07
C GLY B 55 0.62 3.51 12.38
N SER B 56 0.62 3.31 11.07
CA SER B 56 1.81 2.81 10.39
C SER B 56 2.87 3.89 10.23
N LYS B 57 2.51 5.01 9.61
CA LYS B 57 3.43 6.10 9.34
C LYS B 57 3.25 7.20 10.37
N LYS B 58 4.36 7.74 10.85
CA LYS B 58 4.36 8.84 11.80
C LYS B 58 5.36 9.88 11.34
N PHE B 59 4.99 11.15 11.48
CA PHE B 59 5.83 12.27 11.08
C PHE B 59 5.86 13.28 12.20
N TYR B 60 7.02 13.90 12.40
CA TYR B 60 7.21 14.81 13.53
C TYR B 60 7.87 16.10 13.06
N SER B 61 7.60 17.17 13.80
CA SER B 61 8.31 18.42 13.62
C SER B 61 9.78 18.25 13.99
N GLU B 62 10.63 19.08 13.40
CA GLU B 62 12.05 19.01 13.72
C GLU B 62 12.31 19.45 15.15
N SER B 63 11.43 20.27 15.72
CA SER B 63 11.64 20.77 17.08
C SER B 63 11.32 19.71 18.12
N VAL B 64 10.52 18.70 17.77
CA VAL B 64 10.12 17.65 18.72
C VAL B 64 10.57 16.27 18.29
N ARG B 65 11.23 16.14 17.14
CA ARG B 65 11.63 14.81 16.66
C ARG B 65 12.63 14.18 17.61
N GLY B 66 12.43 12.91 17.91
CA GLY B 66 13.27 12.19 18.85
C GLY B 66 12.76 12.24 20.27
N ARG B 67 12.19 13.38 20.68
CA ARG B 67 11.71 13.52 22.05
C ARG B 67 10.25 13.08 22.17
N PHE B 68 9.41 13.48 21.21
CA PHE B 68 7.99 13.17 21.26
C PHE B 68 7.68 11.94 20.41
N THR B 69 6.62 11.24 20.78
CA THR B 69 6.14 10.08 20.03
C THR B 69 4.62 10.13 19.96
N ILE B 70 4.08 9.99 18.76
CA ILE B 70 2.64 9.99 18.53
C ILE B 70 2.18 8.56 18.36
N SER B 71 1.08 8.22 19.03
CA SER B 71 0.53 6.87 18.94
C SER B 71 -0.99 6.97 19.01
N ARG B 72 -1.65 5.86 18.71
CA ARG B 72 -3.10 5.79 18.75
C ARG B 72 -3.51 4.37 19.07
N ASP B 73 -4.75 4.22 19.53
CA ASP B 73 -5.36 2.92 19.75
C ASP B 73 -6.82 3.04 19.33
N ASN B 74 -7.16 2.44 18.19
CA ASN B 74 -8.47 2.65 17.59
C ASN B 74 -9.57 1.92 18.36
N SER B 75 -9.20 1.06 19.31
CA SER B 75 -10.21 0.30 20.06
C SER B 75 -11.11 1.22 20.87
N MET B 76 -10.52 2.10 21.68
CA MET B 76 -11.31 3.06 22.46
C MET B 76 -11.30 4.46 21.87
N ASP B 77 -10.81 4.61 20.64
CA ASP B 77 -10.84 5.89 19.92
C ASP B 77 -10.01 6.96 20.63
N THR B 78 -8.77 6.63 20.98
CA THR B 78 -7.90 7.53 21.72
C THR B 78 -6.63 7.83 20.92
N LEU B 79 -6.18 9.07 21.00
CA LEU B 79 -4.92 9.51 20.43
C LEU B 79 -3.97 9.88 21.56
N TYR B 80 -2.69 9.57 21.39
CA TYR B 80 -1.71 9.78 22.44
C TYR B 80 -0.51 10.57 21.91
N LEU B 81 0.08 11.35 22.80
CA LEU B 81 1.33 12.05 22.54
C LEU B 81 2.23 11.89 23.76
N GLN B 82 3.29 11.11 23.62
CA GLN B 82 4.26 10.90 24.69
C GLN B 82 5.36 11.94 24.54
N MET B 83 5.45 12.85 25.49
CA MET B 83 6.40 13.95 25.48
C MET B 83 7.49 13.65 26.50
N SER B 84 8.73 13.53 26.03
CA SER B 84 9.87 13.27 26.89
C SER B 84 10.94 14.35 26.71
N SER B 85 11.81 14.46 27.71
CA SER B 85 12.88 15.45 27.73
C SER B 85 12.32 16.86 27.55
N LEU B 86 11.26 17.15 28.30
CA LEU B 86 10.53 18.40 28.13
C LEU B 86 11.41 19.59 28.48
N ARG B 87 11.23 20.68 27.74
CA ARG B 87 11.97 21.91 27.93
C ARG B 87 11.01 23.06 28.16
N ALA B 88 11.57 24.21 28.53
CA ALA B 88 10.74 25.40 28.75
C ALA B 88 10.06 25.85 27.46
N GLU B 89 10.67 25.56 26.31
CA GLU B 89 10.08 25.91 25.02
C GLU B 89 8.88 25.04 24.66
N ASP B 90 8.65 23.94 25.39
CA ASP B 90 7.53 23.06 25.15
C ASP B 90 6.25 23.51 25.85
N THR B 91 6.31 24.58 26.64
CA THR B 91 5.12 25.07 27.34
C THR B 91 4.14 25.66 26.34
N ALA B 92 2.93 25.10 26.28
CA ALA B 92 1.93 25.54 25.32
C ALA B 92 0.62 24.81 25.58
N VAL B 93 -0.41 25.22 24.85
CA VAL B 93 -1.66 24.47 24.75
C VAL B 93 -1.54 23.52 23.58
N TYR B 94 -1.78 22.24 23.82
CA TYR B 94 -1.64 21.21 22.80
C TYR B 94 -3.02 20.82 22.29
N TYR B 95 -3.25 21.01 20.99
CA TYR B 95 -4.52 20.73 20.36
C TYR B 95 -4.48 19.40 19.63
N CYS B 96 -5.57 18.66 19.72
CA CYS B 96 -5.77 17.42 18.97
C CYS B 96 -6.63 17.73 17.76
N ALA B 97 -6.12 17.41 16.57
CA ALA B 97 -6.77 17.81 15.33
C ALA B 97 -6.92 16.62 14.40
N ARG B 98 -8.01 16.63 13.65
CA ARG B 98 -8.30 15.60 12.65
C ARG B 98 -7.88 16.08 11.28
N ASP B 99 -7.46 15.14 10.43
CA ASP B 99 -7.07 15.50 9.07
C ASP B 99 -8.32 15.63 8.19
N GLY B 100 -8.55 16.82 7.68
CA GLY B 100 -9.74 17.08 6.89
C GLY B 100 -9.54 16.89 5.41
N ALA B 101 -9.09 15.71 5.01
CA ALA B 101 -8.91 15.36 3.61
C ALA B 101 -10.05 14.49 3.14
N ASP B 102 -10.48 14.72 1.90
CA ASP B 102 -11.34 13.74 1.26
C ASP B 102 -10.56 12.44 1.07
N TYR B 103 -11.30 11.33 1.06
CA TYR B 103 -10.65 10.02 1.09
C TYR B 103 -9.87 9.74 -0.18
N PHE B 104 -10.03 10.57 -1.21
CA PHE B 104 -9.31 10.42 -2.48
C PHE B 104 -8.59 11.71 -2.88
N ASP B 105 -8.21 12.52 -1.90
CA ASP B 105 -7.59 13.82 -2.17
C ASP B 105 -6.12 13.74 -2.55
N SER B 106 -5.46 12.61 -2.24
CA SER B 106 -4.10 12.32 -2.70
C SER B 106 -3.01 13.14 -2.00
N THR B 107 -3.38 14.12 -1.17
CA THR B 107 -2.38 14.94 -0.50
C THR B 107 -2.63 15.15 0.99
N GLY B 108 -3.84 14.96 1.48
CA GLY B 108 -4.09 15.37 2.85
C GLY B 108 -4.65 16.78 2.92
N GLY B 109 -5.50 17.00 3.91
CA GLY B 109 -6.25 18.24 3.98
C GLY B 109 -5.91 19.12 5.17
N ALA B 110 -6.78 20.08 5.46
CA ALA B 110 -6.59 20.98 6.58
C ALA B 110 -7.02 20.30 7.88
N PHE B 111 -6.90 21.01 8.98
CA PHE B 111 -7.30 20.52 10.28
C PHE B 111 -8.77 20.83 10.49
N ASP B 112 -9.64 19.88 10.17
CA ASP B 112 -11.08 20.07 10.19
C ASP B 112 -11.62 20.25 11.60
N ILE B 113 -11.39 19.28 12.47
CA ILE B 113 -11.93 19.28 13.83
C ILE B 113 -10.77 19.49 14.80
N TRP B 114 -10.94 20.43 15.71
CA TRP B 114 -9.97 20.70 16.76
C TRP B 114 -10.57 20.33 18.10
N GLY B 115 -9.73 19.97 19.05
CA GLY B 115 -10.14 19.73 20.42
C GLY B 115 -10.26 21.03 21.20
N GLN B 116 -10.55 20.89 22.49
CA GLN B 116 -10.63 22.08 23.34
C GLN B 116 -9.24 22.55 23.77
N GLY B 117 -8.25 21.66 23.74
CA GLY B 117 -6.89 21.99 24.12
C GLY B 117 -6.61 21.68 25.58
N THR B 118 -5.35 21.31 25.84
CA THR B 118 -4.88 21.05 27.19
C THR B 118 -3.56 21.78 27.40
N MET B 119 -3.45 22.48 28.53
CA MET B 119 -2.30 23.33 28.80
C MET B 119 -1.19 22.52 29.45
N VAL B 120 0.03 22.62 28.91
CA VAL B 120 1.20 21.95 29.44
C VAL B 120 2.18 23.01 29.91
N ILE B 121 2.54 22.96 31.19
CA ILE B 121 3.45 23.92 31.80
C ILE B 121 4.73 23.20 32.18
N VAL B 122 5.85 23.66 31.64
CA VAL B 122 7.17 23.11 31.95
C VAL B 122 7.94 24.20 32.69
N SER B 123 8.11 24.02 34.00
CA SER B 123 8.75 25.03 34.83
C SER B 123 9.18 24.40 36.15
N SER B 124 9.92 25.19 36.92
CA SER B 124 10.33 24.80 38.27
C SER B 124 9.68 25.69 39.32
N ILE C 2 11.45 24.90 4.37
CA ILE C 2 10.35 25.44 5.16
C ILE C 2 9.65 26.55 4.38
N VAL C 3 8.34 26.43 4.21
CA VAL C 3 7.55 27.42 3.48
C VAL C 3 7.11 28.47 4.49
N MET C 4 7.61 29.69 4.33
CA MET C 4 7.21 30.79 5.20
C MET C 4 5.89 31.39 4.73
N THR C 5 5.00 31.64 5.68
CA THR C 5 3.70 32.22 5.41
C THR C 5 3.59 33.55 6.12
N GLN C 6 3.18 34.59 5.39
CA GLN C 6 3.17 35.95 5.91
C GLN C 6 1.76 36.54 5.81
N SER C 7 1.43 37.44 6.73
CA SER C 7 0.14 38.08 6.81
C SER C 7 0.31 39.52 7.29
N PRO C 8 -0.68 40.39 7.04
CA PRO C 8 -0.67 41.72 7.66
C PRO C 8 -0.81 41.63 9.16
N ALA C 9 -0.27 42.62 9.89
CA ALA C 9 -0.20 42.50 11.35
C ALA C 9 -1.55 42.72 12.01
N THR C 10 -2.12 43.92 11.87
CA THR C 10 -3.38 44.25 12.54
C THR C 10 -4.28 44.99 11.55
N LEU C 11 -5.58 44.74 11.67
CA LEU C 11 -6.56 45.35 10.78
C LEU C 11 -7.72 45.89 11.61
N SER C 12 -8.05 47.15 11.42
CA SER C 12 -9.16 47.79 12.12
C SER C 12 -10.30 48.02 11.16
N VAL C 13 -11.46 47.44 11.46
CA VAL C 13 -12.63 47.51 10.60
C VAL C 13 -13.86 47.77 11.44
N SER C 14 -14.67 48.74 11.02
CA SER C 14 -15.94 49.00 11.68
C SER C 14 -16.96 47.93 11.30
N PRO C 15 -17.85 47.57 12.22
CA PRO C 15 -18.84 46.52 11.91
C PRO C 15 -19.68 46.88 10.71
N GLY C 16 -19.92 45.88 9.85
CA GLY C 16 -20.64 46.08 8.62
C GLY C 16 -19.78 46.33 7.40
N GLU C 17 -18.50 46.64 7.59
CA GLU C 17 -17.60 46.89 6.47
C GLU C 17 -17.02 45.58 5.95
N ARG C 18 -16.11 45.71 4.99
CA ARG C 18 -15.44 44.57 4.39
C ARG C 18 -13.99 44.51 4.87
N ALA C 19 -13.54 43.32 5.23
CA ALA C 19 -12.17 43.09 5.68
C ALA C 19 -11.47 42.20 4.66
N THR C 20 -10.30 42.64 4.19
CA THR C 20 -9.52 41.89 3.21
C THR C 20 -8.21 41.47 3.87
N LEU C 21 -8.14 40.21 4.27
CA LEU C 21 -6.92 39.63 4.80
C LEU C 21 -6.13 38.94 3.70
N SER C 22 -4.82 39.13 3.72
CA SER C 22 -3.95 38.59 2.68
C SER C 22 -2.98 37.60 3.28
N CYS C 23 -2.53 36.66 2.45
CA CYS C 23 -1.55 35.66 2.87
C CYS C 23 -0.58 35.44 1.72
N ARG C 24 0.71 35.43 2.04
CA ARG C 24 1.77 35.25 1.07
C ARG C 24 2.65 34.08 1.49
N ALA C 25 2.94 33.19 0.53
CA ALA C 25 3.75 32.00 0.78
C ALA C 25 5.12 32.17 0.16
N SER C 26 6.15 31.72 0.89
CA SER C 26 7.52 31.87 0.40
C SER C 26 7.76 31.04 -0.85
N GLN C 27 7.08 29.89 -0.96
CA GLN C 27 7.12 29.08 -2.17
C GLN C 27 5.70 28.81 -2.66
N SER C 28 5.56 27.94 -3.65
CA SER C 28 4.27 27.66 -4.27
C SER C 28 3.53 26.57 -3.50
N VAL C 29 2.30 26.87 -3.10
CA VAL C 29 1.39 25.87 -2.55
C VAL C 29 0.17 25.82 -3.46
N SER C 30 -0.01 24.71 -4.17
CA SER C 30 -1.04 24.64 -5.20
C SER C 30 -2.43 24.43 -4.62
N SER C 31 -3.07 25.51 -4.19
CA SER C 31 -4.42 25.47 -3.62
C SER C 31 -4.48 24.54 -2.41
N ASN C 32 -3.40 24.52 -1.64
CA ASN C 32 -3.30 23.68 -0.45
C ASN C 32 -3.22 24.55 0.78
N LEU C 33 -4.08 25.57 0.86
CA LEU C 33 -3.97 26.59 1.89
C LEU C 33 -5.28 26.69 2.65
N ALA C 34 -5.18 26.89 3.97
CA ALA C 34 -6.34 26.92 4.84
C ALA C 34 -6.36 28.21 5.66
N TRP C 35 -7.55 28.62 6.05
CA TRP C 35 -7.77 29.77 6.91
C TRP C 35 -8.46 29.32 8.19
N TYR C 36 -8.05 29.91 9.31
CA TYR C 36 -8.61 29.57 10.60
C TYR C 36 -9.01 30.83 11.36
N GLN C 37 -9.96 30.68 12.28
CA GLN C 37 -10.41 31.76 13.14
C GLN C 37 -10.26 31.34 14.59
N GLN C 38 -9.58 32.16 15.38
CA GLN C 38 -9.36 31.88 16.80
C GLN C 38 -9.71 33.10 17.63
N LYS C 39 -10.68 32.95 18.50
CA LYS C 39 -11.02 33.89 19.55
C LYS C 39 -10.17 33.61 20.79
N PRO C 40 -9.91 34.60 21.65
CA PRO C 40 -8.98 34.37 22.75
C PRO C 40 -9.55 33.40 23.77
N GLY C 41 -8.73 32.41 24.14
CA GLY C 41 -9.14 31.36 25.04
C GLY C 41 -9.85 30.19 24.39
N GLN C 42 -9.94 30.17 23.06
CA GLN C 42 -10.64 29.11 22.34
C GLN C 42 -9.72 28.50 21.28
N ALA C 43 -10.09 27.30 20.84
CA ALA C 43 -9.31 26.59 19.84
C ALA C 43 -9.49 27.22 18.47
N PRO C 44 -8.54 27.00 17.55
CA PRO C 44 -8.74 27.46 16.17
C PRO C 44 -9.93 26.78 15.52
N ARG C 45 -10.56 27.49 14.59
CA ARG C 45 -11.74 27.02 13.88
C ARG C 45 -11.50 27.15 12.39
N LEU C 46 -11.67 26.05 11.66
CA LEU C 46 -11.41 26.07 10.22
C LEU C 46 -12.51 26.86 9.50
N LEU C 47 -12.10 27.74 8.60
CA LEU C 47 -13.00 28.51 7.76
C LEU C 47 -12.95 28.11 6.31
N ILE C 48 -11.76 28.14 5.71
CA ILE C 48 -11.57 27.89 4.29
C ILE C 48 -10.51 26.82 4.13
N TYR C 49 -10.74 25.88 3.22
CA TYR C 49 -9.72 24.92 2.83
C TYR C 49 -9.68 24.84 1.31
N GLY C 50 -8.53 24.46 0.78
CA GLY C 50 -8.32 24.50 -0.65
C GLY C 50 -8.23 25.89 -1.23
N ALA C 51 -8.09 26.91 -0.37
CA ALA C 51 -7.92 28.31 -0.73
C ALA C 51 -9.21 28.95 -1.24
N SER C 52 -10.25 28.15 -1.48
CA SER C 52 -11.53 28.70 -1.89
C SER C 52 -12.75 28.02 -1.29
N THR C 53 -12.63 26.84 -0.70
CA THR C 53 -13.79 26.07 -0.28
C THR C 53 -14.12 26.38 1.19
N ARG C 54 -15.35 26.78 1.44
CA ARG C 54 -15.79 27.02 2.82
C ARG C 54 -15.97 25.70 3.55
N ALA C 55 -15.86 25.75 4.88
CA ALA C 55 -16.11 24.59 5.70
C ALA C 55 -17.61 24.35 5.86
N THR C 56 -17.97 23.44 6.75
CA THR C 56 -19.35 22.99 6.87
C THR C 56 -20.31 24.11 7.25
N GLY C 57 -20.14 24.69 8.43
CA GLY C 57 -21.07 25.70 8.90
C GLY C 57 -20.52 27.12 8.88
N ILE C 58 -19.78 27.45 7.82
CA ILE C 58 -19.12 28.74 7.69
C ILE C 58 -19.98 29.63 6.80
N PRO C 59 -20.44 30.78 7.30
CA PRO C 59 -21.38 31.58 6.52
C PRO C 59 -20.77 32.12 5.24
N ALA C 60 -21.65 32.54 4.33
CA ALA C 60 -21.21 32.94 2.99
C ALA C 60 -20.43 34.24 2.99
N ARG C 61 -20.39 34.97 4.12
CA ARG C 61 -19.64 36.21 4.15
C ARG C 61 -18.13 36.00 4.18
N PHE C 62 -17.69 34.78 4.49
CA PHE C 62 -16.28 34.42 4.43
C PHE C 62 -15.98 33.86 3.05
N SER C 63 -15.00 34.45 2.36
CA SER C 63 -14.62 34.00 1.02
C SER C 63 -13.12 34.07 0.88
N GLY C 64 -12.53 33.06 0.24
CA GLY C 64 -11.11 33.03 -0.03
C GLY C 64 -10.84 32.82 -1.51
N SER C 65 -9.63 33.22 -1.92
CA SER C 65 -9.24 33.11 -3.32
C SER C 65 -7.72 33.10 -3.40
N GLY C 66 -7.22 32.78 -4.58
CA GLY C 66 -5.80 32.78 -4.84
C GLY C 66 -5.24 31.38 -5.00
N SER C 67 -4.05 31.31 -5.58
CA SER C 67 -3.30 30.07 -5.70
C SER C 67 -1.83 30.41 -5.85
N GLY C 68 -0.99 29.40 -5.64
CA GLY C 68 0.44 29.61 -5.73
C GLY C 68 1.01 30.26 -4.49
N THR C 69 1.36 31.55 -4.60
CA THR C 69 2.00 32.25 -3.51
C THR C 69 1.16 33.38 -2.90
N GLU C 70 0.09 33.80 -3.57
CA GLU C 70 -0.75 34.90 -3.10
C GLU C 70 -2.16 34.39 -2.82
N PHE C 71 -2.62 34.60 -1.59
CA PHE C 71 -3.95 34.21 -1.17
C PHE C 71 -4.59 35.35 -0.39
N THR C 72 -5.91 35.45 -0.49
CA THR C 72 -6.66 36.49 0.21
C THR C 72 -7.86 35.88 0.92
N LEU C 73 -8.16 36.40 2.11
CA LEU C 73 -9.38 36.08 2.83
C LEU C 73 -10.21 37.35 2.91
N THR C 74 -11.45 37.28 2.43
CA THR C 74 -12.34 38.43 2.40
C THR C 74 -13.57 38.13 3.25
N ILE C 75 -13.88 39.03 4.18
CA ILE C 75 -15.11 38.98 4.95
C ILE C 75 -15.93 40.22 4.60
N SER C 76 -17.13 40.01 4.09
CA SER C 76 -18.03 41.09 3.70
C SER C 76 -19.07 41.31 4.78
N SER C 77 -19.29 42.58 5.13
CA SER C 77 -20.20 42.96 6.21
C SER C 77 -19.80 42.29 7.52
N LEU C 78 -18.62 42.69 8.01
CA LEU C 78 -18.05 42.08 9.19
C LEU C 78 -18.99 42.22 10.39
N GLN C 79 -19.38 41.09 10.96
CA GLN C 79 -20.32 41.03 12.07
C GLN C 79 -19.58 41.24 13.39
N SER C 80 -20.36 41.31 14.47
CA SER C 80 -19.78 41.46 15.79
C SER C 80 -19.03 40.21 16.23
N GLU C 81 -19.44 39.03 15.79
CA GLU C 81 -18.79 37.79 16.16
C GLU C 81 -17.59 37.46 15.27
N ASP C 82 -17.29 38.29 14.28
CA ASP C 82 -16.20 38.03 13.35
C ASP C 82 -14.92 38.75 13.74
N PHE C 83 -14.86 39.37 14.91
CA PHE C 83 -13.66 40.03 15.40
C PHE C 83 -12.81 39.00 16.15
N ALA C 84 -11.76 38.52 15.49
CA ALA C 84 -10.90 37.49 16.05
C ALA C 84 -9.57 37.51 15.32
N THR C 85 -8.70 36.59 15.69
CA THR C 85 -7.42 36.41 15.01
C THR C 85 -7.58 35.36 13.93
N TYR C 86 -7.12 35.68 12.72
CA TYR C 86 -7.27 34.82 11.56
C TYR C 86 -5.90 34.33 11.13
N TYR C 87 -5.75 33.01 11.01
CA TYR C 87 -4.47 32.38 10.72
C TYR C 87 -4.48 31.79 9.31
N CYS C 88 -3.30 31.73 8.72
CA CYS C 88 -3.10 31.17 7.39
C CYS C 88 -2.16 29.97 7.50
N GLN C 89 -2.51 28.87 6.84
CA GLN C 89 -1.72 27.65 6.91
C GLN C 89 -1.61 27.01 5.54
N GLN C 90 -0.40 26.54 5.22
CA GLN C 90 -0.16 25.71 4.05
C GLN C 90 -0.05 24.25 4.48
N TYR C 91 -0.49 23.34 3.60
CA TYR C 91 -0.26 21.91 3.84
C TYR C 91 0.18 21.22 2.56
N LYS C 92 1.14 21.81 1.85
CA LYS C 92 1.69 21.25 0.62
C LYS C 92 3.02 20.55 0.84
N THR C 93 3.97 21.20 1.50
CA THR C 93 5.29 20.63 1.79
C THR C 93 5.40 20.15 3.23
N TRP C 94 5.05 21.01 4.17
CA TRP C 94 4.87 20.58 5.56
C TRP C 94 3.64 21.30 6.09
N TRP C 95 3.46 21.33 7.40
CA TRP C 95 2.34 22.05 7.99
C TRP C 95 2.90 23.27 8.71
N THR C 96 2.90 24.42 8.02
CA THR C 96 3.36 25.68 8.60
C THR C 96 2.23 26.68 8.60
N PHE C 97 2.22 27.53 9.63
CA PHE C 97 1.18 28.52 9.84
C PHE C 97 1.74 29.92 9.61
N GLY C 98 0.83 30.89 9.51
CA GLY C 98 1.21 32.29 9.60
C GLY C 98 1.09 32.80 11.01
N GLN C 99 1.58 34.03 11.21
CA GLN C 99 1.53 34.63 12.54
C GLN C 99 0.18 35.24 12.85
N GLY C 100 -0.73 35.30 11.90
CA GLY C 100 -2.09 35.73 12.17
C GLY C 100 -2.27 37.22 11.97
N THR C 101 -3.50 37.60 11.62
CA THR C 101 -3.91 38.99 11.51
C THR C 101 -5.07 39.22 12.46
N LYS C 102 -4.93 40.21 13.33
CA LYS C 102 -5.97 40.52 14.31
C LYS C 102 -6.94 41.53 13.74
N VAL C 103 -8.22 41.26 13.86
CA VAL C 103 -9.28 42.19 13.45
C VAL C 103 -9.86 42.83 14.69
N GLU C 104 -9.74 44.15 14.79
CA GLU C 104 -10.20 44.90 15.94
C GLU C 104 -11.24 45.93 15.51
N ILE C 105 -12.14 46.26 16.43
CA ILE C 105 -13.21 47.19 16.14
C ILE C 105 -12.63 48.60 15.98
N LYS C 106 -13.10 49.31 14.97
CA LYS C 106 -12.60 50.65 14.67
C LYS C 106 -13.43 51.72 15.37
N GLN D 1 -12.94 8.58 -28.62
CA GLN D 1 -13.38 8.91 -27.28
C GLN D 1 -12.48 9.97 -26.64
N VAL D 2 -11.84 10.77 -27.49
CA VAL D 2 -10.95 11.83 -27.02
C VAL D 2 -11.81 13.05 -26.67
N GLN D 3 -11.69 13.51 -25.42
CA GLN D 3 -12.46 14.64 -24.94
C GLN D 3 -11.58 15.54 -24.08
N LEU D 4 -11.88 16.83 -24.10
CA LEU D 4 -11.28 17.80 -23.19
C LEU D 4 -12.42 18.64 -22.61
N VAL D 5 -12.43 18.78 -21.29
CA VAL D 5 -13.50 19.48 -20.59
C VAL D 5 -12.87 20.59 -19.76
N GLU D 6 -13.27 21.83 -20.06
CA GLU D 6 -12.87 22.96 -19.23
C GLU D 6 -13.94 23.25 -18.19
N SER D 7 -13.49 23.65 -17.00
CA SER D 7 -14.40 23.94 -15.89
C SER D 7 -13.72 24.95 -14.97
N GLY D 8 -14.53 25.56 -14.10
CA GLY D 8 -14.03 26.58 -13.21
C GLY D 8 -14.24 28.00 -13.68
N GLY D 9 -15.20 28.23 -14.58
CA GLY D 9 -15.51 29.56 -15.03
C GLY D 9 -16.51 30.25 -14.11
N GLY D 10 -16.96 31.42 -14.56
CA GLY D 10 -17.91 32.23 -13.83
C GLY D 10 -17.65 33.70 -14.05
N VAL D 11 -18.11 34.50 -13.10
CA VAL D 11 -17.95 35.96 -13.15
C VAL D 11 -17.15 36.40 -11.94
N VAL D 12 -16.07 37.15 -12.18
CA VAL D 12 -15.21 37.67 -11.13
C VAL D 12 -14.87 39.11 -11.45
N GLN D 13 -14.93 39.97 -10.43
CA GLN D 13 -14.66 41.39 -10.61
C GLN D 13 -13.18 41.61 -10.92
N PRO D 14 -12.85 42.68 -11.65
CA PRO D 14 -11.46 42.93 -12.00
C PRO D 14 -10.58 43.09 -10.76
N GLY D 15 -9.37 42.54 -10.83
CA GLY D 15 -8.42 42.60 -9.75
C GLY D 15 -8.32 41.37 -8.89
N ARG D 16 -9.29 40.46 -8.99
CA ARG D 16 -9.25 39.24 -8.19
C ARG D 16 -8.79 38.06 -9.03
N SER D 17 -8.82 36.87 -8.42
CA SER D 17 -8.25 35.67 -9.01
C SER D 17 -9.34 34.66 -9.36
N LEU D 18 -9.03 33.82 -10.36
CA LEU D 18 -9.89 32.72 -10.77
C LEU D 18 -9.00 31.62 -11.34
N ARG D 19 -9.42 30.36 -11.17
CA ARG D 19 -8.61 29.21 -11.55
C ARG D 19 -9.37 28.37 -12.56
N LEU D 20 -8.66 27.89 -13.58
CA LEU D 20 -9.23 27.06 -14.63
C LEU D 20 -8.72 25.63 -14.52
N SER D 21 -9.51 24.69 -15.05
CA SER D 21 -9.14 23.29 -15.06
C SER D 21 -9.46 22.70 -16.43
N CYS D 22 -8.70 21.66 -16.79
CA CYS D 22 -8.88 20.97 -18.07
C CYS D 22 -8.76 19.47 -17.82
N ALA D 23 -9.86 18.75 -18.02
CA ALA D 23 -9.88 17.31 -17.85
C ALA D 23 -9.69 16.61 -19.20
N ALA D 24 -8.79 15.63 -19.22
CA ALA D 24 -8.48 14.88 -20.43
C ALA D 24 -8.89 13.42 -20.26
N SER D 25 -9.43 12.85 -21.33
CA SER D 25 -9.85 11.45 -21.32
C SER D 25 -9.76 10.90 -22.74
N GLY D 26 -9.69 9.58 -22.83
CA GLY D 26 -9.64 8.89 -24.10
C GLY D 26 -8.27 8.81 -24.74
N PHE D 27 -7.24 9.34 -24.09
CA PHE D 27 -5.88 9.30 -24.62
C PHE D 27 -4.91 9.45 -23.47
N SER D 28 -3.62 9.23 -23.76
CA SER D 28 -2.58 9.34 -22.75
C SER D 28 -2.23 10.81 -22.56
N PHE D 29 -2.71 11.41 -21.47
CA PHE D 29 -2.50 12.82 -21.22
C PHE D 29 -1.03 13.14 -21.00
N SER D 30 -0.30 12.26 -20.31
CA SER D 30 1.09 12.50 -19.95
C SER D 30 2.03 12.51 -21.14
N THR D 31 1.57 12.08 -22.31
CA THR D 31 2.42 11.98 -23.49
C THR D 31 2.38 13.23 -24.36
N TYR D 32 1.38 14.09 -24.20
CA TYR D 32 1.18 15.23 -25.08
C TYR D 32 1.38 16.54 -24.31
N GLY D 33 1.79 17.56 -25.04
CA GLY D 33 1.77 18.92 -24.52
C GLY D 33 0.37 19.49 -24.58
N MET D 34 0.15 20.59 -23.85
CA MET D 34 -1.17 21.20 -23.76
C MET D 34 -1.07 22.71 -23.99
N HIS D 35 -2.17 23.28 -24.47
CA HIS D 35 -2.27 24.70 -24.77
C HIS D 35 -3.57 25.25 -24.21
N TRP D 36 -3.56 26.56 -23.94
CA TRP D 36 -4.77 27.33 -23.68
C TRP D 36 -4.96 28.34 -24.80
N VAL D 37 -6.17 28.40 -25.35
CA VAL D 37 -6.50 29.30 -26.44
C VAL D 37 -7.68 30.16 -26.01
N ARG D 38 -7.55 31.47 -26.22
CA ARG D 38 -8.52 32.45 -25.72
C ARG D 38 -9.28 33.07 -26.89
N GLN D 39 -10.60 33.20 -26.72
CA GLN D 39 -11.47 33.82 -27.72
C GLN D 39 -12.35 34.85 -27.03
N ALA D 40 -12.04 36.13 -27.23
CA ALA D 40 -12.87 37.20 -26.71
C ALA D 40 -14.20 37.24 -27.46
N PRO D 41 -15.27 37.68 -26.80
CA PRO D 41 -16.57 37.78 -27.49
C PRO D 41 -16.49 38.77 -28.65
N GLY D 42 -16.76 38.26 -29.85
CA GLY D 42 -16.67 39.05 -31.05
C GLY D 42 -15.29 39.17 -31.65
N LYS D 43 -14.28 38.57 -31.03
CA LYS D 43 -12.90 38.62 -31.50
C LYS D 43 -12.45 37.25 -31.96
N GLY D 44 -11.20 37.17 -32.39
CA GLY D 44 -10.61 35.93 -32.85
C GLY D 44 -9.96 35.14 -31.73
N LEU D 45 -9.29 34.07 -32.14
CA LEU D 45 -8.61 33.18 -31.21
C LEU D 45 -7.24 33.74 -30.84
N GLU D 46 -6.86 33.54 -29.57
CA GLU D 46 -5.58 34.00 -29.07
C GLU D 46 -4.93 32.91 -28.24
N TRP D 47 -3.69 32.57 -28.57
CA TRP D 47 -2.95 31.57 -27.82
C TRP D 47 -2.46 32.14 -26.50
N VAL D 48 -2.63 31.37 -25.43
CA VAL D 48 -2.33 31.82 -24.08
C VAL D 48 -1.00 31.25 -23.58
N ALA D 49 -0.90 29.94 -23.46
CA ALA D 49 0.28 29.34 -22.84
C ALA D 49 0.45 27.90 -23.32
N LEU D 50 1.71 27.47 -23.31
CA LEU D 50 2.09 26.10 -23.65
C LEU D 50 2.93 25.51 -22.52
N ILE D 51 2.63 24.26 -22.19
CA ILE D 51 3.39 23.50 -21.20
C ILE D 51 3.80 22.17 -21.81
N TRP D 52 4.97 21.67 -21.41
CA TRP D 52 5.46 20.40 -21.90
C TRP D 52 4.58 19.25 -21.40
N HIS D 53 4.86 18.05 -21.90
CA HIS D 53 4.13 16.87 -21.46
C HIS D 53 4.38 16.57 -19.97
N ASP D 54 5.63 16.70 -19.52
CA ASP D 54 5.97 16.46 -18.12
C ASP D 54 5.95 17.71 -17.26
N GLY D 55 5.72 18.89 -17.86
CA GLY D 55 5.71 20.14 -17.12
C GLY D 55 7.04 20.83 -17.01
N SER D 56 8.10 20.33 -17.66
CA SER D 56 9.42 20.91 -17.49
C SER D 56 9.48 22.35 -18.00
N LYS D 57 8.89 22.61 -19.17
CA LYS D 57 8.97 23.92 -19.80
C LYS D 57 7.58 24.52 -19.93
N LYS D 58 7.47 25.79 -19.54
CA LYS D 58 6.23 26.56 -19.68
C LYS D 58 6.51 27.82 -20.49
N PHE D 59 5.60 28.16 -21.38
CA PHE D 59 5.71 29.36 -22.20
C PHE D 59 4.38 30.10 -22.18
N TYR D 60 4.45 31.43 -22.22
CA TYR D 60 3.27 32.28 -22.14
C TYR D 60 3.31 33.35 -23.21
N SER D 61 2.15 33.90 -23.53
CA SER D 61 2.06 35.04 -24.43
C SER D 61 2.57 36.30 -23.75
N GLU D 62 2.81 37.34 -24.56
CA GLU D 62 3.33 38.59 -24.02
C GLU D 62 2.28 39.30 -23.18
N SER D 63 1.00 39.14 -23.50
CA SER D 63 -0.05 39.87 -22.80
C SER D 63 -0.30 39.28 -21.41
N VAL D 64 -0.11 37.97 -21.25
CA VAL D 64 -0.42 37.29 -20.00
C VAL D 64 0.81 36.74 -19.31
N ARG D 65 2.01 37.09 -19.76
CA ARG D 65 3.22 36.63 -19.09
C ARG D 65 3.30 37.25 -17.70
N GLY D 66 3.67 36.43 -16.73
CA GLY D 66 3.71 36.87 -15.34
C GLY D 66 2.38 36.78 -14.61
N ARG D 67 1.33 37.36 -15.19
CA ARG D 67 0.02 37.33 -14.54
C ARG D 67 -0.55 35.92 -14.51
N PHE D 68 -0.55 35.23 -15.64
CA PHE D 68 -1.13 33.90 -15.75
C PHE D 68 -0.08 32.83 -15.45
N THR D 69 -0.53 31.73 -14.85
CA THR D 69 0.32 30.60 -14.53
C THR D 69 -0.34 29.33 -15.04
N ILE D 70 0.39 28.55 -15.83
CA ILE D 70 -0.10 27.29 -16.38
C ILE D 70 0.58 26.14 -15.65
N SER D 71 -0.17 25.07 -15.39
CA SER D 71 0.39 23.91 -14.71
C SER D 71 -0.45 22.69 -15.09
N ARG D 72 0.17 21.52 -14.96
CA ARG D 72 -0.50 20.26 -15.26
C ARG D 72 -0.16 19.24 -14.18
N ASP D 73 -1.06 18.29 -14.01
CA ASP D 73 -0.86 17.15 -13.11
C ASP D 73 -1.10 15.88 -13.93
N ASN D 74 -0.03 15.18 -14.29
CA ASN D 74 -0.16 14.02 -15.16
C ASN D 74 -0.87 12.86 -14.46
N SER D 75 -0.81 12.81 -13.13
CA SER D 75 -1.46 11.73 -12.41
C SER D 75 -2.98 11.77 -12.58
N MET D 76 -3.57 12.95 -12.46
CA MET D 76 -5.01 13.11 -12.59
C MET D 76 -5.44 13.51 -14.00
N ASP D 77 -4.51 13.60 -14.95
CA ASP D 77 -4.80 13.99 -16.33
C ASP D 77 -5.49 15.35 -16.38
N THR D 78 -5.02 16.29 -15.56
CA THR D 78 -5.64 17.59 -15.42
C THR D 78 -4.65 18.70 -15.76
N LEU D 79 -5.14 19.74 -16.41
CA LEU D 79 -4.37 20.93 -16.74
C LEU D 79 -4.97 22.14 -16.04
N TYR D 80 -4.12 22.93 -15.39
CA TYR D 80 -4.57 24.07 -14.61
C TYR D 80 -3.98 25.36 -15.14
N LEU D 81 -4.81 26.40 -15.16
CA LEU D 81 -4.39 27.76 -15.48
C LEU D 81 -4.87 28.69 -14.38
N GLN D 82 -3.96 29.43 -13.79
CA GLN D 82 -4.27 30.36 -12.70
C GLN D 82 -4.30 31.78 -13.27
N MET D 83 -5.35 32.52 -12.96
CA MET D 83 -5.58 33.85 -13.50
C MET D 83 -5.38 34.88 -12.40
N SER D 84 -4.26 35.60 -12.45
CA SER D 84 -3.98 36.66 -11.49
C SER D 84 -3.95 38.01 -12.20
N SER D 85 -4.25 39.05 -11.43
CA SER D 85 -4.35 40.42 -11.94
C SER D 85 -5.34 40.50 -13.11
N LEU D 86 -6.50 39.88 -12.91
CA LEU D 86 -7.51 39.82 -13.96
C LEU D 86 -8.03 41.22 -14.30
N ARG D 87 -8.15 41.48 -15.60
CA ARG D 87 -8.68 42.73 -16.12
C ARG D 87 -9.89 42.44 -16.99
N ALA D 88 -10.66 43.51 -17.28
CA ALA D 88 -11.87 43.35 -18.08
C ALA D 88 -11.55 42.85 -19.49
N GLU D 89 -10.34 43.11 -19.98
CA GLU D 89 -9.94 42.64 -21.30
C GLU D 89 -9.77 41.13 -21.35
N ASP D 90 -9.68 40.47 -20.21
CA ASP D 90 -9.58 39.01 -20.16
C ASP D 90 -10.93 38.31 -20.23
N THR D 91 -12.02 39.07 -20.29
CA THR D 91 -13.35 38.47 -20.45
C THR D 91 -13.43 37.78 -21.80
N ALA D 92 -13.50 36.45 -21.79
CA ALA D 92 -13.43 35.68 -23.03
C ALA D 92 -13.85 34.24 -22.75
N VAL D 93 -13.79 33.43 -23.79
CA VAL D 93 -14.02 31.99 -23.69
C VAL D 93 -12.67 31.29 -23.81
N TYR D 94 -12.37 30.42 -22.85
CA TYR D 94 -11.06 29.79 -22.75
C TYR D 94 -11.16 28.33 -23.19
N TYR D 95 -10.23 27.91 -24.03
CA TYR D 95 -10.23 26.56 -24.60
C TYR D 95 -8.96 25.82 -24.20
N CYS D 96 -9.10 24.51 -24.02
CA CYS D 96 -7.97 23.63 -23.75
C CYS D 96 -7.63 22.87 -25.02
N ALA D 97 -6.38 22.95 -25.45
CA ALA D 97 -5.98 22.42 -26.75
C ALA D 97 -4.75 21.54 -26.61
N ARG D 98 -4.74 20.45 -27.37
CA ARG D 98 -3.63 19.49 -27.37
C ARG D 98 -2.70 19.77 -28.54
N ASP D 99 -1.39 19.72 -28.27
CA ASP D 99 -0.41 19.81 -29.35
C ASP D 99 -0.38 18.50 -30.11
N GLY D 100 -1.14 18.43 -31.20
CA GLY D 100 -1.30 17.18 -31.92
C GLY D 100 -0.20 16.87 -32.90
N ALA D 101 1.04 17.19 -32.53
CA ALA D 101 2.20 16.89 -33.36
C ALA D 101 2.60 15.43 -33.19
N ASP D 102 3.20 14.87 -34.23
CA ASP D 102 3.74 13.53 -34.15
C ASP D 102 4.92 13.49 -33.17
N TYR D 103 5.16 12.32 -32.60
CA TYR D 103 6.17 12.20 -31.55
C TYR D 103 7.58 12.47 -32.08
N PHE D 104 7.77 12.39 -33.39
CA PHE D 104 9.06 12.64 -34.02
C PHE D 104 8.98 13.79 -35.03
N ASP D 105 8.33 14.89 -34.66
CA ASP D 105 8.17 16.03 -35.55
C ASP D 105 9.25 17.08 -35.40
N SER D 106 9.78 17.28 -34.19
CA SER D 106 10.88 18.19 -33.92
C SER D 106 10.53 19.65 -34.16
N THR D 107 9.28 19.94 -34.52
CA THR D 107 8.85 21.31 -34.79
C THR D 107 7.51 21.68 -34.17
N GLY D 108 6.85 20.77 -33.47
CA GLY D 108 5.54 21.10 -32.93
C GLY D 108 4.44 20.96 -33.97
N GLY D 109 3.20 21.05 -33.51
CA GLY D 109 2.06 20.88 -34.39
C GLY D 109 0.89 21.78 -34.09
N ALA D 110 -0.22 21.56 -34.79
CA ALA D 110 -1.43 22.33 -34.58
C ALA D 110 -2.19 21.79 -33.38
N PHE D 111 -3.34 22.40 -33.09
CA PHE D 111 -4.18 22.01 -31.97
C PHE D 111 -5.21 21.01 -32.45
N ASP D 112 -4.92 19.72 -32.24
CA ASP D 112 -5.75 18.64 -32.76
C ASP D 112 -7.11 18.55 -32.08
N ILE D 113 -7.15 18.66 -30.75
CA ILE D 113 -8.36 18.46 -29.98
C ILE D 113 -8.67 19.74 -29.21
N TRP D 114 -9.92 20.16 -29.28
CA TRP D 114 -10.40 21.35 -28.59
C TRP D 114 -11.48 20.97 -27.58
N GLY D 115 -11.46 21.63 -26.43
CA GLY D 115 -12.48 21.44 -25.41
C GLY D 115 -13.74 22.21 -25.72
N GLN D 116 -14.75 21.99 -24.88
CA GLN D 116 -16.03 22.67 -25.08
C GLN D 116 -15.92 24.16 -24.84
N GLY D 117 -14.97 24.60 -24.02
CA GLY D 117 -14.79 26.01 -23.75
C GLY D 117 -15.63 26.49 -22.57
N THR D 118 -14.98 27.26 -21.71
CA THR D 118 -15.63 27.83 -20.53
C THR D 118 -15.66 29.35 -20.65
N MET D 119 -16.73 29.95 -20.17
CA MET D 119 -16.92 31.39 -20.26
C MET D 119 -16.38 32.08 -19.01
N VAL D 120 -15.56 33.10 -19.21
CA VAL D 120 -14.99 33.89 -18.13
C VAL D 120 -15.43 35.33 -18.32
N ILE D 121 -16.06 35.90 -17.29
CA ILE D 121 -16.58 37.26 -17.33
C ILE D 121 -15.89 38.07 -16.25
N VAL D 122 -15.28 39.18 -16.65
CA VAL D 122 -14.58 40.07 -15.73
C VAL D 122 -15.25 41.44 -15.80
N SER D 123 -16.12 41.71 -14.84
CA SER D 123 -16.84 42.99 -14.79
C SER D 123 -17.29 43.23 -13.35
N SER D 124 -17.61 44.48 -13.06
CA SER D 124 -18.06 44.87 -11.73
C SER D 124 -19.51 44.46 -11.50
N ILE E 2 6.52 38.98 -33.87
CA ILE E 2 5.15 38.56 -34.12
C ILE E 2 4.93 38.38 -35.61
N VAL E 3 4.45 37.19 -35.99
CA VAL E 3 4.19 36.87 -37.41
C VAL E 3 2.70 37.14 -37.62
N MET E 4 2.40 38.26 -38.25
CA MET E 4 1.01 38.63 -38.53
C MET E 4 0.46 37.77 -39.66
N THR E 5 -0.79 37.34 -39.51
CA THR E 5 -1.49 36.57 -40.53
C THR E 5 -2.76 37.31 -40.92
N GLN E 6 -3.03 37.39 -42.22
CA GLN E 6 -4.15 38.13 -42.76
C GLN E 6 -5.02 37.22 -43.63
N SER E 7 -6.32 37.35 -43.51
CA SER E 7 -7.30 36.55 -44.22
C SER E 7 -8.39 37.45 -44.77
N PRO E 8 -9.09 36.99 -45.84
CA PRO E 8 -10.21 37.78 -46.36
C PRO E 8 -11.32 37.98 -45.35
N ALA E 9 -12.03 39.10 -45.44
CA ALA E 9 -13.09 39.40 -44.47
C ALA E 9 -14.28 38.47 -44.65
N THR E 10 -14.94 38.51 -45.79
CA THR E 10 -16.13 37.71 -46.03
C THR E 10 -16.24 37.41 -47.51
N LEU E 11 -16.90 36.30 -47.83
CA LEU E 11 -17.21 35.92 -49.20
C LEU E 11 -18.52 35.17 -49.22
N SER E 12 -19.31 35.38 -50.27
CA SER E 12 -20.62 34.75 -50.40
C SER E 12 -20.57 33.72 -51.52
N VAL E 13 -20.84 32.46 -51.17
CA VAL E 13 -20.83 31.35 -52.12
C VAL E 13 -22.12 30.56 -51.97
N SER E 14 -22.73 30.22 -53.10
CA SER E 14 -23.93 29.39 -53.06
C SER E 14 -23.54 27.92 -52.84
N PRO E 15 -24.44 27.14 -52.24
CA PRO E 15 -24.16 25.71 -52.04
C PRO E 15 -23.92 25.00 -53.37
N GLY E 16 -22.98 24.06 -53.35
CA GLY E 16 -22.61 23.31 -54.52
C GLY E 16 -21.47 23.90 -55.33
N GLU E 17 -21.05 25.12 -55.01
CA GLU E 17 -19.95 25.75 -55.74
C GLU E 17 -18.63 25.52 -54.99
N ARG E 18 -17.58 26.18 -55.48
CA ARG E 18 -16.25 26.06 -54.91
C ARG E 18 -15.84 27.36 -54.21
N ALA E 19 -15.40 27.24 -52.97
CA ALA E 19 -14.95 28.37 -52.16
C ALA E 19 -13.44 28.28 -52.00
N THR E 20 -12.76 29.40 -52.24
CA THR E 20 -11.31 29.47 -52.19
C THR E 20 -10.92 30.53 -51.15
N LEU E 21 -10.35 30.08 -50.04
CA LEU E 21 -9.86 30.99 -49.01
C LEU E 21 -8.36 31.21 -49.18
N SER E 22 -7.86 32.29 -48.58
CA SER E 22 -6.44 32.63 -48.68
C SER E 22 -5.93 33.04 -47.31
N CYS E 23 -4.62 32.92 -47.13
CA CYS E 23 -3.96 33.31 -45.89
C CYS E 23 -2.54 33.77 -46.23
N ARG E 24 -2.16 34.92 -45.69
CA ARG E 24 -0.85 35.51 -45.94
C ARG E 24 -0.17 35.79 -44.61
N ALA E 25 1.08 35.38 -44.49
CA ALA E 25 1.87 35.58 -43.29
C ALA E 25 2.91 36.68 -43.51
N SER E 26 3.17 37.46 -42.47
CA SER E 26 4.17 38.52 -42.58
C SER E 26 5.56 37.95 -42.83
N GLN E 27 5.86 36.79 -42.24
CA GLN E 27 7.17 36.17 -42.42
C GLN E 27 7.03 34.76 -42.96
N SER E 28 8.13 34.01 -43.00
CA SER E 28 8.19 32.70 -43.63
C SER E 28 7.73 31.63 -42.64
N VAL E 29 6.81 30.78 -43.07
CA VAL E 29 6.35 29.64 -42.28
C VAL E 29 6.31 28.40 -43.16
N SER E 30 7.34 27.56 -43.06
CA SER E 30 7.51 26.45 -43.98
C SER E 30 6.59 25.28 -43.67
N SER E 31 5.39 25.29 -44.25
CA SER E 31 4.43 24.19 -44.12
C SER E 31 4.06 23.95 -42.66
N ASN E 32 4.02 25.03 -41.88
CA ASN E 32 3.67 24.95 -40.48
C ASN E 32 2.42 25.79 -40.22
N LEU E 33 1.43 25.67 -41.10
CA LEU E 33 0.22 26.47 -41.07
C LEU E 33 -1.00 25.58 -40.90
N ALA E 34 -2.00 26.07 -40.19
CA ALA E 34 -3.17 25.27 -39.86
C ALA E 34 -4.45 26.06 -40.15
N TRP E 35 -5.55 25.32 -40.29
CA TRP E 35 -6.86 25.89 -40.54
C TRP E 35 -7.88 25.27 -39.59
N TYR E 36 -8.82 26.09 -39.12
CA TYR E 36 -9.86 25.65 -38.20
C TYR E 36 -11.22 26.13 -38.68
N GLN E 37 -12.24 25.33 -38.36
CA GLN E 37 -13.63 25.65 -38.69
C GLN E 37 -14.40 25.84 -37.40
N GLN E 38 -14.89 27.06 -37.16
CA GLN E 38 -15.63 27.39 -35.95
C GLN E 38 -17.01 27.91 -36.32
N LYS E 39 -18.04 27.14 -35.97
CA LYS E 39 -19.41 27.62 -36.05
C LYS E 39 -19.74 28.44 -34.82
N PRO E 40 -20.71 29.36 -34.90
CA PRO E 40 -21.06 30.16 -33.73
C PRO E 40 -21.49 29.28 -32.55
N GLY E 41 -20.98 29.61 -31.37
CA GLY E 41 -21.30 28.89 -30.17
C GLY E 41 -20.58 27.57 -29.97
N GLN E 42 -19.66 27.22 -30.86
CA GLN E 42 -18.95 25.95 -30.79
C GLN E 42 -17.44 26.17 -30.89
N ALA E 43 -16.69 25.20 -30.39
CA ALA E 43 -15.24 25.31 -30.37
C ALA E 43 -14.67 25.12 -31.77
N PRO E 44 -13.51 25.71 -32.06
CA PRO E 44 -12.89 25.52 -33.38
C PRO E 44 -12.58 24.05 -33.64
N ARG E 45 -12.72 23.67 -34.91
CA ARG E 45 -12.53 22.29 -35.35
C ARG E 45 -11.42 22.27 -36.40
N LEU E 46 -10.34 21.56 -36.10
CA LEU E 46 -9.18 21.53 -36.99
C LEU E 46 -9.53 20.83 -38.30
N LEU E 47 -9.10 21.41 -39.41
CA LEU E 47 -9.30 20.86 -40.74
C LEU E 47 -8.01 20.46 -41.42
N ILE E 48 -7.07 21.38 -41.56
CA ILE E 48 -5.82 21.16 -42.26
C ILE E 48 -4.66 21.55 -41.35
N TYR E 49 -3.68 20.66 -41.24
CA TYR E 49 -2.46 20.95 -40.51
C TYR E 49 -1.27 20.64 -41.42
N GLY E 50 -0.18 21.39 -41.22
CA GLY E 50 0.94 21.31 -42.12
C GLY E 50 0.73 21.98 -43.46
N ALA E 51 -0.36 22.74 -43.61
CA ALA E 51 -0.70 23.51 -44.79
C ALA E 51 -1.15 22.64 -45.96
N SER E 52 -1.05 21.32 -45.82
CA SER E 52 -1.50 20.43 -46.88
C SER E 52 -2.22 19.18 -46.40
N THR E 53 -2.15 18.82 -45.12
CA THR E 53 -2.64 17.53 -44.66
C THR E 53 -3.99 17.69 -43.96
N ARG E 54 -4.97 16.89 -44.38
CA ARG E 54 -6.26 16.86 -43.71
C ARG E 54 -6.13 16.20 -42.35
N ALA E 55 -7.03 16.61 -41.44
CA ALA E 55 -7.09 15.98 -40.12
C ALA E 55 -7.84 14.66 -40.22
N THR E 56 -8.11 14.05 -39.05
CA THR E 56 -8.70 12.72 -38.99
C THR E 56 -10.10 12.68 -39.58
N GLY E 57 -11.04 13.40 -38.96
CA GLY E 57 -12.43 13.36 -39.40
C GLY E 57 -12.83 14.50 -40.31
N ILE E 58 -12.13 14.66 -41.42
CA ILE E 58 -12.37 15.75 -42.36
C ILE E 58 -12.74 15.16 -43.71
N PRO E 59 -13.86 15.55 -44.31
CA PRO E 59 -14.20 15.05 -45.64
C PRO E 59 -13.23 15.53 -46.70
N ALA E 60 -13.16 14.77 -47.80
CA ALA E 60 -12.19 15.05 -48.85
C ALA E 60 -12.43 16.37 -49.56
N ARG E 61 -13.60 16.99 -49.36
CA ARG E 61 -13.89 18.25 -50.02
C ARG E 61 -13.09 19.41 -49.44
N PHE E 62 -12.43 19.21 -48.31
CA PHE E 62 -11.55 20.21 -47.71
C PHE E 62 -10.12 19.94 -48.20
N SER E 63 -9.45 20.98 -48.67
CA SER E 63 -8.08 20.84 -49.16
C SER E 63 -7.36 22.18 -49.02
N GLY E 64 -6.08 22.12 -48.65
CA GLY E 64 -5.25 23.30 -48.54
C GLY E 64 -3.93 23.10 -49.27
N SER E 65 -3.24 24.21 -49.49
CA SER E 65 -1.96 24.19 -50.19
C SER E 65 -1.19 25.45 -49.84
N GLY E 66 -0.03 25.60 -50.45
CA GLY E 66 0.81 26.76 -50.25
C GLY E 66 1.98 26.46 -49.32
N SER E 67 3.01 27.28 -49.45
CA SER E 67 4.19 27.17 -48.60
C SER E 67 4.87 28.54 -48.56
N GLY E 68 5.64 28.76 -47.50
CA GLY E 68 6.34 30.01 -47.35
C GLY E 68 5.46 31.15 -46.87
N THR E 69 5.08 32.04 -47.79
CA THR E 69 4.30 33.22 -47.45
C THR E 69 2.81 33.09 -47.76
N GLU E 70 2.45 32.51 -48.90
CA GLU E 70 1.06 32.47 -49.36
C GLU E 70 0.49 31.09 -49.13
N PHE E 71 -0.69 31.03 -48.52
CA PHE E 71 -1.40 29.78 -48.25
C PHE E 71 -2.86 29.94 -48.63
N THR E 72 -3.48 28.82 -49.00
CA THR E 72 -4.86 28.83 -49.47
C THR E 72 -5.62 27.64 -48.89
N LEU E 73 -6.93 27.81 -48.75
CA LEU E 73 -7.84 26.75 -48.34
C LEU E 73 -9.01 26.71 -49.33
N THR E 74 -9.15 25.59 -50.04
CA THR E 74 -10.15 25.46 -51.08
C THR E 74 -11.19 24.42 -50.67
N ILE E 75 -12.46 24.79 -50.72
CA ILE E 75 -13.57 23.91 -50.42
C ILE E 75 -14.32 23.64 -51.71
N SER E 76 -14.36 22.39 -52.14
CA SER E 76 -15.00 21.98 -53.38
C SER E 76 -16.37 21.39 -53.07
N SER E 77 -17.37 21.82 -53.85
CA SER E 77 -18.76 21.40 -53.65
C SER E 77 -19.24 21.74 -52.24
N LEU E 78 -19.30 23.05 -51.98
CA LEU E 78 -19.66 23.55 -50.65
C LEU E 78 -21.03 23.02 -50.23
N GLN E 79 -21.10 22.53 -48.99
CA GLN E 79 -22.32 21.95 -48.46
C GLN E 79 -22.91 22.87 -47.37
N SER E 80 -24.11 22.50 -46.91
CA SER E 80 -24.76 23.26 -45.85
C SER E 80 -24.02 23.18 -44.53
N GLU E 81 -23.15 22.17 -44.36
CA GLU E 81 -22.39 21.99 -43.14
C GLU E 81 -21.09 22.80 -43.12
N ASP E 82 -20.73 23.45 -44.22
CA ASP E 82 -19.45 24.14 -44.34
C ASP E 82 -19.57 25.65 -44.19
N PHE E 83 -20.66 26.15 -43.62
CA PHE E 83 -20.86 27.58 -43.43
C PHE E 83 -20.45 27.95 -42.01
N ALA E 84 -19.27 28.54 -41.86
CA ALA E 84 -18.75 28.95 -40.56
C ALA E 84 -17.56 29.87 -40.78
N THR E 85 -16.97 30.31 -39.67
CA THR E 85 -15.76 31.12 -39.70
C THR E 85 -14.55 30.20 -39.81
N TYR E 86 -13.55 30.64 -40.57
CA TYR E 86 -12.34 29.86 -40.80
C TYR E 86 -11.14 30.69 -40.35
N TYR E 87 -10.33 30.11 -39.46
CA TYR E 87 -9.18 30.79 -38.88
C TYR E 87 -7.89 30.20 -39.40
N CYS E 88 -6.89 31.05 -39.60
CA CYS E 88 -5.58 30.64 -40.09
C CYS E 88 -4.54 30.82 -39.00
N GLN E 89 -3.82 29.73 -38.69
CA GLN E 89 -2.82 29.73 -37.64
C GLN E 89 -1.48 29.27 -38.19
N GLN E 90 -0.41 29.92 -37.76
CA GLN E 90 0.95 29.46 -38.00
C GLN E 90 1.55 28.98 -36.69
N TYR E 91 2.47 28.01 -36.78
CA TYR E 91 3.21 27.56 -35.60
C TYR E 91 4.68 27.32 -35.91
N LYS E 92 5.30 28.23 -36.66
CA LYS E 92 6.72 28.15 -36.96
C LYS E 92 7.58 28.83 -35.90
N THR E 93 7.28 30.09 -35.57
CA THR E 93 7.99 30.81 -34.52
C THR E 93 7.16 30.93 -33.25
N TRP E 94 5.89 31.34 -33.40
CA TRP E 94 4.97 31.39 -32.26
C TRP E 94 3.59 30.91 -32.69
N TRP E 95 2.59 31.13 -31.85
CA TRP E 95 1.23 30.64 -32.12
C TRP E 95 0.32 31.85 -32.30
N THR E 96 0.17 32.29 -33.55
CA THR E 96 -0.66 33.44 -33.89
C THR E 96 -1.80 33.00 -34.79
N PHE E 97 -2.91 33.72 -34.70
CA PHE E 97 -4.13 33.39 -35.44
C PHE E 97 -4.50 34.55 -36.36
N GLY E 98 -5.25 34.21 -37.41
CA GLY E 98 -5.81 35.21 -38.29
C GLY E 98 -7.12 35.77 -37.76
N GLN E 99 -7.61 36.80 -38.44
CA GLN E 99 -8.84 37.45 -38.04
C GLN E 99 -10.09 36.66 -38.43
N GLY E 100 -9.95 35.67 -39.30
CA GLY E 100 -11.07 34.81 -39.65
C GLY E 100 -11.70 35.21 -40.96
N THR E 101 -12.20 34.21 -41.69
CA THR E 101 -12.92 34.40 -42.93
C THR E 101 -14.31 33.78 -42.78
N LYS E 102 -15.34 34.56 -43.09
CA LYS E 102 -16.71 34.11 -42.91
C LYS E 102 -17.30 33.70 -44.26
N VAL E 103 -17.81 32.48 -44.33
CA VAL E 103 -18.51 32.00 -45.52
C VAL E 103 -20.00 32.09 -45.25
N GLU E 104 -20.72 32.81 -46.10
CA GLU E 104 -22.13 33.10 -45.90
C GLU E 104 -22.94 32.58 -47.09
N ILE E 105 -24.18 32.19 -46.82
CA ILE E 105 -25.05 31.65 -47.85
C ILE E 105 -25.40 32.75 -48.84
N LYS E 106 -25.24 32.46 -50.13
CA LYS E 106 -25.55 33.43 -51.17
C LYS E 106 -27.02 33.35 -51.58
N GLN F 1 14.69 -17.43 -12.77
CA GLN F 1 13.39 -17.53 -12.12
C GLN F 1 12.48 -16.36 -12.50
N VAL F 2 12.90 -15.59 -13.50
CA VAL F 2 12.07 -14.51 -14.04
C VAL F 2 11.03 -15.14 -14.98
N GLN F 3 9.76 -14.84 -14.73
CA GLN F 3 8.67 -15.49 -15.45
C GLN F 3 7.63 -14.45 -15.86
N LEU F 4 7.06 -14.66 -17.05
CA LEU F 4 5.88 -13.94 -17.51
C LEU F 4 4.87 -14.97 -18.00
N VAL F 5 3.64 -14.87 -17.53
CA VAL F 5 2.59 -15.84 -17.87
C VAL F 5 1.38 -15.06 -18.35
N GLU F 6 0.99 -15.29 -19.60
CA GLU F 6 -0.20 -14.65 -20.15
C GLU F 6 -1.43 -15.51 -19.90
N SER F 7 -2.59 -14.86 -19.86
CA SER F 7 -3.86 -15.54 -19.65
C SER F 7 -4.98 -14.69 -20.23
N GLY F 8 -6.15 -15.30 -20.37
CA GLY F 8 -7.30 -14.59 -20.89
C GLY F 8 -7.51 -14.72 -22.39
N GLY F 9 -6.82 -15.63 -23.05
CA GLY F 9 -7.04 -15.88 -24.45
C GLY F 9 -8.25 -16.78 -24.68
N GLY F 10 -8.53 -17.02 -25.96
CA GLY F 10 -9.63 -17.88 -26.33
C GLY F 10 -10.28 -17.41 -27.61
N VAL F 11 -11.56 -17.74 -27.76
CA VAL F 11 -12.33 -17.45 -28.96
C VAL F 11 -13.33 -16.35 -28.64
N VAL F 12 -13.36 -15.32 -29.48
CA VAL F 12 -14.30 -14.21 -29.35
C VAL F 12 -14.69 -13.76 -30.76
N GLN F 13 -15.97 -13.42 -30.94
CA GLN F 13 -16.45 -13.02 -32.24
C GLN F 13 -16.08 -11.58 -32.53
N PRO F 14 -16.00 -11.19 -33.80
CA PRO F 14 -15.58 -9.83 -34.14
C PRO F 14 -16.54 -8.78 -33.59
N GLY F 15 -15.97 -7.62 -33.23
CA GLY F 15 -16.73 -6.50 -32.72
C GLY F 15 -16.89 -6.48 -31.21
N ARG F 16 -16.39 -7.48 -30.50
CA ARG F 16 -16.53 -7.55 -29.06
C ARG F 16 -15.25 -7.17 -28.35
N SER F 17 -15.28 -7.22 -27.02
CA SER F 17 -14.16 -6.86 -26.17
C SER F 17 -13.64 -8.08 -25.42
N LEU F 18 -12.33 -8.07 -25.14
CA LEU F 18 -11.70 -9.14 -24.38
C LEU F 18 -10.44 -8.59 -23.73
N ARG F 19 -10.11 -9.14 -22.56
CA ARG F 19 -9.03 -8.62 -21.71
C ARG F 19 -7.94 -9.66 -21.58
N LEU F 20 -6.69 -9.24 -21.76
CA LEU F 20 -5.52 -10.09 -21.55
C LEU F 20 -4.80 -9.71 -20.27
N SER F 21 -4.17 -10.72 -19.66
CA SER F 21 -3.46 -10.53 -18.41
C SER F 21 -2.04 -11.09 -18.55
N CYS F 22 -1.13 -10.55 -17.76
CA CYS F 22 0.26 -10.98 -17.75
C CYS F 22 0.79 -10.88 -16.32
N ALA F 23 1.01 -12.03 -15.67
CA ALA F 23 1.52 -12.07 -14.32
C ALA F 23 3.04 -12.24 -14.33
N ALA F 24 3.72 -11.40 -13.57
CA ALA F 24 5.18 -11.38 -13.52
C ALA F 24 5.67 -11.92 -12.18
N SER F 25 6.87 -12.52 -12.21
CA SER F 25 7.50 -13.01 -11.01
C SER F 25 9.01 -13.15 -11.26
N GLY F 26 9.77 -13.15 -10.17
CA GLY F 26 11.21 -13.29 -10.26
C GLY F 26 11.99 -12.01 -10.47
N PHE F 27 11.32 -10.86 -10.48
CA PHE F 27 12.00 -9.58 -10.63
C PHE F 27 11.08 -8.50 -10.07
N SER F 28 11.65 -7.31 -9.90
CA SER F 28 10.88 -6.17 -9.38
C SER F 28 10.05 -5.58 -10.50
N PHE F 29 8.76 -5.95 -10.54
CA PHE F 29 7.89 -5.58 -11.64
C PHE F 29 7.70 -4.07 -11.74
N SER F 30 7.55 -3.38 -10.61
CA SER F 30 7.23 -1.95 -10.61
C SER F 30 8.35 -1.07 -11.13
N THR F 31 9.56 -1.60 -11.30
CA THR F 31 10.68 -0.82 -11.79
C THR F 31 10.87 -0.92 -13.30
N TYR F 32 10.05 -1.69 -14.00
CA TYR F 32 10.23 -1.95 -15.41
C TYR F 32 9.01 -1.51 -16.22
N GLY F 33 9.29 -1.04 -17.43
CA GLY F 33 8.23 -0.86 -18.41
C GLY F 33 7.97 -2.13 -19.18
N MET F 34 6.70 -2.37 -19.50
CA MET F 34 6.27 -3.63 -20.09
C MET F 34 5.67 -3.41 -21.45
N HIS F 35 5.82 -4.40 -22.32
CA HIS F 35 5.35 -4.34 -23.70
C HIS F 35 4.36 -5.46 -23.97
N TRP F 36 3.58 -5.29 -25.03
CA TRP F 36 2.81 -6.37 -25.64
C TRP F 36 3.29 -6.56 -27.06
N VAL F 37 3.50 -7.81 -27.45
CA VAL F 37 4.00 -8.15 -28.77
C VAL F 37 3.03 -9.14 -29.40
N ARG F 38 2.79 -8.99 -30.70
CA ARG F 38 1.78 -9.75 -31.42
C ARG F 38 2.43 -10.51 -32.57
N GLN F 39 2.02 -11.75 -32.77
CA GLN F 39 2.50 -12.59 -33.88
C GLN F 39 1.31 -13.29 -34.51
N ALA F 40 0.90 -12.83 -35.69
CA ALA F 40 -0.21 -13.45 -36.39
C ALA F 40 0.20 -14.82 -36.93
N PRO F 41 -0.74 -15.76 -37.04
CA PRO F 41 -0.40 -17.09 -37.54
C PRO F 41 0.15 -17.01 -38.96
N GLY F 42 1.37 -17.51 -39.14
CA GLY F 42 2.05 -17.47 -40.42
C GLY F 42 2.74 -16.16 -40.75
N LYS F 43 2.72 -15.19 -39.85
CA LYS F 43 3.33 -13.89 -40.07
C LYS F 43 4.46 -13.66 -39.07
N GLY F 44 5.03 -12.46 -39.12
CA GLY F 44 6.09 -12.08 -38.23
C GLY F 44 5.57 -11.48 -36.93
N LEU F 45 6.50 -10.91 -36.17
CA LEU F 45 6.19 -10.28 -34.90
C LEU F 45 5.80 -8.83 -35.08
N GLU F 46 4.82 -8.38 -34.28
CA GLU F 46 4.34 -7.01 -34.34
C GLU F 46 4.21 -6.47 -32.92
N TRP F 47 4.71 -5.25 -32.71
CA TRP F 47 4.60 -4.60 -31.41
C TRP F 47 3.24 -3.94 -31.27
N VAL F 48 2.66 -4.06 -30.08
CA VAL F 48 1.29 -3.59 -29.81
C VAL F 48 1.29 -2.33 -28.96
N ALA F 49 1.81 -2.41 -27.73
CA ALA F 49 1.70 -1.30 -26.81
C ALA F 49 2.86 -1.30 -25.84
N LEU F 50 3.09 -0.13 -25.23
CA LEU F 50 4.08 0.07 -24.20
C LEU F 50 3.48 0.88 -23.05
N ILE F 51 3.89 0.54 -21.82
CA ILE F 51 3.48 1.28 -20.64
C ILE F 51 4.71 1.51 -19.77
N TRP F 52 4.76 2.68 -19.13
CA TRP F 52 5.85 3.04 -18.23
C TRP F 52 5.82 2.16 -16.98
N HIS F 53 6.88 2.28 -16.17
CA HIS F 53 6.96 1.52 -14.94
C HIS F 53 5.89 1.92 -13.94
N ASP F 54 5.49 3.19 -13.91
CA ASP F 54 4.46 3.68 -13.01
C ASP F 54 3.08 3.75 -13.64
N GLY F 55 2.94 3.37 -14.90
CA GLY F 55 1.67 3.47 -15.60
C GLY F 55 1.37 4.85 -16.16
N SER F 56 2.30 5.79 -16.10
CA SER F 56 2.00 7.16 -16.50
C SER F 56 1.82 7.28 -18.00
N LYS F 57 2.82 6.85 -18.77
CA LYS F 57 2.83 7.02 -20.22
C LYS F 57 2.48 5.70 -20.89
N LYS F 58 1.54 5.75 -21.85
CA LYS F 58 1.16 4.60 -22.64
C LYS F 58 1.29 4.93 -24.11
N PHE F 59 1.95 4.03 -24.85
CA PHE F 59 2.16 4.19 -26.28
C PHE F 59 1.58 2.99 -27.01
N TYR F 60 0.93 3.23 -28.14
CA TYR F 60 0.21 2.19 -28.84
C TYR F 60 0.62 2.15 -30.30
N SER F 61 0.40 1.00 -30.92
CA SER F 61 0.64 0.83 -32.35
C SER F 61 -0.44 1.53 -33.16
N GLU F 62 -0.09 1.90 -34.39
CA GLU F 62 -1.05 2.53 -35.29
C GLU F 62 -2.19 1.58 -35.62
N SER F 63 -1.92 0.27 -35.59
CA SER F 63 -2.95 -0.71 -35.92
C SER F 63 -3.97 -0.87 -34.80
N VAL F 64 -3.62 -0.49 -33.57
CA VAL F 64 -4.48 -0.70 -32.42
C VAL F 64 -4.77 0.58 -31.65
N ARG F 65 -4.22 1.71 -32.07
CA ARG F 65 -4.47 2.96 -31.35
C ARG F 65 -5.95 3.31 -31.41
N GLY F 66 -6.51 3.62 -30.26
CA GLY F 66 -7.94 3.89 -30.13
C GLY F 66 -8.77 2.70 -29.70
N ARG F 67 -8.39 1.50 -30.15
CA ARG F 67 -9.16 0.31 -29.81
C ARG F 67 -8.60 -0.39 -28.58
N PHE F 68 -7.28 -0.46 -28.47
CA PHE F 68 -6.62 -1.19 -27.40
C PHE F 68 -6.20 -0.24 -26.29
N THR F 69 -6.24 -0.72 -25.05
CA THR F 69 -5.82 0.04 -23.88
C THR F 69 -4.90 -0.82 -23.03
N ILE F 70 -3.72 -0.29 -22.70
CA ILE F 70 -2.74 -0.99 -21.89
C ILE F 70 -2.75 -0.41 -20.48
N SER F 71 -2.72 -1.29 -19.48
CA SER F 71 -2.75 -0.89 -18.09
C SER F 71 -1.99 -1.92 -17.27
N ARG F 72 -1.65 -1.52 -16.03
CA ARG F 72 -0.89 -2.38 -15.14
C ARG F 72 -1.37 -2.18 -13.71
N ASP F 73 -1.06 -3.17 -12.87
CA ASP F 73 -1.34 -3.13 -11.43
C ASP F 73 -0.07 -3.57 -10.72
N ASN F 74 0.78 -2.60 -10.37
CA ASN F 74 2.10 -2.92 -9.81
C ASN F 74 1.98 -3.65 -8.48
N SER F 75 0.88 -3.47 -7.75
CA SER F 75 0.72 -4.15 -6.48
C SER F 75 0.62 -5.66 -6.66
N MET F 76 -0.09 -6.11 -7.69
CA MET F 76 -0.25 -7.52 -7.97
C MET F 76 0.78 -8.04 -8.98
N ASP F 77 1.68 -7.18 -9.46
CA ASP F 77 2.68 -7.55 -10.47
C ASP F 77 2.02 -8.12 -11.72
N THR F 78 0.99 -7.44 -12.21
CA THR F 78 0.20 -7.93 -13.33
C THR F 78 0.02 -6.83 -14.38
N LEU F 79 0.17 -7.21 -15.65
CA LEU F 79 -0.01 -6.32 -16.78
C LEU F 79 -1.32 -6.67 -17.49
N TYR F 80 -1.99 -5.66 -18.04
CA TYR F 80 -3.28 -5.83 -18.68
C TYR F 80 -3.29 -5.26 -20.08
N LEU F 81 -4.17 -5.78 -20.92
CA LEU F 81 -4.44 -5.25 -22.25
C LEU F 81 -5.92 -5.45 -22.56
N GLN F 82 -6.65 -4.34 -22.72
CA GLN F 82 -8.04 -4.38 -23.14
C GLN F 82 -8.10 -4.18 -24.65
N MET F 83 -8.70 -5.15 -25.34
CA MET F 83 -8.88 -5.08 -26.79
C MET F 83 -10.37 -5.03 -27.08
N SER F 84 -10.83 -3.88 -27.58
CA SER F 84 -12.24 -3.67 -27.91
C SER F 84 -12.40 -3.50 -29.41
N SER F 85 -13.62 -3.78 -29.89
CA SER F 85 -13.95 -3.74 -31.32
C SER F 85 -12.98 -4.63 -32.11
N LEU F 86 -12.88 -5.88 -31.68
CA LEU F 86 -11.90 -6.80 -32.26
C LEU F 86 -12.25 -7.12 -33.71
N ARG F 87 -11.20 -7.28 -34.52
CA ARG F 87 -11.34 -7.58 -35.93
C ARG F 87 -10.66 -8.92 -36.23
N ALA F 88 -10.99 -9.48 -37.40
CA ALA F 88 -10.40 -10.75 -37.80
C ALA F 88 -8.89 -10.64 -37.95
N GLU F 89 -8.38 -9.44 -38.23
CA GLU F 89 -6.94 -9.21 -38.34
C GLU F 89 -6.24 -9.24 -36.98
N ASP F 90 -6.99 -9.29 -35.87
CA ASP F 90 -6.40 -9.33 -34.55
C ASP F 90 -6.17 -10.75 -34.04
N THR F 91 -6.42 -11.76 -34.86
CA THR F 91 -6.13 -13.13 -34.47
C THR F 91 -4.63 -13.36 -34.50
N ALA F 92 -4.06 -13.72 -33.34
CA ALA F 92 -2.62 -13.84 -33.21
C ALA F 92 -2.30 -14.39 -31.83
N VAL F 93 -1.03 -14.71 -31.61
CA VAL F 93 -0.50 -15.02 -30.29
C VAL F 93 0.03 -13.74 -29.68
N TYR F 94 -0.43 -13.41 -28.48
CA TYR F 94 -0.03 -12.19 -27.78
C TYR F 94 1.02 -12.54 -26.73
N TYR F 95 2.19 -11.92 -26.85
CA TYR F 95 3.29 -12.12 -25.94
C TYR F 95 3.41 -10.94 -24.99
N CYS F 96 3.80 -11.23 -23.76
CA CYS F 96 4.10 -10.22 -22.76
C CYS F 96 5.61 -10.08 -22.67
N ALA F 97 6.12 -8.86 -22.86
CA ALA F 97 7.55 -8.64 -22.95
C ALA F 97 7.99 -7.55 -21.98
N ARG F 98 9.21 -7.69 -21.48
CA ARG F 98 9.80 -6.71 -20.57
C ARG F 98 10.82 -5.86 -21.31
N ASP F 99 10.84 -4.56 -20.98
CA ASP F 99 11.82 -3.66 -21.58
C ASP F 99 13.17 -3.85 -20.89
N GLY F 100 14.14 -4.40 -21.62
CA GLY F 100 15.42 -4.71 -21.04
C GLY F 100 16.46 -3.63 -21.20
N ALA F 101 16.14 -2.43 -20.75
CA ALA F 101 17.07 -1.31 -20.79
C ALA F 101 17.74 -1.16 -19.43
N ASP F 102 19.01 -0.77 -19.46
CA ASP F 102 19.68 -0.39 -18.23
C ASP F 102 18.97 0.83 -17.63
N TYR F 103 19.00 0.90 -16.31
CA TYR F 103 18.24 1.94 -15.62
C TYR F 103 18.76 3.33 -15.95
N PHE F 104 19.94 3.43 -16.54
CA PHE F 104 20.52 4.70 -16.96
C PHE F 104 20.88 4.68 -18.45
N ASP F 105 20.07 4.01 -19.26
CA ASP F 105 20.32 3.88 -20.69
C ASP F 105 19.83 5.07 -21.51
N SER F 106 18.76 5.73 -21.06
CA SER F 106 18.25 6.96 -21.67
C SER F 106 17.58 6.75 -23.02
N THR F 107 17.57 5.51 -23.53
CA THR F 107 17.02 5.24 -24.85
C THR F 107 16.12 4.02 -24.93
N GLY F 108 15.86 3.33 -23.84
CA GLY F 108 15.03 2.12 -23.96
C GLY F 108 15.81 0.96 -24.56
N GLY F 109 15.35 -0.25 -24.25
CA GLY F 109 16.08 -1.43 -24.66
C GLY F 109 15.27 -2.45 -25.42
N ALA F 110 15.82 -3.65 -25.58
CA ALA F 110 15.14 -4.73 -26.30
C ALA F 110 14.18 -5.44 -25.37
N PHE F 111 13.54 -6.50 -25.88
CA PHE F 111 12.64 -7.32 -25.09
C PHE F 111 13.43 -8.48 -24.52
N ASP F 112 13.87 -8.34 -23.27
CA ASP F 112 14.74 -9.32 -22.65
C ASP F 112 13.98 -10.57 -22.20
N ILE F 113 12.78 -10.40 -21.68
CA ILE F 113 11.99 -11.50 -21.14
C ILE F 113 10.65 -11.54 -21.87
N TRP F 114 10.29 -12.71 -22.36
CA TRP F 114 9.03 -12.94 -23.02
C TRP F 114 8.20 -13.95 -22.24
N GLY F 115 6.87 -13.81 -22.32
CA GLY F 115 5.96 -14.79 -21.78
C GLY F 115 5.77 -15.96 -22.72
N GLN F 116 4.93 -16.91 -22.28
CA GLN F 116 4.65 -18.06 -23.12
C GLN F 116 3.74 -17.71 -24.29
N GLY F 117 2.97 -16.65 -24.16
CA GLY F 117 2.07 -16.26 -25.25
C GLY F 117 0.69 -16.86 -25.08
N THR F 118 -0.31 -16.13 -25.55
CA THR F 118 -1.69 -16.58 -25.51
C THR F 118 -2.35 -16.34 -26.87
N MET F 119 -3.20 -17.29 -27.26
CA MET F 119 -3.91 -17.21 -28.54
C MET F 119 -5.27 -16.57 -28.35
N VAL F 120 -5.58 -15.59 -29.19
CA VAL F 120 -6.92 -15.03 -29.31
C VAL F 120 -7.40 -15.31 -30.74
N ILE F 121 -8.58 -15.90 -30.85
CA ILE F 121 -9.18 -16.24 -32.13
C ILE F 121 -10.41 -15.38 -32.34
N VAL F 122 -10.40 -14.57 -33.38
CA VAL F 122 -11.50 -13.67 -33.71
C VAL F 122 -12.21 -14.25 -34.92
N SER F 123 -13.28 -15.01 -34.67
CA SER F 123 -14.02 -15.66 -35.74
C SER F 123 -15.43 -15.96 -35.26
N SER F 124 -16.31 -16.23 -36.21
CA SER F 124 -17.70 -16.57 -35.91
C SER F 124 -17.96 -18.06 -36.16
N ILE G 2 8.07 5.15 -40.20
CA ILE G 2 8.23 3.70 -40.16
C ILE G 2 9.64 3.32 -40.62
N VAL G 3 10.33 2.56 -39.77
CA VAL G 3 11.68 2.09 -40.09
C VAL G 3 11.53 0.62 -40.51
N MET G 4 11.67 0.37 -41.81
CA MET G 4 11.54 -0.98 -42.33
C MET G 4 12.85 -1.75 -42.17
N THR G 5 12.76 -2.96 -41.66
CA THR G 5 13.92 -3.83 -41.47
C THR G 5 13.74 -5.08 -42.31
N GLN G 6 14.75 -5.41 -43.12
CA GLN G 6 14.69 -6.50 -44.07
C GLN G 6 15.81 -7.50 -43.80
N SER G 7 15.50 -8.78 -43.93
CA SER G 7 16.42 -9.87 -43.72
C SER G 7 16.31 -10.86 -44.88
N PRO G 8 17.38 -11.64 -45.14
CA PRO G 8 17.29 -12.66 -46.21
C PRO G 8 16.23 -13.72 -45.92
N ALA G 9 15.67 -14.31 -46.97
CA ALA G 9 14.52 -15.20 -46.79
C ALA G 9 14.92 -16.48 -46.04
N THR G 10 15.95 -17.16 -46.51
CA THR G 10 16.35 -18.42 -45.88
C THR G 10 17.82 -18.71 -46.19
N LEU G 11 18.43 -19.48 -45.30
CA LEU G 11 19.81 -19.96 -45.47
C LEU G 11 19.84 -21.45 -45.14
N SER G 12 20.54 -22.22 -45.96
CA SER G 12 20.74 -23.64 -45.70
C SER G 12 22.20 -23.85 -45.28
N VAL G 13 22.40 -24.27 -44.03
CA VAL G 13 23.73 -24.44 -43.46
C VAL G 13 23.83 -25.82 -42.85
N SER G 14 24.88 -26.56 -43.22
CA SER G 14 25.16 -27.84 -42.60
C SER G 14 25.67 -27.64 -41.18
N PRO G 15 25.40 -28.59 -40.29
CA PRO G 15 25.89 -28.46 -38.91
C PRO G 15 27.41 -28.35 -38.86
N GLY G 16 27.90 -27.48 -37.98
CA GLY G 16 29.32 -27.24 -37.83
C GLY G 16 29.87 -26.11 -38.69
N GLU G 17 29.09 -25.62 -39.65
CA GLU G 17 29.54 -24.54 -40.51
C GLU G 17 29.26 -23.18 -39.86
N ARG G 18 29.48 -22.12 -40.65
CA ARG G 18 29.25 -20.76 -40.21
C ARG G 18 28.09 -20.15 -40.97
N ALA G 19 27.17 -19.52 -40.24
CA ALA G 19 26.01 -18.85 -40.81
C ALA G 19 26.17 -17.36 -40.61
N THR G 20 25.85 -16.58 -41.65
CA THR G 20 25.96 -15.13 -41.61
C THR G 20 24.63 -14.52 -42.05
N LEU G 21 23.78 -14.20 -41.08
CA LEU G 21 22.54 -13.52 -41.37
C LEU G 21 22.78 -12.02 -41.57
N SER G 22 21.78 -11.34 -42.11
CA SER G 22 21.91 -9.93 -42.41
C SER G 22 20.61 -9.21 -42.07
N CYS G 23 20.72 -7.90 -41.84
CA CYS G 23 19.58 -7.06 -41.52
C CYS G 23 19.91 -5.63 -41.94
N ARG G 24 19.06 -5.04 -42.78
CA ARG G 24 19.24 -3.68 -43.25
C ARG G 24 18.01 -2.86 -42.86
N ALA G 25 18.25 -1.68 -42.30
CA ALA G 25 17.17 -0.80 -41.86
C ALA G 25 16.99 0.33 -42.86
N SER G 26 15.74 0.78 -43.02
CA SER G 26 15.47 1.87 -43.95
C SER G 26 16.12 3.16 -43.49
N GLN G 27 16.18 3.39 -42.17
CA GLN G 27 16.86 4.55 -41.63
C GLN G 27 17.98 4.11 -40.69
N SER G 28 18.62 5.07 -40.02
CA SER G 28 19.75 4.80 -39.15
C SER G 28 19.24 4.43 -37.76
N VAL G 29 19.74 3.32 -37.23
CA VAL G 29 19.45 2.91 -35.86
C VAL G 29 20.77 2.78 -35.11
N SER G 30 21.09 3.75 -34.27
CA SER G 30 22.42 3.83 -33.68
C SER G 30 22.61 2.78 -32.59
N SER G 31 23.01 1.58 -32.99
CA SER G 31 23.25 0.47 -32.06
C SER G 31 22.02 0.20 -31.20
N ASN G 32 20.85 0.29 -31.83
CA ASN G 32 19.59 0.02 -31.15
C ASN G 32 18.90 -1.16 -31.82
N LEU G 33 19.66 -2.22 -32.09
CA LEU G 33 19.17 -3.39 -32.81
C LEU G 33 19.24 -4.61 -31.90
N ALA G 34 18.25 -5.50 -32.05
CA ALA G 34 18.18 -6.72 -31.29
C ALA G 34 18.00 -7.91 -32.23
N TRP G 35 18.40 -9.09 -31.75
CA TRP G 35 18.25 -10.34 -32.48
C TRP G 35 17.55 -11.36 -31.61
N TYR G 36 16.62 -12.11 -32.21
CA TYR G 36 15.82 -13.08 -31.49
C TYR G 36 15.84 -14.42 -32.22
N GLN G 37 15.69 -15.50 -31.46
CA GLN G 37 15.62 -16.84 -31.99
C GLN G 37 14.30 -17.46 -31.58
N GLN G 38 13.50 -17.88 -32.55
CA GLN G 38 12.19 -18.47 -32.29
C GLN G 38 12.12 -19.84 -32.93
N LYS G 39 11.78 -20.84 -32.14
CA LYS G 39 11.48 -22.19 -32.56
C LYS G 39 9.97 -22.36 -32.70
N PRO G 40 9.52 -23.24 -33.59
CA PRO G 40 8.07 -23.36 -33.84
C PRO G 40 7.32 -23.70 -32.56
N GLY G 41 6.23 -22.97 -32.32
CA GLY G 41 5.42 -23.15 -31.15
C GLY G 41 5.96 -22.54 -29.88
N GLN G 42 7.04 -21.75 -29.96
CA GLN G 42 7.67 -21.17 -28.79
C GLN G 42 7.84 -19.66 -28.95
N ALA G 43 7.93 -18.97 -27.82
CA ALA G 43 8.11 -17.53 -27.81
C ALA G 43 9.53 -17.17 -28.27
N PRO G 44 9.71 -15.97 -28.81
CA PRO G 44 11.06 -15.55 -29.20
C PRO G 44 11.98 -15.43 -27.99
N ARG G 45 13.28 -15.51 -28.24
CA ARG G 45 14.28 -15.49 -27.18
C ARG G 45 15.44 -14.59 -27.61
N LEU G 46 15.74 -13.60 -26.79
CA LEU G 46 16.70 -12.56 -27.15
C LEU G 46 18.11 -13.14 -27.26
N LEU G 47 18.85 -12.70 -28.28
CA LEU G 47 20.25 -13.07 -28.47
C LEU G 47 21.19 -11.90 -28.27
N ILE G 48 20.98 -10.82 -29.01
CA ILE G 48 21.88 -9.68 -29.04
C ILE G 48 21.06 -8.43 -28.78
N TYR G 49 21.61 -7.52 -27.99
CA TYR G 49 21.02 -6.19 -27.84
C TYR G 49 22.15 -5.17 -27.98
N GLY G 50 21.78 -3.96 -28.40
CA GLY G 50 22.78 -2.98 -28.74
C GLY G 50 23.59 -3.31 -29.97
N ALA G 51 23.16 -4.30 -30.76
CA ALA G 51 23.74 -4.70 -32.04
C ALA G 51 25.05 -5.45 -31.87
N SER G 52 25.59 -5.52 -30.65
CA SER G 52 26.81 -6.28 -30.42
C SER G 52 26.84 -7.06 -29.11
N THR G 53 25.97 -6.79 -28.15
CA THR G 53 26.09 -7.35 -26.82
C THR G 53 25.20 -8.59 -26.69
N ARG G 54 25.82 -9.73 -26.36
CA ARG G 54 25.08 -10.95 -26.14
C ARG G 54 24.23 -10.84 -24.88
N ALA G 55 23.13 -11.58 -24.84
CA ALA G 55 22.29 -11.64 -23.66
C ALA G 55 22.94 -12.54 -22.61
N THR G 56 22.21 -12.80 -21.53
CA THR G 56 22.76 -13.50 -20.37
C THR G 56 23.23 -14.92 -20.70
N GLY G 57 22.30 -15.79 -21.10
CA GLY G 57 22.64 -17.19 -21.28
C GLY G 57 22.84 -17.61 -22.72
N ILE G 58 23.47 -16.75 -23.52
CA ILE G 58 23.70 -16.99 -24.94
C ILE G 58 25.11 -17.52 -25.12
N PRO G 59 25.30 -18.67 -25.76
CA PRO G 59 26.65 -19.18 -25.99
C PRO G 59 27.47 -18.24 -26.87
N ALA G 60 28.79 -18.33 -26.71
CA ALA G 60 29.70 -17.40 -27.39
C ALA G 60 29.67 -17.57 -28.90
N ARG G 61 29.07 -18.65 -29.41
CA ARG G 61 29.03 -18.88 -30.85
C ARG G 61 28.12 -17.89 -31.57
N PHE G 62 27.25 -17.19 -30.85
CA PHE G 62 26.39 -16.18 -31.44
C PHE G 62 27.08 -14.82 -31.33
N SER G 63 27.20 -14.13 -32.46
CA SER G 63 27.92 -12.86 -32.51
C SER G 63 27.18 -11.89 -33.41
N GLY G 64 27.15 -10.62 -33.02
CA GLY G 64 26.54 -9.57 -33.81
C GLY G 64 27.50 -8.42 -34.03
N SER G 65 27.18 -7.60 -35.03
CA SER G 65 28.02 -6.46 -35.38
C SER G 65 27.21 -5.53 -36.26
N GLY G 66 27.82 -4.39 -36.58
CA GLY G 66 27.22 -3.41 -37.45
C GLY G 66 26.61 -2.26 -36.66
N SER G 67 26.52 -1.11 -37.34
CA SER G 67 25.93 0.08 -36.75
C SER G 67 25.33 0.91 -37.88
N GLY G 68 24.38 1.78 -37.51
CA GLY G 68 23.73 2.61 -38.49
C GLY G 68 22.60 1.90 -39.20
N THR G 69 22.84 1.49 -40.45
CA THR G 69 21.81 0.85 -41.27
C THR G 69 22.06 -0.61 -41.56
N GLU G 70 23.32 -1.05 -41.61
CA GLU G 70 23.68 -2.41 -41.98
C GLU G 70 24.11 -3.17 -40.73
N PHE G 71 23.56 -4.37 -40.55
CA PHE G 71 23.85 -5.22 -39.41
C PHE G 71 23.96 -6.67 -39.85
N THR G 72 24.62 -7.49 -39.03
CA THR G 72 24.87 -8.88 -39.37
C THR G 72 24.96 -9.71 -38.11
N LEU G 73 24.24 -10.83 -38.10
CA LEU G 73 24.33 -11.82 -37.03
C LEU G 73 25.07 -13.04 -37.57
N THR G 74 26.08 -13.49 -36.84
CA THR G 74 26.93 -14.60 -37.26
C THR G 74 26.83 -15.72 -36.23
N ILE G 75 26.65 -16.94 -36.71
CA ILE G 75 26.66 -18.14 -35.87
C ILE G 75 27.85 -18.99 -36.31
N SER G 76 28.76 -19.26 -35.38
CA SER G 76 29.93 -20.08 -35.64
C SER G 76 29.72 -21.47 -35.06
N SER G 77 30.10 -22.49 -35.82
CA SER G 77 29.93 -23.89 -35.42
C SER G 77 28.46 -24.18 -35.11
N LEU G 78 27.64 -24.09 -36.16
CA LEU G 78 26.20 -24.28 -36.03
C LEU G 78 25.90 -25.64 -35.41
N GLN G 79 25.07 -25.64 -34.38
CA GLN G 79 24.72 -26.82 -33.63
C GLN G 79 23.36 -27.36 -34.09
N SER G 80 22.93 -28.44 -33.44
CA SER G 80 21.61 -28.99 -33.73
C SER G 80 20.49 -28.15 -33.12
N GLU G 81 20.75 -27.51 -31.98
CA GLU G 81 19.75 -26.68 -31.31
C GLU G 81 19.59 -25.30 -31.94
N ASP G 82 20.44 -24.95 -32.91
CA ASP G 82 20.45 -23.62 -33.50
C ASP G 82 19.70 -23.55 -34.82
N PHE G 83 18.79 -24.49 -35.09
CA PHE G 83 17.98 -24.45 -36.30
C PHE G 83 16.61 -23.87 -35.95
N ALA G 84 16.39 -22.61 -36.32
CA ALA G 84 15.15 -21.93 -35.99
C ALA G 84 15.06 -20.66 -36.83
N THR G 85 13.94 -19.94 -36.65
CA THR G 85 13.74 -18.66 -37.30
C THR G 85 14.41 -17.57 -36.49
N TYR G 86 15.06 -16.63 -37.17
CA TYR G 86 15.84 -15.59 -36.52
C TYR G 86 15.30 -14.23 -36.96
N TYR G 87 14.92 -13.40 -35.99
CA TYR G 87 14.27 -12.12 -36.26
C TYR G 87 15.20 -10.96 -35.93
N CYS G 88 15.05 -9.87 -36.68
CA CYS G 88 15.78 -8.63 -36.46
C CYS G 88 14.81 -7.55 -36.03
N GLN G 89 15.13 -6.87 -34.93
CA GLN G 89 14.28 -5.81 -34.41
C GLN G 89 15.10 -4.55 -34.18
N GLN G 90 14.49 -3.39 -34.44
CA GLN G 90 15.04 -2.11 -34.05
C GLN G 90 14.15 -1.47 -32.99
N TYR G 91 14.76 -0.71 -32.07
CA TYR G 91 14.00 -0.01 -31.05
C TYR G 91 14.48 1.42 -30.88
N LYS G 92 14.85 2.08 -31.99
CA LYS G 92 15.33 3.45 -31.96
C LYS G 92 14.22 4.47 -32.19
N THR G 93 13.42 4.30 -33.23
CA THR G 93 12.29 5.18 -33.50
C THR G 93 10.98 4.58 -33.01
N TRP G 94 10.63 3.39 -33.48
CA TRP G 94 9.54 2.62 -32.90
C TRP G 94 10.01 1.17 -32.79
N TRP G 95 9.11 0.24 -32.49
CA TRP G 95 9.49 -1.15 -32.31
C TRP G 95 9.01 -1.93 -33.53
N THR G 96 9.87 -2.05 -34.53
CA THR G 96 9.56 -2.77 -35.76
C THR G 96 10.49 -3.97 -35.92
N PHE G 97 9.90 -5.12 -36.21
CA PHE G 97 10.64 -6.35 -36.39
C PHE G 97 10.93 -6.58 -37.87
N GLY G 98 11.83 -7.51 -38.13
CA GLY G 98 12.06 -7.98 -39.48
C GLY G 98 11.16 -9.17 -39.82
N GLN G 99 11.18 -9.54 -41.10
CA GLN G 99 10.36 -10.66 -41.55
C GLN G 99 10.94 -12.02 -41.18
N GLY G 100 12.18 -12.06 -40.76
CA GLY G 100 12.77 -13.30 -40.28
C GLY G 100 13.60 -14.01 -41.33
N THR G 101 14.53 -14.82 -40.87
CA THR G 101 15.35 -15.68 -41.72
C THR G 101 15.38 -17.07 -41.12
N LYS G 102 14.98 -18.07 -41.90
CA LYS G 102 14.94 -19.44 -41.41
C LYS G 102 16.22 -20.16 -41.82
N VAL G 103 16.87 -20.79 -40.86
CA VAL G 103 18.05 -21.62 -41.13
C VAL G 103 17.61 -23.07 -41.10
N GLU G 104 18.08 -23.85 -42.07
CA GLU G 104 17.62 -25.21 -42.28
C GLU G 104 18.80 -26.15 -42.44
N ILE G 105 18.61 -27.40 -42.02
CA ILE G 105 19.63 -28.43 -42.18
C ILE G 105 19.89 -28.66 -43.66
N LYS G 106 21.15 -28.72 -44.04
CA LYS G 106 21.53 -28.90 -45.43
C LYS G 106 21.83 -30.35 -45.74
N GLN H 1 17.87 7.08 20.19
CA GLN H 1 17.41 5.70 20.31
C GLN H 1 17.10 5.08 18.96
N VAL H 2 17.59 5.72 17.90
CA VAL H 2 17.43 5.20 16.54
C VAL H 2 18.44 4.08 16.38
N GLN H 3 17.94 2.84 16.21
CA GLN H 3 18.77 1.66 16.24
C GLN H 3 18.37 0.70 15.13
N LEU H 4 19.35 -0.09 14.70
CA LEU H 4 19.14 -1.20 13.78
C LEU H 4 19.91 -2.39 14.31
N VAL H 5 19.23 -3.54 14.43
CA VAL H 5 19.81 -4.74 15.04
C VAL H 5 19.70 -5.88 14.04
N GLU H 6 20.84 -6.37 13.58
CA GLU H 6 20.87 -7.48 12.64
C GLU H 6 20.94 -8.81 13.38
N SER H 7 20.42 -9.85 12.74
CA SER H 7 20.43 -11.19 13.30
C SER H 7 20.29 -12.20 12.16
N GLY H 8 20.62 -13.45 12.45
CA GLY H 8 20.48 -14.50 11.46
C GLY H 8 21.75 -14.90 10.75
N GLY H 9 22.91 -14.42 11.20
CA GLY H 9 24.17 -14.80 10.60
C GLY H 9 24.64 -16.16 11.09
N GLY H 10 25.81 -16.55 10.61
CA GLY H 10 26.41 -17.81 11.01
C GLY H 10 27.18 -18.43 9.85
N VAL H 11 27.31 -19.75 9.91
CA VAL H 11 28.11 -20.51 8.94
C VAL H 11 27.16 -21.31 8.07
N VAL H 12 27.33 -21.17 6.75
CA VAL H 12 26.53 -21.92 5.77
C VAL H 12 27.47 -22.37 4.66
N GLN H 13 27.37 -23.63 4.28
CA GLN H 13 28.20 -24.15 3.20
C GLN H 13 27.69 -23.67 1.84
N PRO H 14 28.57 -23.63 0.84
CA PRO H 14 28.19 -23.06 -0.46
C PRO H 14 27.02 -23.80 -1.09
N GLY H 15 26.17 -23.04 -1.78
CA GLY H 15 25.05 -23.58 -2.50
C GLY H 15 23.72 -23.52 -1.77
N ARG H 16 23.73 -23.24 -0.48
CA ARG H 16 22.49 -23.23 0.29
C ARG H 16 21.99 -21.81 0.50
N SER H 17 20.91 -21.70 1.29
CA SER H 17 20.23 -20.44 1.53
C SER H 17 20.34 -20.04 2.99
N LEU H 18 20.33 -18.72 3.22
CA LEU H 18 20.35 -18.16 4.56
C LEU H 18 19.58 -16.84 4.55
N ARG H 19 18.87 -16.58 5.63
CA ARG H 19 18.00 -15.41 5.75
C ARG H 19 18.52 -14.49 6.85
N LEU H 20 18.63 -13.20 6.54
CA LEU H 20 19.03 -12.19 7.50
C LEU H 20 17.83 -11.36 7.93
N SER H 21 17.92 -10.82 9.14
CA SER H 21 16.86 -9.98 9.70
C SER H 21 17.47 -8.71 10.26
N CYS H 22 16.67 -7.65 10.26
CA CYS H 22 17.08 -6.35 10.78
C CYS H 22 15.88 -5.71 11.46
N ALA H 23 15.93 -5.59 12.77
CA ALA H 23 14.85 -4.98 13.54
C ALA H 23 15.19 -3.53 13.84
N ALA H 24 14.21 -2.65 13.62
CA ALA H 24 14.38 -1.22 13.78
C ALA H 24 13.54 -0.70 14.95
N SER H 25 14.06 0.33 15.61
CA SER H 25 13.35 0.98 16.70
C SER H 25 13.88 2.40 16.86
N GLY H 26 13.07 3.25 17.48
CA GLY H 26 13.43 4.63 17.70
C GLY H 26 13.04 5.58 16.59
N PHE H 27 12.38 5.11 15.55
CA PHE H 27 11.92 5.96 14.45
C PHE H 27 10.78 5.25 13.74
N SER H 28 10.14 5.98 12.84
CA SER H 28 9.05 5.41 12.04
C SER H 28 9.66 4.60 10.91
N PHE H 29 9.62 3.28 11.03
CA PHE H 29 10.27 2.40 10.07
C PHE H 29 9.54 2.39 8.74
N SER H 30 8.23 2.57 8.74
CA SER H 30 7.42 2.46 7.53
C SER H 30 7.61 3.63 6.57
N THR H 31 8.32 4.68 6.95
CA THR H 31 8.49 5.85 6.11
C THR H 31 9.89 5.98 5.52
N TYR H 32 10.74 4.97 5.64
CA TYR H 32 12.12 5.04 5.18
C TYR H 32 12.44 3.89 4.25
N GLY H 33 13.23 4.19 3.22
CA GLY H 33 13.82 3.16 2.40
C GLY H 33 15.03 2.55 3.07
N MET H 34 15.20 1.25 2.90
CA MET H 34 16.21 0.48 3.62
C MET H 34 17.21 -0.11 2.64
N HIS H 35 18.46 -0.19 3.08
CA HIS H 35 19.56 -0.72 2.28
C HIS H 35 20.22 -1.89 2.99
N TRP H 36 20.94 -2.69 2.22
CA TRP H 36 21.88 -3.67 2.74
C TRP H 36 23.26 -3.35 2.20
N VAL H 37 24.25 -3.30 3.08
CA VAL H 37 25.63 -3.00 2.71
C VAL H 37 26.50 -4.14 3.21
N ARG H 38 27.54 -4.47 2.46
CA ARG H 38 28.35 -5.65 2.68
C ARG H 38 29.82 -5.25 2.76
N GLN H 39 30.56 -5.88 3.67
CA GLN H 39 31.99 -5.64 3.81
C GLN H 39 32.71 -6.99 3.96
N ALA H 40 33.42 -7.40 2.91
CA ALA H 40 34.20 -8.62 2.97
C ALA H 40 35.37 -8.45 3.92
N PRO H 41 35.84 -9.54 4.54
CA PRO H 41 36.96 -9.42 5.48
C PRO H 41 38.21 -8.89 4.79
N GLY H 42 38.71 -7.76 5.29
CA GLY H 42 39.89 -7.13 4.76
C GLY H 42 39.66 -6.22 3.56
N LYS H 43 38.42 -6.08 3.10
CA LYS H 43 38.10 -5.26 1.94
C LYS H 43 37.20 -4.11 2.35
N GLY H 44 36.81 -3.32 1.35
CA GLY H 44 35.96 -2.17 1.57
C GLY H 44 34.49 -2.53 1.58
N LEU H 45 33.66 -1.49 1.58
CA LEU H 45 32.21 -1.64 1.66
C LEU H 45 31.61 -1.83 0.26
N GLU H 46 30.55 -2.62 0.20
CA GLU H 46 29.85 -2.87 -1.05
C GLU H 46 28.34 -2.83 -0.80
N TRP H 47 27.64 -2.02 -1.59
CA TRP H 47 26.20 -1.94 -1.50
C TRP H 47 25.55 -3.16 -2.14
N VAL H 48 24.47 -3.65 -1.54
CA VAL H 48 23.84 -4.90 -1.94
C VAL H 48 22.45 -4.67 -2.54
N ALA H 49 21.52 -4.14 -1.74
CA ALA H 49 20.14 -4.06 -2.18
C ALA H 49 19.44 -2.88 -1.52
N LEU H 50 18.38 -2.41 -2.19
CA LEU H 50 17.55 -1.32 -1.71
C LEU H 50 16.08 -1.70 -1.86
N ILE H 51 15.29 -1.35 -0.85
CA ILE H 51 13.84 -1.53 -0.89
C ILE H 51 13.18 -0.20 -0.57
N TRP H 52 12.08 0.09 -1.26
CA TRP H 52 11.31 1.30 -1.04
C TRP H 52 10.69 1.29 0.36
N HIS H 53 10.14 2.45 0.75
CA HIS H 53 9.51 2.56 2.07
C HIS H 53 8.30 1.64 2.20
N ASP H 54 7.60 1.37 1.10
CA ASP H 54 6.45 0.47 1.13
C ASP H 54 6.74 -0.91 0.56
N GLY H 55 7.95 -1.15 0.05
CA GLY H 55 8.29 -2.40 -0.59
C GLY H 55 7.94 -2.46 -2.07
N SER H 56 7.55 -1.35 -2.68
CA SER H 56 7.10 -1.37 -4.07
C SER H 56 8.26 -1.67 -5.02
N LYS H 57 9.37 -0.97 -4.86
CA LYS H 57 10.52 -1.10 -5.74
C LYS H 57 11.67 -1.75 -4.99
N LYS H 58 12.38 -2.64 -5.66
CA LYS H 58 13.59 -3.26 -5.14
C LYS H 58 14.71 -3.16 -6.15
N PHE H 59 15.90 -2.84 -5.68
CA PHE H 59 17.08 -2.73 -6.52
C PHE H 59 18.20 -3.55 -5.91
N TYR H 60 19.01 -4.17 -6.76
CA TYR H 60 20.03 -5.09 -6.31
C TYR H 60 21.35 -4.81 -7.02
N SER H 61 22.44 -5.21 -6.37
CA SER H 61 23.75 -5.14 -6.97
C SER H 61 23.88 -6.18 -8.08
N GLU H 62 24.81 -5.93 -9.00
CA GLU H 62 25.05 -6.89 -10.09
C GLU H 62 25.54 -8.22 -9.55
N SER H 63 26.22 -8.21 -8.41
CA SER H 63 26.80 -9.44 -7.87
C SER H 63 25.75 -10.33 -7.23
N VAL H 64 24.67 -9.75 -6.69
CA VAL H 64 23.66 -10.50 -5.96
C VAL H 64 22.34 -10.58 -6.70
N ARG H 65 22.20 -9.90 -7.83
CA ARG H 65 20.92 -9.89 -8.53
C ARG H 65 20.56 -11.29 -9.03
N GLY H 66 19.34 -11.71 -8.76
CA GLY H 66 18.89 -13.05 -9.09
C GLY H 66 19.02 -14.03 -7.95
N ARG H 67 20.00 -13.82 -7.07
CA ARG H 67 20.21 -14.73 -5.96
C ARG H 67 19.60 -14.20 -4.67
N PHE H 68 19.78 -12.91 -4.40
CA PHE H 68 19.34 -12.31 -3.15
C PHE H 68 17.99 -11.61 -3.35
N THR H 69 17.17 -11.63 -2.31
CA THR H 69 15.87 -10.96 -2.30
C THR H 69 15.75 -10.13 -1.04
N ILE H 70 15.34 -8.87 -1.19
CA ILE H 70 15.13 -7.96 -0.07
C ILE H 70 13.63 -7.79 0.15
N SER H 71 13.21 -7.84 1.41
CA SER H 71 11.81 -7.68 1.76
C SER H 71 11.73 -7.07 3.15
N ARG H 72 10.55 -6.55 3.48
CA ARG H 72 10.34 -5.88 4.76
C ARG H 72 8.94 -6.19 5.26
N ASP H 73 8.76 -6.03 6.57
CA ASP H 73 7.46 -6.17 7.23
C ASP H 73 7.28 -4.94 8.13
N ASN H 74 6.53 -3.96 7.64
CA ASN H 74 6.41 -2.70 8.36
C ASN H 74 5.61 -2.85 9.65
N SER H 75 4.78 -3.89 9.74
CA SER H 75 4.03 -4.15 10.98
C SER H 75 4.97 -4.49 12.12
N MET H 76 6.01 -5.27 11.85
CA MET H 76 6.97 -5.68 12.87
C MET H 76 8.25 -4.85 12.87
N ASP H 77 8.32 -3.80 12.03
CA ASP H 77 9.49 -2.93 11.93
C ASP H 77 10.76 -3.72 11.65
N THR H 78 10.67 -4.71 10.77
CA THR H 78 11.77 -5.61 10.47
C THR H 78 12.06 -5.66 8.98
N LEU H 79 13.35 -5.82 8.65
CA LEU H 79 13.82 -5.92 7.28
C LEU H 79 14.45 -7.29 7.07
N TYR H 80 14.35 -7.81 5.85
CA TYR H 80 14.83 -9.15 5.54
C TYR H 80 15.76 -9.13 4.35
N LEU H 81 16.65 -10.13 4.30
CA LEU H 81 17.47 -10.42 3.13
C LEU H 81 17.56 -11.93 2.99
N GLN H 82 16.97 -12.46 1.93
CA GLN H 82 17.01 -13.89 1.64
C GLN H 82 18.10 -14.14 0.61
N MET H 83 19.18 -14.80 1.02
CA MET H 83 20.32 -15.07 0.16
C MET H 83 20.33 -16.56 -0.17
N SER H 84 20.18 -16.88 -1.44
CA SER H 84 20.26 -18.24 -1.93
C SER H 84 21.45 -18.40 -2.87
N SER H 85 21.78 -19.66 -3.16
CA SER H 85 22.91 -20.00 -4.02
C SER H 85 24.19 -19.33 -3.50
N LEU H 86 24.41 -19.45 -2.20
CA LEU H 86 25.51 -18.73 -1.56
C LEU H 86 26.85 -19.25 -2.06
N ARG H 87 27.78 -18.31 -2.26
CA ARG H 87 29.10 -18.60 -2.79
C ARG H 87 30.16 -18.11 -1.80
N ALA H 88 31.42 -18.47 -2.08
CA ALA H 88 32.50 -18.10 -1.19
C ALA H 88 32.71 -16.61 -1.10
N GLU H 89 32.41 -15.87 -2.18
CA GLU H 89 32.61 -14.43 -2.18
C GLU H 89 31.54 -13.68 -1.40
N ASP H 90 30.49 -14.36 -0.94
CA ASP H 90 29.46 -13.73 -0.12
C ASP H 90 29.81 -13.70 1.35
N THR H 91 30.96 -14.26 1.75
CA THR H 91 31.39 -14.21 3.14
C THR H 91 31.78 -12.79 3.51
N ALA H 92 31.02 -12.18 4.43
CA ALA H 92 31.24 -10.79 4.79
C ALA H 92 30.36 -10.45 5.99
N VAL H 93 30.49 -9.22 6.46
CA VAL H 93 29.61 -8.64 7.46
C VAL H 93 28.51 -7.87 6.74
N TYR H 94 27.26 -8.20 7.03
CA TYR H 94 26.12 -7.60 6.35
C TYR H 94 25.53 -6.52 7.24
N TYR H 95 25.55 -5.28 6.77
CA TYR H 95 25.07 -4.13 7.51
C TYR H 95 23.69 -3.73 7.01
N CYS H 96 22.81 -3.40 7.95
CA CYS H 96 21.49 -2.88 7.67
C CYS H 96 21.54 -1.36 7.82
N ALA H 97 21.21 -0.65 6.75
CA ALA H 97 21.38 0.80 6.72
C ALA H 97 20.07 1.48 6.31
N ARG H 98 19.92 2.72 6.77
CA ARG H 98 18.73 3.52 6.46
C ARG H 98 19.08 4.60 5.45
N ASP H 99 18.18 4.79 4.47
CA ASP H 99 18.38 5.83 3.48
C ASP H 99 18.22 7.20 4.14
N GLY H 100 19.31 7.96 4.19
CA GLY H 100 19.30 9.24 4.87
C GLY H 100 18.94 10.40 3.97
N ALA H 101 17.76 10.34 3.37
CA ALA H 101 17.28 11.40 2.50
C ALA H 101 16.19 12.21 3.19
N ASP H 102 16.22 13.51 2.96
CA ASP H 102 15.07 14.33 3.34
C ASP H 102 13.86 13.88 2.52
N TYR H 103 12.68 14.05 3.12
CA TYR H 103 11.47 13.52 2.50
C TYR H 103 11.14 14.21 1.18
N PHE H 104 11.79 15.34 0.90
CA PHE H 104 11.59 16.08 -0.34
C PHE H 104 12.91 16.29 -1.10
N ASP H 105 13.83 15.32 -0.98
CA ASP H 105 15.14 15.44 -1.60
C ASP H 105 15.17 15.03 -3.07
N SER H 106 14.24 14.17 -3.49
CA SER H 106 14.06 13.79 -4.89
C SER H 106 15.14 12.87 -5.44
N THR H 107 16.17 12.57 -4.65
CA THR H 107 17.27 11.75 -5.14
C THR H 107 17.74 10.66 -4.19
N GLY H 108 17.24 10.60 -2.96
CA GLY H 108 17.83 9.60 -2.08
C GLY H 108 19.16 10.07 -1.50
N GLY H 109 19.38 9.74 -0.24
CA GLY H 109 20.52 10.29 0.47
C GLY H 109 21.54 9.26 0.93
N ALA H 110 22.42 9.68 1.83
CA ALA H 110 23.49 8.82 2.32
C ALA H 110 22.92 7.77 3.28
N PHE H 111 23.81 6.94 3.82
CA PHE H 111 23.44 5.91 4.77
C PHE H 111 23.56 6.49 6.17
N ASP H 112 22.44 6.94 6.73
CA ASP H 112 22.43 7.63 8.02
C ASP H 112 22.71 6.70 9.19
N ILE H 113 21.87 5.70 9.37
CA ILE H 113 21.95 4.81 10.53
C ILE H 113 22.38 3.44 10.04
N TRP H 114 23.47 2.93 10.61
CA TRP H 114 23.95 1.59 10.33
C TRP H 114 23.63 0.68 11.51
N GLY H 115 23.48 -0.60 11.23
CA GLY H 115 23.30 -1.60 12.26
C GLY H 115 24.64 -2.04 12.85
N GLN H 116 24.55 -2.96 13.79
CA GLN H 116 25.77 -3.49 14.41
C GLN H 116 26.48 -4.45 13.46
N GLY H 117 25.77 -5.08 12.55
CA GLY H 117 26.36 -6.01 11.60
C GLY H 117 26.21 -7.45 12.04
N THR H 118 26.08 -8.33 11.05
CA THR H 118 26.02 -9.77 11.27
C THR H 118 26.96 -10.47 10.31
N MET H 119 27.71 -11.43 10.83
CA MET H 119 28.74 -12.11 10.04
C MET H 119 28.15 -13.33 9.34
N VAL H 120 28.42 -13.45 8.05
CA VAL H 120 28.00 -14.60 7.25
C VAL H 120 29.26 -15.25 6.71
N ILE H 121 29.43 -16.54 6.96
CA ILE H 121 30.60 -17.29 6.55
C ILE H 121 30.14 -18.41 5.62
N VAL H 122 30.72 -18.46 4.42
CA VAL H 122 30.40 -19.47 3.43
C VAL H 122 31.64 -20.32 3.21
N SER H 123 31.65 -21.51 3.79
CA SER H 123 32.81 -22.40 3.69
C SER H 123 32.37 -23.82 3.97
N SER H 124 33.24 -24.76 3.59
CA SER H 124 32.99 -26.18 3.84
C SER H 124 33.85 -26.68 4.99
N ILE I 2 29.12 2.14 -13.90
CA ILE I 2 29.71 2.19 -12.58
C ILE I 2 30.54 3.46 -12.41
N VAL I 3 30.19 4.27 -11.41
CA VAL I 3 30.98 5.45 -11.06
C VAL I 3 31.97 4.98 -10.01
N MET I 4 33.23 4.83 -10.42
CA MET I 4 34.24 4.30 -9.52
C MET I 4 34.98 5.43 -8.82
N THR I 5 35.18 5.29 -7.52
CA THR I 5 35.63 6.37 -6.65
C THR I 5 37.05 6.12 -6.17
N GLN I 6 37.93 7.11 -6.34
CA GLN I 6 39.32 7.05 -5.91
C GLN I 6 39.49 7.72 -4.56
N SER I 7 40.54 7.34 -3.85
CA SER I 7 40.97 7.95 -2.60
C SER I 7 42.44 7.67 -2.38
N PRO I 8 43.16 8.58 -1.71
CA PRO I 8 44.55 8.28 -1.33
C PRO I 8 44.65 7.12 -0.35
N ALA I 9 45.80 6.43 -0.34
CA ALA I 9 45.90 5.18 0.40
C ALA I 9 46.08 5.41 1.90
N THR I 10 47.16 6.07 2.30
CA THR I 10 47.47 6.24 3.72
C THR I 10 48.18 7.56 3.93
N LEU I 11 47.82 8.24 5.01
CA LEU I 11 48.46 9.50 5.39
C LEU I 11 48.74 9.47 6.88
N SER I 12 49.91 9.98 7.26
CA SER I 12 50.37 9.94 8.65
C SER I 12 50.36 11.34 9.23
N VAL I 13 49.61 11.55 10.30
CA VAL I 13 49.49 12.83 10.96
C VAL I 13 49.58 12.63 12.47
N SER I 14 50.40 13.46 13.12
CA SER I 14 50.48 13.46 14.57
C SER I 14 49.28 14.18 15.17
N PRO I 15 48.86 13.81 16.38
CA PRO I 15 47.69 14.45 16.99
C PRO I 15 47.86 15.96 17.11
N GLY I 16 46.78 16.69 16.85
CA GLY I 16 46.79 18.13 16.90
C GLY I 16 46.94 18.82 15.57
N GLU I 17 47.44 18.12 14.55
CA GLU I 17 47.63 18.73 13.25
C GLU I 17 46.37 18.57 12.39
N ARG I 18 46.44 19.09 11.17
CA ARG I 18 45.33 19.03 10.23
C ARG I 18 45.56 17.89 9.23
N ALA I 19 44.46 17.24 8.85
CA ALA I 19 44.49 16.15 7.89
C ALA I 19 43.59 16.50 6.71
N THR I 20 44.12 16.35 5.51
CA THR I 20 43.39 16.67 4.28
C THR I 20 43.23 15.39 3.47
N LEU I 21 42.00 14.88 3.43
CA LEU I 21 41.70 13.71 2.62
C LEU I 21 41.13 14.14 1.27
N SER I 22 41.34 13.28 0.27
CA SER I 22 40.92 13.59 -1.09
C SER I 22 40.00 12.48 -1.60
N CYS I 23 39.19 12.84 -2.59
CA CYS I 23 38.28 11.89 -3.22
C CYS I 23 38.01 12.34 -4.64
N ARG I 24 38.15 11.43 -5.59
CA ARG I 24 37.92 11.71 -7.00
C ARG I 24 36.92 10.70 -7.55
N ALA I 25 36.16 11.10 -8.55
CA ALA I 25 35.15 10.25 -9.16
C ALA I 25 35.43 10.10 -10.65
N SER I 26 35.09 8.93 -11.20
CA SER I 26 35.25 8.72 -12.64
C SER I 26 34.34 9.66 -13.43
N GLN I 27 33.13 9.89 -12.94
CA GLN I 27 32.20 10.83 -13.58
C GLN I 27 31.78 11.89 -12.58
N SER I 28 30.80 12.71 -12.95
CA SER I 28 30.35 13.82 -12.11
C SER I 28 29.24 13.34 -11.17
N VAL I 29 29.41 13.64 -9.89
CA VAL I 29 28.35 13.44 -8.91
C VAL I 29 28.01 14.80 -8.31
N SER I 30 26.76 15.24 -8.52
CA SER I 30 26.38 16.61 -8.17
C SER I 30 26.12 16.75 -6.67
N SER I 31 27.18 16.90 -5.88
CA SER I 31 27.07 17.06 -4.44
C SER I 31 26.30 15.91 -3.80
N ASN I 32 26.50 14.71 -4.36
CA ASN I 32 25.82 13.52 -3.88
C ASN I 32 26.86 12.58 -3.29
N LEU I 33 27.77 13.14 -2.51
CA LEU I 33 28.89 12.42 -1.94
C LEU I 33 28.78 12.39 -0.42
N ALA I 34 29.18 11.27 0.18
CA ALA I 34 29.16 11.11 1.62
C ALA I 34 30.51 10.64 2.12
N TRP I 35 30.80 10.94 3.38
CA TRP I 35 32.02 10.51 4.04
C TRP I 35 31.65 9.70 5.27
N TYR I 36 32.38 8.61 5.51
CA TYR I 36 32.12 7.72 6.63
C TYR I 36 33.41 7.45 7.39
N GLN I 37 33.26 7.21 8.69
CA GLN I 37 34.38 6.84 9.56
C GLN I 37 34.12 5.44 10.09
N GLN I 38 35.09 4.55 9.93
CA GLN I 38 35.01 3.20 10.45
C GLN I 38 36.27 2.87 11.22
N LYS I 39 36.11 2.43 12.43
CA LYS I 39 37.14 1.88 13.30
C LYS I 39 37.08 0.36 13.25
N PRO I 40 38.22 -0.32 13.43
CA PRO I 40 38.23 -1.79 13.28
C PRO I 40 37.24 -2.46 14.21
N GLY I 41 36.50 -3.44 13.67
CA GLY I 41 35.51 -4.16 14.42
C GLY I 41 34.19 -3.45 14.62
N GLN I 42 34.01 -2.28 14.01
CA GLN I 42 32.81 -1.48 14.21
C GLN I 42 32.16 -1.12 12.88
N ALA I 43 30.88 -0.80 12.94
CA ALA I 43 30.15 -0.39 11.75
C ALA I 43 30.56 1.01 11.31
N PRO I 44 30.43 1.32 10.02
CA PRO I 44 30.75 2.68 9.56
C PRO I 44 29.81 3.70 10.17
N ARG I 45 30.30 4.93 10.28
CA ARG I 45 29.56 6.03 10.89
C ARG I 45 29.58 7.22 9.94
N LEU I 46 28.40 7.72 9.60
CA LEU I 46 28.30 8.83 8.67
C LEU I 46 28.85 10.10 9.30
N LEU I 47 29.69 10.81 8.54
CA LEU I 47 30.23 12.10 8.95
C LEU I 47 29.68 13.25 8.12
N ILE I 48 29.81 13.17 6.80
CA ILE I 48 29.44 14.24 5.90
C ILE I 48 28.50 13.68 4.84
N TYR I 49 27.45 14.42 4.51
CA TYR I 49 26.59 14.10 3.38
C TYR I 49 26.32 15.37 2.60
N GLY I 50 25.97 15.20 1.33
CA GLY I 50 25.86 16.34 0.44
C GLY I 50 27.17 17.03 0.13
N ALA I 51 28.30 16.39 0.47
CA ALA I 51 29.66 16.84 0.19
C ALA I 51 30.06 18.02 1.07
N SER I 52 29.13 18.58 1.84
CA SER I 52 29.46 19.67 2.75
C SER I 52 28.74 19.62 4.09
N THR I 53 27.67 18.84 4.25
CA THR I 53 26.82 18.92 5.44
C THR I 53 27.24 17.88 6.46
N ARG I 54 27.44 18.31 7.69
CA ARG I 54 27.79 17.40 8.78
C ARG I 54 26.56 16.66 9.27
N ALA I 55 26.78 15.44 9.74
CA ALA I 55 25.71 14.67 10.36
C ALA I 55 25.38 15.26 11.73
N THR I 56 24.43 14.63 12.42
CA THR I 56 23.86 15.19 13.64
C THR I 56 24.90 15.39 14.74
N GLY I 57 25.50 14.31 15.24
CA GLY I 57 26.43 14.40 16.34
C GLY I 57 27.89 14.36 15.93
N ILE I 58 28.26 15.20 14.97
CA ILE I 58 29.62 15.23 14.43
C ILE I 58 30.29 16.54 14.86
N PRO I 59 31.49 16.51 15.41
CA PRO I 59 32.16 17.74 15.81
C PRO I 59 32.48 18.62 14.62
N ALA I 60 32.61 19.92 14.88
CA ALA I 60 32.81 20.90 13.82
C ALA I 60 34.19 20.81 13.20
N ARG I 61 35.10 20.02 13.78
CA ARG I 61 36.44 19.89 13.20
C ARG I 61 36.43 19.14 11.87
N PHE I 62 35.40 18.35 11.61
CA PHE I 62 35.23 17.66 10.33
C PHE I 62 34.55 18.60 9.34
N SER I 63 35.16 18.79 8.18
CA SER I 63 34.59 19.65 7.16
C SER I 63 34.87 19.06 5.78
N GLY I 64 33.84 18.99 4.95
CA GLY I 64 33.98 18.53 3.59
C GLY I 64 33.69 19.64 2.59
N SER I 65 34.24 19.49 1.40
CA SER I 65 34.06 20.48 0.35
C SER I 65 34.23 19.80 -1.01
N GLY I 66 33.87 20.53 -2.05
CA GLY I 66 34.00 20.07 -3.41
C GLY I 66 32.64 19.69 -4.01
N SER I 67 32.61 19.62 -5.33
CA SER I 67 31.44 19.18 -6.06
C SER I 67 31.90 18.64 -7.41
N GLY I 68 31.04 17.84 -8.03
CA GLY I 68 31.35 17.26 -9.32
C GLY I 68 32.29 16.07 -9.21
N THR I 69 33.55 16.27 -9.57
CA THR I 69 34.54 15.20 -9.59
C THR I 69 35.49 15.21 -8.41
N GLU I 70 35.92 16.38 -7.94
CA GLU I 70 36.94 16.50 -6.90
C GLU I 70 36.26 16.85 -5.57
N PHE I 71 36.52 16.05 -4.55
CA PHE I 71 36.03 16.29 -3.20
C PHE I 71 37.16 16.15 -2.20
N THR I 72 37.10 16.93 -1.12
CA THR I 72 38.11 16.88 -0.07
C THR I 72 37.43 16.77 1.28
N LEU I 73 38.05 16.02 2.18
CA LEU I 73 37.64 15.95 3.57
C LEU I 73 38.76 16.52 4.43
N THR I 74 38.43 17.51 5.25
CA THR I 74 39.41 18.20 6.08
C THR I 74 39.08 17.97 7.55
N ILE I 75 40.06 17.48 8.30
CA ILE I 75 39.98 17.38 9.74
C ILE I 75 40.98 18.35 10.33
N SER I 76 40.49 19.28 11.15
CA SER I 76 41.32 20.25 11.84
C SER I 76 41.50 19.83 13.29
N SER I 77 42.73 19.93 13.78
CA SER I 77 43.08 19.50 15.13
C SER I 77 42.75 18.03 15.33
N LEU I 78 43.42 17.18 14.57
CA LEU I 78 43.20 15.74 14.61
C LEU I 78 43.42 15.22 16.03
N GLN I 79 42.37 14.63 16.59
CA GLN I 79 42.38 14.14 17.96
C GLN I 79 42.68 12.63 17.98
N SER I 80 42.64 12.08 19.20
CA SER I 80 42.95 10.66 19.37
C SER I 80 41.83 9.76 18.86
N GLU I 81 40.59 10.23 18.86
CA GLU I 81 39.46 9.45 18.37
C GLU I 81 39.36 9.46 16.85
N ASP I 82 40.07 10.36 16.17
CA ASP I 82 39.93 10.55 14.74
C ASP I 82 40.88 9.67 13.93
N PHE I 83 41.58 8.74 14.57
CA PHE I 83 42.46 7.81 13.87
C PHE I 83 41.66 6.58 13.48
N ALA I 84 41.28 6.51 12.21
CA ALA I 84 40.46 5.41 11.70
C ALA I 84 40.50 5.46 10.18
N THR I 85 39.73 4.57 9.56
CA THR I 85 39.58 4.54 8.12
C THR I 85 38.41 5.41 7.71
N TYR I 86 38.61 6.24 6.68
CA TYR I 86 37.58 7.11 6.15
C TYR I 86 37.21 6.66 4.74
N TYR I 87 35.92 6.52 4.49
CA TYR I 87 35.41 6.02 3.22
C TYR I 87 34.67 7.13 2.49
N CYS I 88 34.78 7.12 1.17
CA CYS I 88 34.12 8.10 0.30
C CYS I 88 33.09 7.37 -0.55
N GLN I 89 31.85 7.86 -0.50
CA GLN I 89 30.75 7.20 -1.21
C GLN I 89 29.98 8.22 -2.05
N GLN I 90 29.59 7.80 -3.24
CA GLN I 90 28.66 8.54 -4.08
C GLN I 90 27.31 7.86 -4.06
N TYR I 91 26.24 8.65 -4.21
CA TYR I 91 24.91 8.09 -4.38
C TYR I 91 24.16 8.81 -5.49
N LYS I 92 24.83 9.06 -6.62
CA LYS I 92 24.24 9.70 -7.78
C LYS I 92 23.74 8.70 -8.81
N THR I 93 24.62 7.84 -9.32
CA THR I 93 24.25 6.84 -10.31
C THR I 93 23.98 5.48 -9.65
N TRP I 94 24.87 5.02 -8.80
CA TRP I 94 24.58 3.88 -7.95
C TRP I 94 25.20 4.15 -6.59
N TRP I 95 25.32 3.13 -5.75
CA TRP I 95 25.93 3.30 -4.42
C TRP I 95 27.30 2.62 -4.46
N THR I 96 28.32 3.37 -4.85
CA THR I 96 29.68 2.86 -4.91
C THR I 96 30.56 3.62 -3.91
N PHE I 97 31.43 2.87 -3.23
CA PHE I 97 32.30 3.40 -2.20
C PHE I 97 33.70 3.58 -2.74
N GLY I 98 34.52 4.30 -2.00
CA GLY I 98 35.94 4.33 -2.24
C GLY I 98 36.64 3.18 -1.55
N GLN I 99 37.95 3.09 -1.76
CA GLN I 99 38.74 2.04 -1.13
C GLN I 99 39.19 2.41 0.27
N GLY I 100 38.99 3.65 0.69
CA GLY I 100 39.30 4.07 2.04
C GLY I 100 40.68 4.68 2.16
N THR I 101 40.84 5.57 3.14
CA THR I 101 42.12 6.15 3.48
C THR I 101 42.35 5.95 4.97
N LYS I 102 43.47 5.33 5.33
CA LYS I 102 43.79 5.04 6.72
C LYS I 102 44.64 6.17 7.29
N VAL I 103 44.16 6.78 8.38
CA VAL I 103 44.92 7.79 9.09
C VAL I 103 45.59 7.14 10.29
N GLU I 104 46.91 7.20 10.34
CA GLU I 104 47.68 6.54 11.39
C GLU I 104 48.47 7.57 12.18
N ILE I 105 48.77 7.22 13.43
CA ILE I 105 49.52 8.10 14.32
C ILE I 105 50.96 8.19 13.83
N LYS I 106 51.45 9.41 13.67
CA LYS I 106 52.81 9.64 13.23
C LYS I 106 53.79 9.53 14.40
N GLN J 1 -29.49 -20.82 1.27
CA GLN J 1 -29.76 -20.69 2.70
C GLN J 1 -29.11 -19.41 3.22
N VAL J 2 -28.35 -18.75 2.36
CA VAL J 2 -27.76 -17.45 2.66
C VAL J 2 -28.83 -16.38 2.48
N GLN J 3 -29.31 -15.82 3.58
CA GLN J 3 -30.42 -14.88 3.56
C GLN J 3 -30.16 -13.71 4.50
N LEU J 4 -30.77 -12.57 4.17
CA LEU J 4 -30.74 -11.37 4.99
C LEU J 4 -32.16 -10.88 5.13
N VAL J 5 -32.59 -10.58 6.36
CA VAL J 5 -33.96 -10.16 6.63
C VAL J 5 -33.92 -8.81 7.34
N GLU J 6 -34.40 -7.78 6.66
CA GLU J 6 -34.50 -6.46 7.26
C GLU J 6 -35.78 -6.33 8.08
N SER J 7 -35.73 -5.47 9.09
CA SER J 7 -36.88 -5.19 9.94
C SER J 7 -36.73 -3.79 10.51
N GLY J 8 -37.83 -3.25 11.04
CA GLY J 8 -37.79 -1.97 11.70
C GLY J 8 -38.30 -0.80 10.90
N GLY J 9 -38.90 -1.04 9.73
CA GLY J 9 -39.46 0.02 8.93
C GLY J 9 -40.83 0.45 9.43
N GLY J 10 -41.32 1.51 8.82
CA GLY J 10 -42.62 2.05 9.16
C GLY J 10 -42.70 3.52 8.85
N VAL J 11 -43.68 4.18 9.45
CA VAL J 11 -43.97 5.59 9.22
C VAL J 11 -43.44 6.40 10.39
N VAL J 12 -42.66 7.44 10.09
CA VAL J 12 -42.08 8.33 11.08
C VAL J 12 -42.19 9.75 10.58
N GLN J 13 -42.51 10.68 11.47
CA GLN J 13 -42.59 12.07 11.06
C GLN J 13 -41.20 12.68 11.00
N PRO J 14 -41.02 13.72 10.19
CA PRO J 14 -39.67 14.29 9.99
C PRO J 14 -39.08 14.80 11.30
N GLY J 15 -37.75 14.69 11.39
CA GLY J 15 -37.00 15.15 12.55
C GLY J 15 -36.80 14.11 13.63
N ARG J 16 -37.44 12.95 13.52
CA ARG J 16 -37.32 11.93 14.54
C ARG J 16 -36.32 10.85 14.13
N SER J 17 -36.18 9.85 14.99
CA SER J 17 -35.21 8.78 14.81
C SER J 17 -35.91 7.45 14.57
N LEU J 18 -35.21 6.56 13.88
CA LEU J 18 -35.70 5.22 13.58
C LEU J 18 -34.51 4.29 13.39
N ARG J 19 -34.66 3.05 13.86
CA ARG J 19 -33.59 2.07 13.87
C ARG J 19 -33.99 0.87 13.02
N LEU J 20 -33.13 0.50 12.09
CA LEU J 20 -33.34 -0.69 11.26
C LEU J 20 -32.50 -1.85 11.76
N SER J 21 -32.92 -3.06 11.40
CA SER J 21 -32.24 -4.27 11.79
C SER J 21 -32.12 -5.18 10.57
N CYS J 22 -31.13 -6.08 10.62
CA CYS J 22 -30.87 -7.02 9.54
C CYS J 22 -30.31 -8.30 10.15
N ALA J 23 -31.10 -9.38 10.12
CA ALA J 23 -30.68 -10.65 10.69
C ALA J 23 -30.14 -11.56 9.59
N ALA J 24 -28.93 -12.06 9.81
CA ALA J 24 -28.23 -12.88 8.83
C ALA J 24 -28.18 -14.34 9.27
N SER J 25 -28.19 -15.24 8.29
CA SER J 25 -28.06 -16.66 8.54
C SER J 25 -27.55 -17.34 7.27
N GLY J 26 -27.00 -18.54 7.45
CA GLY J 26 -26.49 -19.32 6.33
C GLY J 26 -25.08 -19.00 5.91
N PHE J 27 -24.42 -18.07 6.59
CA PHE J 27 -23.03 -17.74 6.27
C PHE J 27 -22.40 -17.18 7.54
N SER J 28 -21.07 -17.09 7.53
CA SER J 28 -20.33 -16.57 8.68
C SER J 28 -20.44 -15.06 8.67
N PHE J 29 -21.30 -14.52 9.53
CA PHE J 29 -21.57 -13.09 9.54
C PHE J 29 -20.36 -12.29 9.99
N SER J 30 -19.58 -12.82 10.93
CA SER J 30 -18.45 -12.11 11.52
C SER J 30 -17.31 -11.87 10.54
N THR J 31 -17.29 -12.54 9.40
CA THR J 31 -16.20 -12.42 8.44
C THR J 31 -16.53 -11.49 7.27
N TYR J 32 -17.70 -10.88 7.26
CA TYR J 32 -18.14 -10.08 6.12
C TYR J 32 -18.42 -8.64 6.53
N GLY J 33 -18.02 -7.71 5.68
CA GLY J 33 -18.46 -6.33 5.77
C GLY J 33 -19.81 -6.17 5.09
N MET J 34 -20.65 -5.32 5.66
CA MET J 34 -22.04 -5.24 5.24
C MET J 34 -22.38 -3.81 4.86
N HIS J 35 -23.35 -3.66 3.97
CA HIS J 35 -23.75 -2.36 3.44
C HIS J 35 -25.22 -2.10 3.73
N TRP J 36 -25.61 -0.84 3.57
CA TRP J 36 -27.01 -0.44 3.45
C TRP J 36 -27.20 0.28 2.12
N VAL J 37 -28.25 -0.09 1.40
CA VAL J 37 -28.54 0.47 0.08
C VAL J 37 -29.98 0.98 0.09
N ARG J 38 -30.21 2.11 -0.58
CA ARG J 38 -31.47 2.83 -0.52
C ARG J 38 -32.06 2.98 -1.92
N GLN J 39 -33.38 2.88 -2.01
CA GLN J 39 -34.11 3.08 -3.27
C GLN J 39 -35.38 3.87 -3.00
N ALA J 40 -35.40 5.14 -3.39
CA ALA J 40 -36.59 5.96 -3.24
C ALA J 40 -37.71 5.45 -4.16
N PRO J 41 -38.97 5.69 -3.80
CA PRO J 41 -40.07 5.23 -4.67
C PRO J 41 -40.00 5.85 -6.05
N GLY J 42 -39.85 4.99 -7.05
CA GLY J 42 -39.72 5.43 -8.43
C GLY J 42 -38.33 5.88 -8.84
N LYS J 43 -37.36 5.84 -7.94
CA LYS J 43 -36.00 6.27 -8.22
C LYS J 43 -35.08 5.06 -8.34
N GLY J 44 -33.79 5.34 -8.48
CA GLY J 44 -32.79 4.29 -8.56
C GLY J 44 -32.19 3.98 -7.21
N LEU J 45 -31.27 3.02 -7.23
CA LEU J 45 -30.60 2.56 -6.02
C LEU J 45 -29.53 3.55 -5.59
N GLU J 46 -29.41 3.73 -4.27
CA GLU J 46 -28.43 4.64 -3.69
C GLU J 46 -27.77 3.97 -2.49
N TRP J 47 -26.44 3.98 -2.48
CA TRP J 47 -25.68 3.39 -1.38
C TRP J 47 -25.65 4.34 -0.18
N VAL J 48 -25.78 3.78 1.01
CA VAL J 48 -25.89 4.56 2.24
C VAL J 48 -24.64 4.43 3.12
N ALA J 49 -24.34 3.22 3.58
CA ALA J 49 -23.31 3.06 4.60
C ALA J 49 -22.63 1.71 4.47
N LEU J 50 -21.43 1.62 5.03
CA LEU J 50 -20.63 0.41 5.08
C LEU J 50 -19.99 0.27 6.46
N ILE J 51 -19.91 -0.97 6.95
CA ILE J 51 -19.21 -1.27 8.20
C ILE J 51 -18.28 -2.45 7.95
N TRP J 52 -17.14 -2.46 8.64
CA TRP J 52 -16.15 -3.51 8.51
C TRP J 52 -16.68 -4.82 9.09
N HIS J 53 -15.94 -5.90 8.85
CA HIS J 53 -16.35 -7.21 9.36
C HIS J 53 -16.36 -7.25 10.88
N ASP J 54 -15.57 -6.41 11.54
CA ASP J 54 -15.53 -6.35 12.99
C ASP J 54 -16.14 -5.09 13.57
N GLY J 55 -16.45 -4.10 12.74
CA GLY J 55 -17.00 -2.85 13.20
C GLY J 55 -16.00 -1.73 13.37
N SER J 56 -14.73 -1.93 12.99
CA SER J 56 -13.72 -0.92 13.24
C SER J 56 -13.94 0.31 12.37
N LYS J 57 -14.15 0.12 11.07
CA LYS J 57 -14.28 1.22 10.12
C LYS J 57 -15.71 1.33 9.64
N LYS J 58 -16.19 2.55 9.53
CA LYS J 58 -17.53 2.85 9.04
C LYS J 58 -17.45 3.96 8.01
N PHE J 59 -18.24 3.84 6.95
CA PHE J 59 -18.27 4.82 5.88
C PHE J 59 -19.71 5.17 5.55
N TYR J 60 -19.95 6.42 5.18
CA TYR J 60 -21.31 6.90 4.98
C TYR J 60 -21.39 7.74 3.71
N SER J 61 -22.58 7.77 3.13
CA SER J 61 -22.87 8.66 2.01
C SER J 61 -22.90 10.11 2.48
N GLU J 62 -22.64 11.02 1.54
CA GLU J 62 -22.65 12.44 1.87
C GLU J 62 -24.04 12.90 2.29
N SER J 63 -25.08 12.19 1.85
CA SER J 63 -26.45 12.63 2.14
C SER J 63 -26.96 12.09 3.47
N VAL J 64 -26.20 11.19 4.11
CA VAL J 64 -26.60 10.62 5.39
C VAL J 64 -25.53 10.77 6.45
N ARG J 65 -24.32 11.21 6.10
CA ARG J 65 -23.23 11.29 7.05
C ARG J 65 -23.56 12.28 8.17
N GLY J 66 -23.26 11.88 9.39
CA GLY J 66 -23.63 12.64 10.57
C GLY J 66 -24.96 12.23 11.15
N ARG J 67 -25.99 12.16 10.32
CA ARG J 67 -27.31 11.77 10.79
C ARG J 67 -27.40 10.27 11.06
N PHE J 68 -26.83 9.47 10.16
CA PHE J 68 -26.96 8.01 10.23
C PHE J 68 -25.72 7.40 10.86
N THR J 69 -25.92 6.27 11.55
CA THR J 69 -24.84 5.50 12.16
C THR J 69 -25.07 4.02 11.87
N ILE J 70 -24.03 3.34 11.43
CA ILE J 70 -24.09 1.91 11.14
C ILE J 70 -23.36 1.15 12.25
N SER J 71 -23.97 0.08 12.73
CA SER J 71 -23.39 -0.74 13.77
C SER J 71 -23.77 -2.20 13.52
N ARG J 72 -23.16 -3.10 14.28
CA ARG J 72 -23.42 -4.52 14.13
C ARG J 72 -23.22 -5.22 15.46
N ASP J 73 -23.79 -6.41 15.57
CA ASP J 73 -23.63 -7.28 16.73
C ASP J 73 -23.28 -8.67 16.20
N ASN J 74 -21.98 -8.97 16.14
CA ASN J 74 -21.55 -10.24 15.54
C ASN J 74 -22.00 -11.43 16.35
N SER J 75 -22.25 -11.26 17.65
CA SER J 75 -22.72 -12.36 18.47
C SER J 75 -24.10 -12.84 18.02
N MET J 76 -25.00 -11.91 17.71
CA MET J 76 -26.35 -12.24 17.28
C MET J 76 -26.50 -12.24 15.76
N ASP J 77 -25.43 -11.98 15.02
CA ASP J 77 -25.47 -11.91 13.55
C ASP J 77 -26.50 -10.91 13.07
N THR J 78 -26.48 -9.70 13.64
CA THR J 78 -27.46 -8.67 13.33
C THR J 78 -26.76 -7.37 12.96
N LEU J 79 -27.30 -6.69 11.96
CA LEU J 79 -26.79 -5.40 11.50
C LEU J 79 -27.81 -4.32 11.80
N TYR J 80 -27.33 -3.14 12.18
CA TYR J 80 -28.20 -2.03 12.56
C TYR J 80 -27.89 -0.80 11.73
N LEU J 81 -28.91 0.02 11.52
CA LEU J 81 -28.76 1.36 10.97
C LEU J 81 -29.59 2.31 11.81
N GLN J 82 -28.93 3.27 12.46
CA GLN J 82 -29.59 4.26 13.29
C GLN J 82 -29.81 5.52 12.46
N MET J 83 -31.07 5.79 12.11
CA MET J 83 -31.44 6.90 11.25
C MET J 83 -32.05 7.99 12.12
N SER J 84 -31.39 9.15 12.18
CA SER J 84 -31.85 10.28 12.96
C SER J 84 -31.96 11.52 12.09
N SER J 85 -32.67 12.53 12.61
CA SER J 85 -32.92 13.78 11.91
C SER J 85 -33.56 13.53 10.55
N LEU J 86 -34.56 12.65 10.54
CA LEU J 86 -35.10 12.14 9.30
C LEU J 86 -35.79 13.23 8.49
N ARG J 87 -35.68 13.12 7.17
CA ARG J 87 -36.22 14.09 6.23
C ARG J 87 -37.10 13.39 5.21
N ALA J 88 -37.87 14.19 4.47
CA ALA J 88 -38.75 13.63 3.44
C ALA J 88 -37.95 12.98 2.32
N GLU J 89 -36.68 13.37 2.16
CA GLU J 89 -35.81 12.76 1.17
C GLU J 89 -35.37 11.35 1.54
N ASP J 90 -35.63 10.92 2.78
CA ASP J 90 -35.20 9.62 3.25
C ASP J 90 -36.25 8.53 3.06
N THR J 91 -37.41 8.87 2.51
CA THR J 91 -38.44 7.87 2.25
C THR J 91 -37.99 6.94 1.15
N ALA J 92 -37.87 5.66 1.46
CA ALA J 92 -37.34 4.68 0.52
C ALA J 92 -37.44 3.28 1.11
N VAL J 93 -37.10 2.29 0.28
CA VAL J 93 -36.86 0.93 0.74
C VAL J 93 -35.38 0.81 1.07
N TYR J 94 -35.08 0.32 2.26
CA TYR J 94 -33.70 0.17 2.72
C TYR J 94 -33.30 -1.29 2.64
N TYR J 95 -32.24 -1.57 1.89
CA TYR J 95 -31.77 -2.92 1.65
C TYR J 95 -30.49 -3.18 2.44
N CYS J 96 -30.43 -4.35 3.06
CA CYS J 96 -29.23 -4.84 3.73
C CYS J 96 -28.47 -5.72 2.75
N ALA J 97 -27.20 -5.37 2.49
CA ALA J 97 -26.44 -6.02 1.45
C ALA J 97 -25.08 -6.47 1.97
N ARG J 98 -24.61 -7.60 1.45
CA ARG J 98 -23.31 -8.15 1.84
C ARG J 98 -22.26 -7.81 0.80
N ASP J 99 -21.04 -7.54 1.26
CA ASP J 99 -19.95 -7.24 0.36
C ASP J 99 -19.39 -8.54 -0.22
N GLY J 100 -19.55 -8.73 -1.52
CA GLY J 100 -19.17 -9.98 -2.15
C GLY J 100 -17.75 -9.98 -2.69
N ALA J 101 -16.80 -9.55 -1.88
CA ALA J 101 -15.40 -9.60 -2.26
C ALA J 101 -14.79 -10.91 -1.81
N ASP J 102 -13.90 -11.45 -2.64
CA ASP J 102 -13.07 -12.55 -2.21
C ASP J 102 -12.19 -12.08 -1.06
N TYR J 103 -11.87 -13.02 -0.16
CA TYR J 103 -11.17 -12.65 1.06
C TYR J 103 -9.78 -12.08 0.80
N PHE J 104 -9.34 -12.08 -0.46
CA PHE J 104 -8.07 -11.49 -0.86
C PHE J 104 -8.22 -10.57 -2.07
N ASP J 105 -9.41 -9.99 -2.24
CA ASP J 105 -9.69 -9.16 -3.41
C ASP J 105 -9.03 -7.79 -3.35
N SER J 106 -8.72 -7.29 -2.15
CA SER J 106 -7.94 -6.07 -1.95
C SER J 106 -8.71 -4.79 -2.28
N THR J 107 -9.93 -4.91 -2.82
CA THR J 107 -10.71 -3.73 -3.18
C THR J 107 -12.19 -3.82 -2.85
N GLY J 108 -12.66 -4.85 -2.17
CA GLY J 108 -14.10 -4.91 -1.99
C GLY J 108 -14.81 -5.31 -3.27
N GLY J 109 -16.00 -5.88 -3.09
CA GLY J 109 -16.73 -6.40 -4.23
C GLY J 109 -18.13 -5.84 -4.39
N ALA J 110 -18.92 -6.49 -5.25
CA ALA J 110 -20.29 -6.08 -5.47
C ALA J 110 -21.16 -6.51 -4.30
N PHE J 111 -22.42 -6.11 -4.31
CA PHE J 111 -23.38 -6.49 -3.28
C PHE J 111 -23.91 -7.88 -3.61
N ASP J 112 -23.24 -8.90 -3.09
CA ASP J 112 -23.51 -10.30 -3.37
C ASP J 112 -24.92 -10.72 -2.98
N ILE J 113 -25.30 -10.45 -1.74
CA ILE J 113 -26.57 -10.89 -1.17
C ILE J 113 -27.34 -9.68 -0.71
N TRP J 114 -28.63 -9.64 -1.04
CA TRP J 114 -29.51 -8.55 -0.64
C TRP J 114 -30.61 -9.10 0.25
N GLY J 115 -31.18 -8.23 1.07
CA GLY J 115 -32.36 -8.57 1.85
C GLY J 115 -33.63 -8.36 1.06
N GLN J 116 -34.76 -8.62 1.72
CA GLN J 116 -36.04 -8.38 1.07
C GLN J 116 -36.36 -6.90 1.02
N GLY J 117 -35.79 -6.11 1.93
CA GLY J 117 -36.05 -4.68 1.99
C GLY J 117 -37.14 -4.32 2.98
N THR J 118 -36.95 -3.18 3.63
CA THR J 118 -37.94 -2.65 4.57
C THR J 118 -38.25 -1.21 4.19
N MET J 119 -39.54 -0.86 4.25
CA MET J 119 -40.02 0.44 3.82
C MET J 119 -39.98 1.45 4.96
N VAL J 120 -39.38 2.61 4.70
CA VAL J 120 -39.34 3.71 5.65
C VAL J 120 -40.07 4.89 5.02
N ILE J 121 -41.16 5.32 5.67
CA ILE J 121 -41.98 6.43 5.21
C ILE J 121 -41.78 7.59 6.17
N VAL J 122 -41.25 8.70 5.67
CA VAL J 122 -41.01 9.89 6.47
C VAL J 122 -41.98 10.97 6.00
N SER J 123 -43.06 11.15 6.75
CA SER J 123 -44.09 12.13 6.40
C SER J 123 -44.97 12.37 7.62
N SER J 124 -45.83 13.38 7.50
CA SER J 124 -46.78 13.71 8.55
C SER J 124 -48.21 13.45 8.08
N ILE K 2 -16.79 12.14 -7.70
CA ILE K 2 -17.96 11.30 -7.94
C ILE K 2 -17.89 10.70 -9.34
N VAL K 3 -17.96 9.37 -9.42
CA VAL K 3 -17.94 8.66 -10.70
C VAL K 3 -19.40 8.45 -11.09
N MET K 4 -19.85 9.22 -12.09
CA MET K 4 -21.24 9.13 -12.52
C MET K 4 -21.37 8.08 -13.61
N THR K 5 -22.44 7.28 -13.53
CA THR K 5 -22.63 6.13 -14.41
C THR K 5 -23.86 6.37 -15.28
N GLN K 6 -23.71 6.14 -16.59
CA GLN K 6 -24.77 6.41 -17.56
C GLN K 6 -25.14 5.13 -18.30
N SER K 7 -26.43 4.96 -18.55
CA SER K 7 -26.98 3.81 -19.27
C SER K 7 -28.10 4.27 -20.19
N PRO K 8 -28.35 3.53 -21.28
CA PRO K 8 -29.49 3.83 -22.14
C PRO K 8 -30.82 3.71 -21.39
N ALA K 9 -31.80 4.56 -21.74
CA ALA K 9 -33.02 4.64 -20.94
C ALA K 9 -33.88 3.40 -21.10
N THR K 10 -34.35 3.11 -22.31
CA THR K 10 -35.24 1.98 -22.53
C THR K 10 -34.75 1.18 -23.73
N LEU K 11 -35.18 -0.06 -23.80
CA LEU K 11 -34.69 -1.00 -24.79
C LEU K 11 -35.76 -2.05 -25.05
N SER K 12 -36.23 -2.12 -26.29
CA SER K 12 -37.36 -2.98 -26.66
C SER K 12 -36.87 -4.12 -27.53
N VAL K 13 -36.98 -5.34 -27.01
CA VAL K 13 -36.60 -6.55 -27.73
C VAL K 13 -37.64 -7.63 -27.47
N SER K 14 -38.02 -8.35 -28.54
CA SER K 14 -38.94 -9.47 -28.46
C SER K 14 -38.22 -10.71 -27.91
N PRO K 15 -38.98 -11.67 -27.36
CA PRO K 15 -38.33 -12.86 -26.79
C PRO K 15 -37.53 -13.62 -27.83
N GLY K 16 -36.42 -14.20 -27.40
CA GLY K 16 -35.56 -14.99 -28.23
C GLY K 16 -34.45 -14.23 -28.93
N GLU K 17 -34.56 -12.91 -29.01
CA GLU K 17 -33.53 -12.11 -29.65
C GLU K 17 -32.43 -11.75 -28.66
N ARG K 18 -31.51 -10.90 -29.10
CA ARG K 18 -30.36 -10.51 -28.31
C ARG K 18 -30.46 -9.04 -27.90
N ALA K 19 -30.18 -8.77 -26.64
CA ALA K 19 -30.18 -7.41 -26.09
C ALA K 19 -28.76 -7.05 -25.68
N THR K 20 -28.34 -5.82 -26.00
CA THR K 20 -27.03 -5.31 -25.63
C THR K 20 -27.24 -4.02 -24.82
N LEU K 21 -26.87 -4.06 -23.55
CA LEU K 21 -26.99 -2.90 -22.69
C LEU K 21 -25.63 -2.22 -22.53
N SER K 22 -25.65 -0.90 -22.42
CA SER K 22 -24.43 -0.13 -22.37
C SER K 22 -24.29 0.55 -21.00
N CYS K 23 -23.06 0.90 -20.67
CA CYS K 23 -22.74 1.53 -19.39
C CYS K 23 -21.45 2.30 -19.54
N ARG K 24 -21.45 3.56 -19.13
CA ARG K 24 -20.30 4.44 -19.27
C ARG K 24 -19.94 5.04 -17.92
N ALA K 25 -18.65 5.03 -17.60
CA ALA K 25 -18.15 5.57 -16.34
C ALA K 25 -17.40 6.88 -16.59
N SER K 26 -17.72 7.89 -15.78
CA SER K 26 -17.13 9.21 -15.98
C SER K 26 -15.63 9.21 -15.69
N GLN K 27 -15.19 8.36 -14.75
CA GLN K 27 -13.77 8.11 -14.57
C GLN K 27 -13.45 6.64 -14.82
N SER K 28 -12.20 6.25 -14.62
CA SER K 28 -11.74 4.89 -14.91
C SER K 28 -12.18 3.96 -13.79
N VAL K 29 -12.92 2.92 -14.16
CA VAL K 29 -13.30 1.85 -13.24
C VAL K 29 -12.66 0.57 -13.75
N SER K 30 -11.61 0.12 -13.08
CA SER K 30 -10.80 -0.99 -13.58
C SER K 30 -11.45 -2.34 -13.30
N SER K 31 -12.44 -2.72 -14.12
CA SER K 31 -13.15 -3.99 -13.97
C SER K 31 -13.74 -4.13 -12.57
N ASN K 32 -14.23 -3.01 -12.05
CA ASN K 32 -14.85 -2.97 -10.74
C ASN K 32 -16.32 -2.63 -10.91
N LEU K 33 -16.97 -3.28 -11.88
CA LEU K 33 -18.33 -2.95 -12.27
C LEU K 33 -19.24 -4.14 -12.07
N ALA K 34 -20.49 -3.87 -11.69
CA ALA K 34 -21.47 -4.90 -11.43
C ALA K 34 -22.77 -4.60 -12.16
N TRP K 35 -23.50 -5.66 -12.50
CA TRP K 35 -24.81 -5.56 -13.12
C TRP K 35 -25.83 -6.25 -12.23
N TYR K 36 -27.00 -5.62 -12.07
CA TYR K 36 -28.07 -6.15 -11.23
C TYR K 36 -29.36 -6.19 -12.03
N GLN K 37 -30.21 -7.15 -11.67
CA GLN K 37 -31.54 -7.31 -12.26
C GLN K 37 -32.58 -7.08 -11.17
N GLN K 38 -33.47 -6.11 -11.40
CA GLN K 38 -34.53 -5.82 -10.45
C GLN K 38 -35.87 -5.87 -11.16
N LYS K 39 -36.72 -6.74 -10.72
CA LYS K 39 -38.11 -6.81 -11.14
C LYS K 39 -38.98 -5.98 -10.21
N PRO K 40 -40.10 -5.44 -10.69
CA PRO K 40 -40.93 -4.58 -9.84
C PRO K 40 -41.37 -5.30 -8.57
N GLY K 41 -41.28 -4.60 -7.45
CA GLY K 41 -41.67 -5.14 -6.17
C GLY K 41 -40.69 -6.09 -5.52
N GLN K 42 -39.49 -6.24 -6.08
CA GLN K 42 -38.51 -7.18 -5.56
C GLN K 42 -37.15 -6.50 -5.41
N ALA K 43 -36.28 -7.14 -4.62
CA ALA K 43 -34.96 -6.61 -4.37
C ALA K 43 -34.04 -6.86 -5.56
N PRO K 44 -32.97 -6.07 -5.70
CA PRO K 44 -32.01 -6.31 -6.78
C PRO K 44 -31.33 -7.67 -6.64
N ARG K 45 -30.85 -8.18 -7.77
CA ARG K 45 -30.18 -9.47 -7.84
C ARG K 45 -28.90 -9.32 -8.65
N LEU K 46 -27.77 -9.66 -8.06
CA LEU K 46 -26.49 -9.53 -8.75
C LEU K 46 -26.42 -10.51 -9.92
N LEU K 47 -25.96 -10.00 -11.07
CA LEU K 47 -25.75 -10.82 -12.25
C LEU K 47 -24.28 -10.98 -12.60
N ILE K 48 -23.57 -9.86 -12.77
CA ILE K 48 -22.17 -9.86 -13.18
C ILE K 48 -21.37 -9.04 -12.18
N TYR K 49 -20.18 -9.51 -11.84
CA TYR K 49 -19.24 -8.74 -11.05
C TYR K 49 -17.87 -8.85 -11.68
N GLY K 50 -17.01 -7.87 -11.40
CA GLY K 50 -15.76 -7.78 -12.12
C GLY K 50 -15.91 -7.46 -13.59
N ALA K 51 -17.11 -7.04 -14.01
CA ALA K 51 -17.47 -6.63 -15.36
C ALA K 51 -17.56 -7.80 -16.33
N SER K 52 -17.13 -8.99 -15.91
CA SER K 52 -17.23 -10.16 -16.77
C SER K 52 -17.63 -11.45 -16.07
N THR K 53 -17.55 -11.53 -14.74
CA THR K 53 -17.77 -12.79 -14.03
C THR K 53 -19.24 -12.91 -13.66
N ARG K 54 -19.85 -14.04 -14.03
CA ARG K 54 -21.22 -14.31 -13.64
C ARG K 54 -21.31 -14.70 -12.17
N ALA K 55 -22.47 -14.44 -11.57
CA ALA K 55 -22.70 -14.85 -10.20
C ALA K 55 -22.97 -16.35 -10.13
N THR K 56 -23.29 -16.84 -8.94
CA THR K 56 -23.42 -18.27 -8.70
C THR K 56 -24.52 -18.92 -9.53
N GLY K 57 -25.77 -18.53 -9.30
CA GLY K 57 -26.89 -19.16 -9.97
C GLY K 57 -27.43 -18.39 -11.17
N ILE K 58 -26.54 -17.92 -12.03
CA ILE K 58 -26.91 -17.08 -13.18
C ILE K 58 -26.70 -17.88 -14.45
N PRO K 59 -27.71 -17.99 -15.32
CA PRO K 59 -27.53 -18.76 -16.55
C PRO K 59 -26.53 -18.11 -17.49
N ALA K 60 -26.00 -18.93 -18.40
CA ALA K 60 -24.91 -18.49 -19.27
C ALA K 60 -25.37 -17.49 -20.32
N ARG K 61 -26.68 -17.25 -20.45
CA ARG K 61 -27.16 -16.31 -21.44
C ARG K 61 -26.88 -14.86 -21.06
N PHE K 62 -26.41 -14.61 -19.84
CA PHE K 62 -25.98 -13.29 -19.42
C PHE K 62 -24.46 -13.21 -19.52
N SER K 63 -23.96 -12.14 -20.12
CA SER K 63 -22.52 -11.95 -20.27
C SER K 63 -22.21 -10.46 -20.25
N GLY K 64 -21.05 -10.10 -19.67
CA GLY K 64 -20.60 -8.74 -19.65
C GLY K 64 -19.13 -8.65 -20.08
N SER K 65 -18.75 -7.47 -20.56
CA SER K 65 -17.39 -7.25 -21.03
C SER K 65 -17.08 -5.77 -20.91
N GLY K 66 -15.80 -5.46 -20.94
CA GLY K 66 -15.32 -4.09 -20.91
C GLY K 66 -14.44 -3.82 -19.70
N SER K 67 -13.74 -2.71 -19.75
CA SER K 67 -12.95 -2.21 -18.63
C SER K 67 -12.71 -0.73 -18.84
N GLY K 68 -12.18 -0.08 -17.81
CA GLY K 68 -11.92 1.34 -17.89
C GLY K 68 -13.18 2.16 -17.72
N THR K 69 -13.68 2.73 -18.81
CA THR K 69 -14.83 3.62 -18.75
C THR K 69 -16.02 3.17 -19.58
N GLU K 70 -15.90 2.09 -20.36
CA GLU K 70 -17.00 1.61 -21.20
C GLU K 70 -17.26 0.14 -20.89
N PHE K 71 -18.51 -0.20 -20.64
CA PHE K 71 -18.94 -1.55 -20.28
C PHE K 71 -20.24 -1.89 -20.99
N THR K 72 -20.44 -3.19 -21.23
CA THR K 72 -21.64 -3.65 -21.89
C THR K 72 -22.15 -4.93 -21.22
N LEU K 73 -23.47 -5.08 -21.22
CA LEU K 73 -24.14 -6.30 -20.76
C LEU K 73 -24.89 -6.89 -21.94
N THR K 74 -24.59 -8.15 -22.26
CA THR K 74 -25.17 -8.81 -23.41
C THR K 74 -26.03 -9.97 -22.95
N ILE K 75 -27.26 -10.01 -23.42
CA ILE K 75 -28.19 -11.12 -23.16
C ILE K 75 -28.49 -11.81 -24.49
N SER K 76 -28.21 -13.10 -24.54
CA SER K 76 -28.47 -13.92 -25.72
C SER K 76 -29.66 -14.83 -25.46
N SER K 77 -30.49 -15.04 -26.48
CA SER K 77 -31.71 -15.84 -26.37
C SER K 77 -32.59 -15.33 -25.23
N LEU K 78 -33.08 -14.10 -25.40
CA LEU K 78 -33.90 -13.46 -24.38
C LEU K 78 -35.11 -14.29 -24.03
N GLN K 79 -35.36 -14.45 -22.73
CA GLN K 79 -36.45 -15.26 -22.24
C GLN K 79 -37.55 -14.38 -21.63
N SER K 80 -38.59 -15.03 -21.12
CA SER K 80 -39.67 -14.31 -20.46
C SER K 80 -39.30 -13.88 -19.05
N GLU K 81 -38.28 -14.50 -18.45
CA GLU K 81 -37.80 -14.12 -17.13
C GLU K 81 -36.85 -12.93 -17.17
N ASP K 82 -36.34 -12.57 -18.35
CA ASP K 82 -35.30 -11.56 -18.48
C ASP K 82 -35.86 -10.16 -18.66
N PHE K 83 -37.18 -9.98 -18.55
CA PHE K 83 -37.80 -8.68 -18.71
C PHE K 83 -37.85 -7.99 -17.37
N ALA K 84 -36.93 -7.05 -17.15
CA ALA K 84 -36.80 -6.33 -15.88
C ALA K 84 -35.91 -5.13 -16.11
N THR K 85 -35.71 -4.37 -15.04
CA THR K 85 -34.78 -3.24 -15.07
C THR K 85 -33.40 -3.73 -14.68
N TYR K 86 -32.38 -3.31 -15.43
CA TYR K 86 -31.01 -3.73 -15.21
C TYR K 86 -30.18 -2.51 -14.84
N TYR K 87 -29.46 -2.60 -13.73
CA TYR K 87 -28.70 -1.50 -13.18
C TYR K 87 -27.21 -1.73 -13.36
N CYS K 88 -26.47 -0.64 -13.50
CA CYS K 88 -25.02 -0.66 -13.59
C CYS K 88 -24.45 0.01 -12.35
N GLN K 89 -23.48 -0.65 -11.71
CA GLN K 89 -22.87 -0.10 -10.51
C GLN K 89 -21.35 -0.23 -10.59
N GLN K 90 -20.66 0.83 -10.20
CA GLN K 90 -19.22 0.80 -9.98
C GLN K 90 -18.93 0.68 -8.50
N TYR K 91 -17.83 0.00 -8.17
CA TYR K 91 -17.37 -0.03 -6.78
C TYR K 91 -15.86 0.18 -6.70
N LYS K 92 -15.34 1.19 -7.41
CA LYS K 92 -13.92 1.51 -7.41
C LYS K 92 -13.60 2.73 -6.55
N THR K 93 -14.35 3.83 -6.71
CA THR K 93 -14.15 5.04 -5.91
C THR K 93 -15.18 5.14 -4.80
N TRP K 94 -16.46 5.00 -5.14
CA TRP K 94 -17.51 4.85 -4.15
C TRP K 94 -18.47 3.81 -4.68
N TRP K 95 -19.68 3.74 -4.14
CA TRP K 95 -20.68 2.80 -4.63
C TRP K 95 -21.80 3.61 -5.27
N THR K 96 -21.66 3.86 -6.57
CA THR K 96 -22.64 4.64 -7.33
C THR K 96 -23.27 3.76 -8.40
N PHE K 97 -24.58 3.91 -8.57
CA PHE K 97 -25.38 3.12 -9.49
C PHE K 97 -25.71 3.92 -10.73
N GLY K 98 -26.03 3.19 -11.80
CA GLY K 98 -26.67 3.80 -12.96
C GLY K 98 -28.16 3.93 -12.75
N GLN K 99 -28.80 4.66 -13.65
CA GLN K 99 -30.23 4.90 -13.52
C GLN K 99 -31.07 3.77 -14.08
N GLY K 100 -30.46 2.78 -14.73
CA GLY K 100 -31.17 1.58 -15.11
C GLY K 100 -31.65 1.62 -16.54
N THR K 101 -31.77 0.43 -17.14
CA THR K 101 -32.33 0.25 -18.46
C THR K 101 -33.42 -0.80 -18.38
N LYS K 102 -34.64 -0.42 -18.77
CA LYS K 102 -35.77 -1.33 -18.68
C LYS K 102 -35.89 -2.14 -19.97
N VAL K 103 -36.01 -3.45 -19.82
CA VAL K 103 -36.19 -4.35 -20.95
C VAL K 103 -37.68 -4.70 -21.03
N GLU K 104 -38.30 -4.38 -22.16
CA GLU K 104 -39.73 -4.56 -22.36
C GLU K 104 -39.98 -5.38 -23.62
N ILE K 105 -41.05 -6.19 -23.58
CA ILE K 105 -41.40 -7.03 -24.72
C ILE K 105 -41.81 -6.15 -25.89
N LYS K 106 -41.28 -6.46 -27.07
CA LYS K 106 -41.56 -5.70 -28.27
C LYS K 106 -42.96 -6.01 -28.80
N GLN L 1 0.17 -35.61 26.49
CA GLN L 1 -1.21 -36.05 26.56
C GLN L 1 -2.13 -35.14 25.77
N VAL L 2 -1.57 -34.44 24.79
CA VAL L 2 -2.35 -33.62 23.88
C VAL L 2 -3.01 -34.55 22.86
N GLN L 3 -4.28 -34.84 23.08
CA GLN L 3 -4.99 -35.84 22.31
C GLN L 3 -6.23 -35.26 21.64
N LEU L 4 -6.49 -35.72 20.42
CA LEU L 4 -7.71 -35.42 19.70
C LEU L 4 -8.30 -36.74 19.21
N VAL L 5 -9.57 -36.98 19.52
CA VAL L 5 -10.23 -38.24 19.20
C VAL L 5 -11.46 -37.93 18.36
N GLU L 6 -11.39 -38.25 17.07
CA GLU L 6 -12.55 -38.09 16.19
C GLU L 6 -13.55 -39.23 16.41
N SER L 7 -14.81 -38.93 16.14
CA SER L 7 -15.87 -39.92 16.25
C SER L 7 -16.99 -39.53 15.29
N GLY L 8 -18.02 -40.37 15.23
CA GLY L 8 -19.17 -40.09 14.41
C GLY L 8 -19.05 -40.48 12.95
N GLY L 9 -18.01 -41.19 12.57
CA GLY L 9 -17.86 -41.66 11.20
C GLY L 9 -18.74 -42.86 10.93
N GLY L 10 -18.68 -43.31 9.68
CA GLY L 10 -19.44 -44.47 9.26
C GLY L 10 -19.83 -44.36 7.80
N VAL L 11 -20.84 -45.15 7.42
CA VAL L 11 -21.31 -45.24 6.05
C VAL L 11 -22.65 -44.52 5.95
N VAL L 12 -22.74 -43.60 4.99
CA VAL L 12 -23.95 -42.81 4.75
C VAL L 12 -24.16 -42.70 3.25
N GLN L 13 -25.42 -42.77 2.83
CA GLN L 13 -25.76 -42.67 1.43
C GLN L 13 -25.81 -41.21 0.98
N PRO L 14 -25.60 -40.95 -0.30
CA PRO L 14 -25.56 -39.56 -0.78
C PRO L 14 -26.86 -38.82 -0.51
N GLY L 15 -26.74 -37.54 -0.20
CA GLY L 15 -27.87 -36.67 0.04
C GLY L 15 -28.28 -36.57 1.50
N ARG L 16 -27.76 -37.43 2.36
CA ARG L 16 -28.12 -37.41 3.77
C ARG L 16 -27.04 -36.68 4.58
N SER L 17 -27.36 -36.41 5.84
CA SER L 17 -26.51 -35.63 6.72
C SER L 17 -25.82 -36.51 7.75
N LEU L 18 -24.60 -36.10 8.11
CA LEU L 18 -23.81 -36.78 9.13
C LEU L 18 -23.13 -35.72 9.99
N ARG L 19 -22.84 -36.07 11.25
CA ARG L 19 -22.20 -35.15 12.18
C ARG L 19 -20.95 -35.81 12.75
N LEU L 20 -19.81 -35.14 12.62
CA LEU L 20 -18.55 -35.61 13.18
C LEU L 20 -18.25 -34.87 14.47
N SER L 21 -17.48 -35.53 15.34
CA SER L 21 -17.11 -34.97 16.63
C SER L 21 -15.61 -35.12 16.83
N CYS L 22 -15.05 -34.28 17.68
CA CYS L 22 -13.62 -34.31 18.01
C CYS L 22 -13.46 -33.88 19.46
N ALA L 23 -13.17 -34.83 20.34
CA ALA L 23 -12.98 -34.55 21.75
C ALA L 23 -11.52 -34.26 22.04
N ALA L 24 -11.28 -33.13 22.70
CA ALA L 24 -9.94 -32.65 22.99
C ALA L 24 -9.62 -32.79 24.47
N SER L 25 -8.37 -33.15 24.76
CA SER L 25 -7.90 -33.27 26.13
C SER L 25 -6.39 -33.06 26.15
N GLY L 26 -5.91 -32.51 27.27
CA GLY L 26 -4.50 -32.26 27.45
C GLY L 26 -4.04 -30.86 27.10
N PHE L 27 -4.96 -29.95 26.78
CA PHE L 27 -4.62 -28.56 26.49
C PHE L 27 -5.87 -27.72 26.68
N SER L 28 -5.68 -26.40 26.69
CA SER L 28 -6.79 -25.47 26.82
C SER L 28 -7.49 -25.34 25.48
N PHE L 29 -8.52 -26.16 25.27
CA PHE L 29 -9.22 -26.21 23.99
C PHE L 29 -9.87 -24.89 23.64
N SER L 30 -10.24 -24.09 24.64
CA SER L 30 -10.96 -22.84 24.42
C SER L 30 -10.09 -21.72 23.88
N THR L 31 -8.77 -21.88 23.86
CA THR L 31 -7.88 -20.83 23.37
C THR L 31 -7.27 -21.12 22.02
N TYR L 32 -7.67 -22.21 21.35
CA TYR L 32 -7.11 -22.60 20.08
C TYR L 32 -8.17 -22.63 18.99
N GLY L 33 -7.79 -22.16 17.81
CA GLY L 33 -8.58 -22.38 16.61
C GLY L 33 -8.38 -23.79 16.11
N MET L 34 -9.44 -24.39 15.59
CA MET L 34 -9.43 -25.80 15.23
C MET L 34 -9.81 -25.96 13.77
N HIS L 35 -9.16 -26.91 13.11
CA HIS L 35 -9.37 -27.18 11.70
C HIS L 35 -9.93 -28.58 11.49
N TRP L 36 -10.53 -28.80 10.33
CA TRP L 36 -10.83 -30.13 9.81
C TRP L 36 -10.05 -30.33 8.52
N VAL L 37 -9.40 -31.49 8.41
CA VAL L 37 -8.57 -31.81 7.24
C VAL L 37 -9.06 -33.14 6.68
N ARG L 38 -9.06 -33.25 5.36
CA ARG L 38 -9.66 -34.37 4.64
C ARG L 38 -8.63 -35.06 3.76
N GLN L 39 -8.71 -36.39 3.69
CA GLN L 39 -7.81 -37.17 2.84
C GLN L 39 -8.63 -38.28 2.20
N ALA L 40 -8.83 -38.16 0.88
CA ALA L 40 -9.58 -39.17 0.15
C ALA L 40 -8.75 -40.45 0.01
N PRO L 41 -9.41 -41.61 -0.08
CA PRO L 41 -8.67 -42.86 -0.23
C PRO L 41 -7.81 -42.85 -1.47
N GLY L 42 -6.49 -42.97 -1.28
CA GLY L 42 -5.54 -42.91 -2.36
C GLY L 42 -5.17 -41.51 -2.80
N LYS L 43 -5.70 -40.47 -2.16
CA LYS L 43 -5.43 -39.09 -2.51
C LYS L 43 -4.65 -38.41 -1.39
N GLY L 44 -4.38 -37.12 -1.58
CA GLY L 44 -3.62 -36.35 -0.64
C GLY L 44 -4.49 -35.75 0.46
N LEU L 45 -3.96 -34.72 1.10
CA LEU L 45 -4.62 -34.04 2.20
C LEU L 45 -5.30 -32.76 1.71
N GLU L 46 -6.53 -32.55 2.15
CA GLU L 46 -7.32 -31.39 1.77
C GLU L 46 -7.87 -30.72 3.03
N TRP L 47 -7.70 -29.40 3.11
CA TRP L 47 -8.25 -28.63 4.20
C TRP L 47 -9.74 -28.38 3.96
N VAL L 48 -10.54 -28.48 5.02
CA VAL L 48 -11.98 -28.37 4.93
C VAL L 48 -12.50 -27.10 5.60
N ALA L 49 -12.31 -26.97 6.91
CA ALA L 49 -12.97 -25.90 7.65
C ALA L 49 -12.05 -25.42 8.77
N LEU L 50 -12.29 -24.19 9.20
CA LEU L 50 -11.61 -23.58 10.33
C LEU L 50 -12.60 -22.80 11.16
N ILE L 51 -12.48 -22.90 12.48
CA ILE L 51 -13.30 -22.14 13.41
C ILE L 51 -12.38 -21.44 14.40
N TRP L 52 -12.73 -20.21 14.76
CA TRP L 52 -11.99 -19.43 15.74
C TRP L 52 -12.05 -20.10 17.11
N HIS L 53 -11.20 -19.63 18.02
CA HIS L 53 -11.17 -20.17 19.37
C HIS L 53 -12.48 -19.98 20.11
N ASP L 54 -13.20 -18.89 19.84
CA ASP L 54 -14.48 -18.62 20.49
C ASP L 54 -15.68 -19.04 19.66
N GLY L 55 -15.47 -19.55 18.46
CA GLY L 55 -16.56 -19.88 17.55
C GLY L 55 -17.08 -18.70 16.75
N SER L 56 -16.35 -17.59 16.69
CA SER L 56 -16.87 -16.40 16.02
C SER L 56 -16.77 -16.52 14.51
N LYS L 57 -15.55 -16.63 13.99
CA LYS L 57 -15.32 -16.70 12.56
C LYS L 57 -15.19 -18.15 12.12
N LYS L 58 -15.83 -18.48 11.01
CA LYS L 58 -15.77 -19.82 10.42
C LYS L 58 -15.45 -19.70 8.94
N PHE L 59 -14.55 -20.55 8.47
CA PHE L 59 -14.10 -20.54 7.09
C PHE L 59 -14.20 -21.93 6.52
N TYR L 60 -14.50 -22.02 5.23
CA TYR L 60 -14.75 -23.31 4.58
C TYR L 60 -14.07 -23.34 3.22
N SER L 61 -13.76 -24.55 2.78
CA SER L 61 -13.25 -24.75 1.42
C SER L 61 -14.38 -24.58 0.41
N GLU L 62 -13.99 -24.27 -0.83
CA GLU L 62 -14.99 -24.04 -1.87
C GLU L 62 -15.80 -25.30 -2.14
N SER L 63 -15.20 -26.47 -1.94
CA SER L 63 -15.89 -27.72 -2.25
C SER L 63 -16.91 -28.09 -1.17
N VAL L 64 -16.80 -27.49 0.02
CA VAL L 64 -17.69 -27.82 1.13
C VAL L 64 -18.52 -26.64 1.58
N ARG L 65 -18.21 -25.42 1.12
CA ARG L 65 -18.92 -24.24 1.57
C ARG L 65 -20.39 -24.31 1.19
N GLY L 66 -21.25 -23.98 2.14
CA GLY L 66 -22.69 -24.09 1.95
C GLY L 66 -23.28 -25.39 2.42
N ARG L 67 -22.52 -26.48 2.27
CA ARG L 67 -23.02 -27.79 2.67
C ARG L 67 -22.57 -28.15 4.08
N PHE L 68 -21.31 -27.84 4.42
CA PHE L 68 -20.74 -28.20 5.70
C PHE L 68 -20.83 -27.02 6.66
N THR L 69 -20.90 -27.33 7.96
CA THR L 69 -20.94 -26.32 9.01
C THR L 69 -20.07 -26.78 10.18
N ILE L 70 -19.14 -25.92 10.58
CA ILE L 70 -18.22 -26.22 11.67
C ILE L 70 -18.68 -25.47 12.92
N SER L 71 -18.70 -26.17 14.04
CA SER L 71 -19.12 -25.58 15.31
C SER L 71 -18.36 -26.25 16.44
N ARG L 72 -18.30 -25.55 17.57
CA ARG L 72 -17.59 -26.04 18.74
C ARG L 72 -18.38 -25.70 19.99
N ASP L 73 -18.12 -26.46 21.05
CA ASP L 73 -18.66 -26.16 22.38
C ASP L 73 -17.51 -26.30 23.36
N ASN L 74 -16.97 -25.16 23.80
CA ASN L 74 -15.76 -25.17 24.62
C ASN L 74 -16.01 -25.74 26.01
N SER L 75 -17.28 -25.95 26.38
CA SER L 75 -17.58 -26.47 27.71
C SER L 75 -17.06 -27.88 27.90
N MET L 76 -17.37 -28.78 26.97
CA MET L 76 -16.88 -30.16 27.05
C MET L 76 -15.70 -30.43 26.14
N ASP L 77 -15.09 -29.39 25.56
CA ASP L 77 -13.86 -29.52 24.78
C ASP L 77 -14.07 -30.39 23.55
N THR L 78 -15.16 -30.19 22.84
CA THR L 78 -15.51 -31.00 21.68
C THR L 78 -15.73 -30.13 20.45
N LEU L 79 -15.12 -30.52 19.34
CA LEU L 79 -15.29 -29.87 18.05
C LEU L 79 -16.25 -30.67 17.20
N TYR L 80 -17.09 -29.97 16.43
CA TYR L 80 -18.11 -30.62 15.62
C TYR L 80 -17.95 -30.24 14.16
N LEU L 81 -18.40 -31.14 13.28
CA LEU L 81 -18.50 -30.89 11.85
C LEU L 81 -19.82 -31.47 11.37
N GLN L 82 -20.71 -30.60 10.89
CA GLN L 82 -22.01 -31.01 10.38
C GLN L 82 -21.94 -31.02 8.86
N MET L 83 -22.00 -32.21 8.28
CA MET L 83 -21.92 -32.39 6.83
C MET L 83 -23.29 -32.83 6.33
N SER L 84 -23.89 -32.00 5.48
CA SER L 84 -25.20 -32.28 4.91
C SER L 84 -25.10 -32.33 3.38
N SER L 85 -26.09 -32.99 2.77
CA SER L 85 -26.13 -33.19 1.32
C SER L 85 -24.84 -33.82 0.82
N LEU L 86 -24.44 -34.91 1.49
CA LEU L 86 -23.16 -35.53 1.22
C LEU L 86 -23.11 -36.14 -0.17
N ARG L 87 -21.93 -36.09 -0.78
CA ARG L 87 -21.71 -36.57 -2.14
C ARG L 87 -20.60 -37.62 -2.13
N ALA L 88 -20.48 -38.35 -3.24
CA ALA L 88 -19.50 -39.42 -3.31
C ALA L 88 -18.07 -38.90 -3.19
N GLU L 89 -17.84 -37.64 -3.60
CA GLU L 89 -16.53 -37.03 -3.45
C GLU L 89 -16.16 -36.80 -2.00
N ASP L 90 -17.14 -36.82 -1.08
CA ASP L 90 -16.89 -36.57 0.33
C ASP L 90 -16.38 -37.79 1.07
N THR L 91 -16.28 -38.94 0.42
CA THR L 91 -15.75 -40.14 1.07
C THR L 91 -14.26 -39.98 1.31
N ALA L 92 -13.85 -40.01 2.57
CA ALA L 92 -12.46 -39.75 2.94
C ALA L 92 -12.28 -40.00 4.42
N VAL L 93 -11.03 -39.85 4.88
CA VAL L 93 -10.70 -39.85 6.29
C VAL L 93 -10.63 -38.40 6.75
N TYR L 94 -11.40 -38.06 7.78
CA TYR L 94 -11.50 -36.70 8.27
C TYR L 94 -10.65 -36.56 9.53
N TYR L 95 -9.67 -35.67 9.47
CA TYR L 95 -8.76 -35.43 10.58
C TYR L 95 -9.10 -34.13 11.29
N CYS L 96 -9.20 -34.20 12.61
CA CYS L 96 -9.34 -33.04 13.47
C CYS L 96 -7.95 -32.52 13.79
N ALA L 97 -7.70 -31.25 13.49
CA ALA L 97 -6.37 -30.68 13.63
C ALA L 97 -6.41 -29.41 14.46
N ARG L 98 -5.32 -29.13 15.16
CA ARG L 98 -5.21 -27.94 15.98
C ARG L 98 -4.34 -26.91 15.28
N ASP L 99 -4.65 -25.63 15.48
CA ASP L 99 -3.84 -24.57 14.89
C ASP L 99 -2.59 -24.34 15.72
N GLY L 100 -1.43 -24.64 15.13
CA GLY L 100 -0.18 -24.54 15.86
C GLY L 100 0.51 -23.21 15.70
N ALA L 101 -0.23 -22.12 15.93
CA ALA L 101 0.32 -20.78 15.86
C ALA L 101 0.66 -20.28 17.26
N ASP L 102 1.71 -19.46 17.33
CA ASP L 102 1.97 -18.73 18.55
C ASP L 102 0.82 -17.76 18.81
N TYR L 103 0.60 -17.48 20.10
CA TYR L 103 -0.53 -16.62 20.47
C TYR L 103 -0.36 -15.20 19.95
N PHE L 104 0.84 -14.86 19.48
CA PHE L 104 1.13 -13.54 18.90
C PHE L 104 1.80 -13.66 17.54
N ASP L 105 1.49 -14.74 16.81
CA ASP L 105 2.04 -14.93 15.47
C ASP L 105 1.38 -14.04 14.43
N SER L 106 0.11 -13.67 14.62
CA SER L 106 -0.61 -12.73 13.78
C SER L 106 -0.93 -13.27 12.39
N THR L 107 -0.51 -14.51 12.09
CA THR L 107 -0.73 -15.08 10.77
C THR L 107 -1.17 -16.55 10.79
N GLY L 108 -1.49 -17.12 11.93
CA GLY L 108 -1.88 -18.52 11.91
C GLY L 108 -0.70 -19.45 11.69
N GLY L 109 -0.89 -20.70 12.08
CA GLY L 109 0.22 -21.65 12.01
C GLY L 109 -0.14 -22.97 11.38
N ALA L 110 0.81 -23.91 11.42
CA ALA L 110 0.61 -25.24 10.87
C ALA L 110 -0.28 -26.07 11.79
N PHE L 111 -0.70 -27.23 11.30
CA PHE L 111 -1.51 -28.15 12.09
C PHE L 111 -0.61 -28.93 13.03
N ASP L 112 -0.49 -28.45 14.26
CA ASP L 112 0.42 -29.02 15.26
C ASP L 112 -0.02 -30.40 15.72
N ILE L 113 -1.28 -30.56 16.07
CA ILE L 113 -1.80 -31.80 16.63
C ILE L 113 -2.91 -32.31 15.73
N TRP L 114 -2.82 -33.59 15.34
CA TRP L 114 -3.82 -34.25 14.54
C TRP L 114 -4.52 -35.31 15.37
N GLY L 115 -5.76 -35.61 15.01
CA GLY L 115 -6.52 -36.66 15.65
C GLY L 115 -6.20 -38.03 15.09
N GLN L 116 -6.90 -39.03 15.61
CA GLN L 116 -6.75 -40.39 15.09
C GLN L 116 -7.27 -40.49 13.66
N GLY L 117 -8.35 -39.78 13.35
CA GLY L 117 -8.98 -39.88 12.04
C GLY L 117 -10.17 -40.80 12.06
N THR L 118 -11.18 -40.46 11.27
CA THR L 118 -12.39 -41.25 11.15
C THR L 118 -12.78 -41.38 9.69
N MET L 119 -13.38 -42.52 9.34
CA MET L 119 -13.81 -42.79 7.98
C MET L 119 -15.26 -42.36 7.76
N VAL L 120 -15.48 -41.60 6.71
CA VAL L 120 -16.81 -41.28 6.21
C VAL L 120 -16.92 -41.88 4.81
N ILE L 121 -17.88 -42.78 4.62
CA ILE L 121 -18.07 -43.47 3.36
C ILE L 121 -19.42 -43.06 2.78
N VAL L 122 -19.39 -42.49 1.58
CA VAL L 122 -20.59 -42.02 0.90
C VAL L 122 -20.77 -42.85 -0.36
N SER L 123 -21.63 -43.86 -0.28
CA SER L 123 -21.95 -44.70 -1.43
C SER L 123 -23.25 -45.44 -1.15
N SER L 124 -23.85 -45.96 -2.22
CA SER L 124 -25.09 -46.71 -2.10
C SER L 124 -24.83 -48.21 -2.11
N ILE M 2 -5.89 -19.94 -5.94
CA ILE M 2 -5.30 -21.07 -5.24
C ILE M 2 -3.79 -21.08 -5.43
N VAL M 3 -3.06 -21.14 -4.31
CA VAL M 3 -1.60 -21.21 -4.34
C VAL M 3 -1.26 -22.70 -4.52
N MET M 4 -0.80 -23.04 -5.72
CA MET M 4 -0.47 -24.43 -6.00
C MET M 4 0.89 -24.78 -5.40
N THR M 5 0.93 -25.92 -4.71
CA THR M 5 2.14 -26.40 -4.05
C THR M 5 2.55 -27.73 -4.68
N GLN M 6 3.80 -27.82 -5.11
CA GLN M 6 4.30 -28.97 -5.86
C GLN M 6 5.54 -29.55 -5.20
N SER M 7 5.65 -30.87 -5.23
CA SER M 7 6.77 -31.61 -4.68
C SER M 7 7.24 -32.64 -5.69
N PRO M 8 8.50 -33.07 -5.61
CA PRO M 8 8.98 -34.15 -6.49
C PRO M 8 8.20 -35.44 -6.26
N ALA M 9 8.07 -36.25 -7.33
CA ALA M 9 7.16 -37.39 -7.27
C ALA M 9 7.65 -38.45 -6.30
N THR M 10 8.81 -39.05 -6.56
CA THR M 10 9.31 -40.14 -5.73
C THR M 10 10.82 -40.23 -5.89
N LEU M 11 11.48 -40.61 -4.79
CA LEU M 11 12.91 -40.87 -4.79
C LEU M 11 13.20 -42.08 -3.93
N SER M 12 14.18 -42.89 -4.34
CA SER M 12 14.56 -44.08 -3.61
C SER M 12 15.89 -43.82 -2.90
N VAL M 13 15.92 -44.01 -1.59
CA VAL M 13 17.09 -43.73 -0.77
C VAL M 13 17.38 -44.96 0.10
N SER M 14 18.66 -45.33 0.17
CA SER M 14 19.09 -46.39 1.07
C SER M 14 19.24 -45.83 2.49
N PRO M 15 19.06 -46.67 3.52
CA PRO M 15 19.23 -46.20 4.89
C PRO M 15 20.62 -45.64 5.13
N GLY M 16 20.70 -44.56 5.90
CA GLY M 16 21.94 -43.90 6.21
C GLY M 16 22.34 -42.78 5.28
N GLU M 17 21.68 -42.65 4.15
CA GLU M 17 22.00 -41.61 3.19
C GLU M 17 21.26 -40.31 3.53
N ARG M 18 21.42 -39.31 2.66
CA ARG M 18 20.77 -38.02 2.83
C ARG M 18 19.77 -37.79 1.69
N ALA M 19 18.58 -37.31 2.06
CA ALA M 19 17.52 -36.99 1.11
C ALA M 19 17.29 -35.49 1.11
N THR M 20 17.14 -34.91 -0.07
CA THR M 20 16.92 -33.47 -0.24
C THR M 20 15.60 -33.27 -0.97
N LEU M 21 14.52 -33.06 -0.22
CA LEU M 21 13.23 -32.79 -0.82
C LEU M 21 13.07 -31.30 -1.09
N SER M 22 12.18 -30.99 -2.03
CA SER M 22 11.95 -29.61 -2.45
C SER M 22 10.46 -29.35 -2.53
N CYS M 23 10.11 -28.07 -2.53
CA CYS M 23 8.72 -27.64 -2.60
C CYS M 23 8.68 -26.24 -3.19
N ARG M 24 7.93 -26.09 -4.28
CA ARG M 24 7.81 -24.81 -4.97
C ARG M 24 6.38 -24.31 -4.87
N ALA M 25 6.22 -23.03 -4.56
CA ALA M 25 4.93 -22.41 -4.39
C ALA M 25 4.59 -21.58 -5.61
N SER M 26 3.33 -21.67 -6.06
CA SER M 26 2.90 -20.91 -7.22
C SER M 26 2.99 -19.41 -6.97
N GLN M 27 2.61 -18.97 -5.77
CA GLN M 27 2.80 -17.58 -5.39
C GLN M 27 3.68 -17.48 -4.16
N SER M 28 3.97 -16.27 -3.71
CA SER M 28 4.93 -16.03 -2.64
C SER M 28 4.29 -16.30 -1.28
N VAL M 29 4.82 -17.30 -0.58
CA VAL M 29 4.41 -17.57 0.80
C VAL M 29 5.59 -17.28 1.72
N SER M 30 5.48 -16.18 2.47
CA SER M 30 6.63 -15.68 3.23
C SER M 30 6.88 -16.49 4.49
N SER M 31 7.72 -17.53 4.36
CA SER M 31 8.09 -18.42 5.47
C SER M 31 6.85 -18.92 6.22
N ASN M 32 5.84 -19.31 5.45
CA ASN M 32 4.58 -19.81 6.00
C ASN M 32 4.36 -21.23 5.51
N LEU M 33 5.40 -22.06 5.56
CA LEU M 33 5.38 -23.40 4.99
C LEU M 33 5.62 -24.44 6.07
N ALA M 34 5.04 -25.62 5.88
CA ALA M 34 5.14 -26.72 6.85
C ALA M 34 5.41 -28.03 6.12
N TRP M 35 5.98 -28.98 6.86
CA TRP M 35 6.26 -30.32 6.35
C TRP M 35 5.65 -31.36 7.27
N TYR M 36 5.06 -32.39 6.69
CA TYR M 36 4.37 -33.43 7.45
C TYR M 36 4.86 -34.80 6.99
N GLN M 37 4.91 -35.74 7.94
CA GLN M 37 5.34 -37.11 7.68
C GLN M 37 4.16 -38.04 7.95
N GLN M 38 3.77 -38.83 6.94
CA GLN M 38 2.65 -39.75 7.08
C GLN M 38 3.08 -41.14 6.64
N LYS M 39 2.77 -42.13 7.46
CA LYS M 39 2.88 -43.55 7.25
C LYS M 39 1.51 -44.16 7.00
N PRO M 40 1.42 -45.26 6.25
CA PRO M 40 0.10 -45.80 5.89
C PRO M 40 -0.71 -46.20 7.11
N GLY M 41 -2.00 -45.89 7.08
CA GLY M 41 -2.90 -46.20 8.16
C GLY M 41 -2.79 -45.31 9.37
N GLN M 42 -2.05 -44.21 9.29
CA GLN M 42 -1.81 -43.33 10.43
C GLN M 42 -2.00 -41.88 10.01
N ALA M 43 -2.29 -41.04 11.00
CA ALA M 43 -2.51 -39.63 10.75
C ALA M 43 -1.19 -38.92 10.43
N PRO M 44 -1.25 -37.79 9.73
CA PRO M 44 -0.03 -37.03 9.47
C PRO M 44 0.58 -36.49 10.76
N ARG M 45 1.87 -36.19 10.70
CA ARG M 45 2.62 -35.67 11.84
C ARG M 45 3.49 -34.51 11.38
N LEU M 46 3.40 -33.39 12.09
CA LEU M 46 4.16 -32.20 11.71
C LEU M 46 5.65 -32.40 11.99
N LEU M 47 6.49 -31.95 11.06
CA LEU M 47 7.93 -31.98 11.22
C LEU M 47 8.54 -30.59 11.32
N ILE M 48 8.31 -29.74 10.33
CA ILE M 48 8.88 -28.41 10.26
C ILE M 48 7.76 -27.41 10.06
N TYR M 49 7.83 -26.28 10.77
CA TYR M 49 6.90 -25.19 10.55
C TYR M 49 7.68 -23.88 10.50
N GLY M 50 7.11 -22.90 9.82
CA GLY M 50 7.81 -21.67 9.55
C GLY M 50 8.93 -21.80 8.54
N ALA M 51 9.01 -22.94 7.84
CA ALA M 51 9.97 -23.23 6.78
C ALA M 51 11.37 -23.50 7.32
N SER M 52 11.58 -23.31 8.63
CA SER M 52 12.88 -23.61 9.22
C SER M 52 12.83 -24.21 10.62
N THR M 53 11.71 -24.12 11.33
CA THR M 53 11.65 -24.50 12.74
C THR M 53 11.13 -25.93 12.87
N ARG M 54 11.86 -26.76 13.60
CA ARG M 54 11.45 -28.14 13.83
C ARG M 54 10.31 -28.19 14.85
N ALA M 55 9.55 -29.28 14.81
CA ALA M 55 8.52 -29.53 15.80
C ALA M 55 9.17 -29.90 17.13
N THR M 56 8.34 -30.16 18.14
CA THR M 56 8.82 -30.43 19.49
C THR M 56 9.69 -31.68 19.56
N GLY M 57 9.11 -32.85 19.29
CA GLY M 57 9.83 -34.10 19.39
C GLY M 57 10.39 -34.61 18.08
N ILE M 58 11.04 -33.75 17.31
CA ILE M 58 11.55 -34.09 15.99
C ILE M 58 13.08 -34.11 16.07
N PRO M 59 13.74 -35.14 15.54
CA PRO M 59 15.20 -35.21 15.63
C PRO M 59 15.87 -34.19 14.73
N ALA M 60 17.14 -33.91 15.03
CA ALA M 60 17.86 -32.86 14.32
C ALA M 60 18.20 -33.23 12.89
N ARG M 61 18.00 -34.50 12.50
CA ARG M 61 18.31 -34.90 11.13
C ARG M 61 17.34 -34.30 10.11
N PHE M 62 16.18 -33.84 10.55
CA PHE M 62 15.23 -33.15 9.69
C PHE M 62 15.56 -31.67 9.67
N SER M 63 15.56 -31.06 8.48
CA SER M 63 15.89 -29.65 8.36
C SER M 63 15.20 -29.07 7.13
N GLY M 64 14.74 -27.82 7.24
CA GLY M 64 14.18 -27.10 6.12
C GLY M 64 14.69 -25.66 6.09
N SER M 65 14.60 -25.06 4.91
CA SER M 65 15.07 -23.69 4.72
C SER M 65 14.40 -23.10 3.49
N GLY M 66 14.50 -21.78 3.37
CA GLY M 66 13.96 -21.05 2.24
C GLY M 66 12.83 -20.13 2.64
N SER M 67 12.47 -19.24 1.72
CA SER M 67 11.34 -18.34 1.90
C SER M 67 10.94 -17.80 0.53
N GLY M 68 9.75 -17.23 0.47
CA GLY M 68 9.28 -16.67 -0.79
C GLY M 68 8.56 -17.69 -1.65
N THR M 69 9.31 -18.32 -2.58
CA THR M 69 8.72 -19.24 -3.53
C THR M 69 9.37 -20.62 -3.52
N GLU M 70 10.66 -20.71 -3.21
CA GLU M 70 11.40 -21.97 -3.27
C GLU M 70 11.72 -22.43 -1.86
N PHE M 71 11.38 -23.67 -1.55
CA PHE M 71 11.62 -24.27 -0.25
C PHE M 71 12.24 -25.64 -0.41
N THR M 72 13.04 -26.04 0.58
CA THR M 72 13.72 -27.33 0.56
C THR M 72 13.58 -28.00 1.92
N LEU M 73 13.49 -29.33 1.88
CA LEU M 73 13.52 -30.16 3.08
C LEU M 73 14.70 -31.10 2.96
N THR M 74 15.52 -31.19 4.01
CA THR M 74 16.71 -32.03 4.02
C THR M 74 16.64 -33.00 5.18
N ILE M 75 16.77 -34.29 4.88
CA ILE M 75 16.85 -35.35 5.89
C ILE M 75 18.21 -36.00 5.77
N SER M 76 18.99 -35.95 6.84
CA SER M 76 20.33 -36.52 6.87
C SER M 76 20.32 -37.84 7.62
N SER M 77 21.13 -38.79 7.17
CA SER M 77 21.26 -40.10 7.81
C SER M 77 19.90 -40.79 7.89
N LEU M 78 19.37 -41.14 6.72
CA LEU M 78 18.06 -41.77 6.63
C LEU M 78 18.00 -43.02 7.51
N GLN M 79 16.95 -43.11 8.30
CA GLN M 79 16.77 -44.21 9.24
C GLN M 79 15.67 -45.15 8.76
N SER M 80 15.45 -46.21 9.52
CA SER M 80 14.35 -47.12 9.23
C SER M 80 12.99 -46.48 9.47
N GLU M 81 12.92 -45.46 10.33
CA GLU M 81 11.68 -44.76 10.61
C GLU M 81 11.39 -43.64 9.63
N ASP M 82 12.34 -43.28 8.78
CA ASP M 82 12.15 -42.19 7.82
C ASP M 82 11.60 -42.67 6.49
N PHE M 83 10.98 -43.83 6.45
CA PHE M 83 10.33 -44.33 5.23
C PHE M 83 8.83 -44.05 5.33
N ALA M 84 8.42 -42.91 4.77
CA ALA M 84 7.04 -42.46 4.86
C ALA M 84 6.78 -41.42 3.79
N THR M 85 5.54 -40.99 3.68
CA THR M 85 5.13 -39.99 2.70
C THR M 85 5.30 -38.60 3.31
N TYR M 86 5.92 -37.69 2.55
CA TYR M 86 6.26 -36.37 3.04
C TYR M 86 5.43 -35.33 2.30
N TYR M 87 4.69 -34.51 3.04
CA TYR M 87 3.76 -33.55 2.47
C TYR M 87 4.26 -32.13 2.72
N CYS M 88 4.01 -31.25 1.76
CA CYS M 88 4.35 -29.83 1.87
C CYS M 88 3.06 -29.02 1.89
N GLN M 89 2.94 -28.11 2.87
CA GLN M 89 1.76 -27.30 3.04
C GLN M 89 2.14 -25.84 3.19
N GLN M 90 1.35 -24.96 2.60
CA GLN M 90 1.44 -23.53 2.84
C GLN M 90 0.23 -23.07 3.65
N TYR M 91 0.42 -22.02 4.45
CA TYR M 91 -0.68 -21.43 5.18
C TYR M 91 -0.61 -19.90 5.16
N LYS M 92 -0.32 -19.32 4.00
CA LYS M 92 -0.26 -17.87 3.82
C LYS M 92 -1.56 -17.31 3.24
N THR M 93 -2.04 -17.90 2.14
CA THR M 93 -3.31 -17.48 1.53
C THR M 93 -4.45 -18.41 1.95
N TRP M 94 -4.32 -19.70 1.66
CA TRP M 94 -5.24 -20.70 2.18
C TRP M 94 -4.42 -21.87 2.69
N TRP M 95 -5.07 -22.99 2.99
CA TRP M 95 -4.35 -24.16 3.48
C TRP M 95 -4.36 -25.21 2.37
N THR M 96 -3.36 -25.14 1.50
CA THR M 96 -3.22 -26.05 0.37
C THR M 96 -1.96 -26.89 0.55
N PHE M 97 -2.09 -28.19 0.24
CA PHE M 97 -1.02 -29.15 0.40
C PHE M 97 -0.37 -29.47 -0.94
N GLY M 98 0.77 -30.15 -0.87
CA GLY M 98 1.35 -30.78 -2.02
C GLY M 98 0.84 -32.20 -2.21
N GLN M 99 1.26 -32.82 -3.30
CA GLN M 99 0.81 -34.17 -3.61
C GLN M 99 1.58 -35.25 -2.84
N GLY M 100 2.65 -34.89 -2.17
CA GLY M 100 3.37 -35.83 -1.32
C GLY M 100 4.48 -36.54 -2.06
N THR M 101 5.65 -36.58 -1.43
CA THR M 101 6.82 -37.24 -1.98
C THR M 101 7.12 -38.49 -1.16
N LYS M 102 7.10 -39.64 -1.80
CA LYS M 102 7.31 -40.91 -1.12
C LYS M 102 8.78 -41.30 -1.19
N VAL M 103 9.33 -41.75 -0.06
CA VAL M 103 10.68 -42.30 -0.01
C VAL M 103 10.57 -43.81 0.02
N GLU M 104 11.42 -44.48 -0.77
CA GLU M 104 11.39 -45.92 -0.92
C GLU M 104 12.75 -46.51 -0.60
N ILE M 105 12.75 -47.73 -0.07
CA ILE M 105 13.99 -48.46 0.13
C ILE M 105 14.65 -48.70 -1.22
N LYS M 106 15.92 -48.32 -1.33
CA LYS M 106 16.65 -48.46 -2.59
C LYS M 106 17.21 -49.87 -2.74
N GLN N 1 -8.73 -6.55 54.27
CA GLN N 1 -9.49 -7.77 54.47
C GLN N 1 -9.45 -8.67 53.24
N VAL N 2 -8.66 -8.28 52.25
CA VAL N 2 -8.47 -9.07 51.04
C VAL N 2 -7.20 -9.88 51.20
N GLN N 3 -7.33 -11.21 51.19
CA GLN N 3 -6.21 -12.10 51.42
C GLN N 3 -6.21 -13.24 50.41
N LEU N 4 -5.03 -13.78 50.16
CA LEU N 4 -4.85 -15.00 49.39
C LEU N 4 -3.91 -15.90 50.18
N VAL N 5 -4.44 -16.98 50.74
CA VAL N 5 -3.69 -17.86 51.62
C VAL N 5 -3.37 -19.14 50.85
N GLU N 6 -2.08 -19.37 50.61
CA GLU N 6 -1.64 -20.53 49.87
C GLU N 6 -1.11 -21.61 50.81
N SER N 7 -1.16 -22.85 50.34
CA SER N 7 -0.76 -24.00 51.15
C SER N 7 -0.29 -25.11 50.22
N GLY N 8 -0.01 -26.27 50.81
CA GLY N 8 0.37 -27.43 50.04
C GLY N 8 1.83 -27.51 49.65
N GLY N 9 2.64 -26.53 50.05
CA GLY N 9 4.05 -26.55 49.74
C GLY N 9 4.81 -27.54 50.60
N GLY N 10 6.07 -27.74 50.25
CA GLY N 10 6.94 -28.64 50.97
C GLY N 10 8.10 -29.09 50.11
N VAL N 11 8.73 -30.19 50.53
CA VAL N 11 9.89 -30.75 49.85
C VAL N 11 9.47 -32.05 49.17
N VAL N 12 9.72 -32.15 47.87
CA VAL N 12 9.40 -33.32 47.08
C VAL N 12 10.54 -33.59 46.11
N GLN N 13 10.91 -34.86 45.96
CA GLN N 13 11.99 -35.26 45.09
C GLN N 13 11.60 -35.10 43.63
N PRO N 14 12.57 -34.93 42.72
CA PRO N 14 12.25 -34.70 41.32
C PRO N 14 11.43 -35.83 40.71
N GLY N 15 10.52 -35.45 39.82
CA GLY N 15 9.70 -36.38 39.07
C GLY N 15 8.34 -36.69 39.67
N ARG N 16 8.09 -36.25 40.90
CA ARG N 16 6.81 -36.54 41.53
C ARG N 16 5.86 -35.36 41.39
N SER N 17 4.62 -35.58 41.82
CA SER N 17 3.55 -34.60 41.65
C SER N 17 3.21 -33.95 42.99
N LEU N 18 3.12 -32.61 42.96
CA LEU N 18 2.79 -31.84 44.14
C LEU N 18 1.69 -30.85 43.78
N ARG N 19 0.70 -30.73 44.66
CA ARG N 19 -0.52 -29.96 44.39
C ARG N 19 -0.60 -28.78 45.35
N LEU N 20 -0.56 -27.57 44.80
CA LEU N 20 -0.65 -26.34 45.57
C LEU N 20 -2.11 -25.87 45.65
N SER N 21 -2.34 -24.92 46.54
CA SER N 21 -3.67 -24.34 46.72
C SER N 21 -3.52 -22.86 47.04
N CYS N 22 -4.64 -22.14 46.94
CA CYS N 22 -4.67 -20.70 47.20
C CYS N 22 -6.07 -20.35 47.70
N ALA N 23 -6.18 -20.08 49.00
CA ALA N 23 -7.45 -19.71 49.60
C ALA N 23 -7.63 -18.20 49.54
N ALA N 24 -8.68 -17.77 48.85
CA ALA N 24 -8.96 -16.36 48.65
C ALA N 24 -10.19 -15.93 49.45
N SER N 25 -10.06 -14.80 50.13
CA SER N 25 -11.15 -14.27 50.95
C SER N 25 -11.12 -12.76 50.90
N GLY N 26 -12.29 -12.16 51.14
CA GLY N 26 -12.43 -10.72 51.13
C GLY N 26 -12.84 -10.10 49.81
N PHE N 27 -13.15 -10.91 48.80
CA PHE N 27 -13.59 -10.42 47.51
C PHE N 27 -14.33 -11.53 46.79
N SER N 28 -14.85 -11.21 45.61
CA SER N 28 -15.58 -12.18 44.80
C SER N 28 -14.59 -12.95 43.94
N PHE N 29 -14.27 -14.18 44.34
CA PHE N 29 -13.28 -14.98 43.64
C PHE N 29 -13.78 -15.46 42.29
N SER N 30 -15.10 -15.54 42.12
CA SER N 30 -15.69 -16.12 40.91
C SER N 30 -15.67 -15.17 39.72
N THR N 31 -15.33 -13.90 39.90
CA THR N 31 -15.31 -12.94 38.80
C THR N 31 -13.91 -12.45 38.45
N TYR N 32 -12.86 -13.07 39.00
CA TYR N 32 -11.51 -12.61 38.79
C TYR N 32 -10.66 -13.72 38.17
N GLY N 33 -9.75 -13.32 37.29
CA GLY N 33 -8.75 -14.22 36.77
C GLY N 33 -7.54 -14.28 37.68
N MET N 34 -7.09 -15.49 37.97
CA MET N 34 -6.06 -15.71 38.97
C MET N 34 -4.76 -16.17 38.31
N HIS N 35 -3.65 -15.63 38.79
CA HIS N 35 -2.33 -15.93 38.26
C HIS N 35 -1.52 -16.74 39.27
N TRP N 36 -0.39 -17.26 38.80
CA TRP N 36 0.65 -17.83 39.65
C TRP N 36 1.98 -17.19 39.28
N VAL N 37 2.72 -16.75 40.29
CA VAL N 37 4.00 -16.07 40.10
C VAL N 37 5.07 -16.82 40.88
N ARG N 38 6.27 -16.89 40.31
CA ARG N 38 7.37 -17.68 40.84
C ARG N 38 8.59 -16.81 41.07
N GLN N 39 9.38 -17.14 42.10
CA GLN N 39 10.60 -16.41 42.42
C GLN N 39 11.63 -17.40 42.96
N ALA N 40 12.68 -17.64 42.18
CA ALA N 40 13.75 -18.52 42.62
C ALA N 40 14.57 -17.85 43.72
N PRO N 41 15.22 -18.64 44.59
CA PRO N 41 16.02 -18.04 45.66
C PRO N 41 17.16 -17.21 45.10
N GLY N 42 17.18 -15.93 45.45
CA GLY N 42 18.17 -15.00 44.94
C GLY N 42 17.94 -14.54 43.52
N LYS N 43 16.82 -14.91 42.90
CA LYS N 43 16.51 -14.54 41.53
C LYS N 43 15.29 -13.63 41.52
N GLY N 44 14.95 -13.15 40.32
CA GLY N 44 13.82 -12.26 40.14
C GLY N 44 12.51 -13.01 40.11
N LEU N 45 11.47 -12.29 39.69
CA LEU N 45 10.12 -12.84 39.61
C LEU N 45 9.88 -13.44 38.23
N GLU N 46 9.04 -14.47 38.20
CA GLU N 46 8.65 -15.15 36.96
C GLU N 46 7.17 -15.49 37.01
N TRP N 47 6.47 -15.23 35.92
CA TRP N 47 5.07 -15.61 35.79
C TRP N 47 4.96 -17.06 35.35
N VAL N 48 3.96 -17.77 35.88
CA VAL N 48 3.80 -19.20 35.66
C VAL N 48 2.53 -19.51 34.87
N ALA N 49 1.36 -19.15 35.40
CA ALA N 49 0.12 -19.61 34.81
C ALA N 49 -0.98 -18.58 35.05
N LEU N 50 -2.00 -18.65 34.20
CA LEU N 50 -3.19 -17.82 34.29
C LEU N 50 -4.43 -18.66 34.02
N ILE N 51 -5.55 -18.29 34.63
CA ILE N 51 -6.83 -18.92 34.37
C ILE N 51 -7.91 -17.83 34.33
N TRP N 52 -8.90 -18.02 33.46
CA TRP N 52 -10.03 -17.10 33.41
C TRP N 52 -10.86 -17.19 34.69
N HIS N 53 -11.78 -16.23 34.83
CA HIS N 53 -12.64 -16.16 36.00
C HIS N 53 -13.55 -17.38 36.14
N ASP N 54 -13.92 -18.01 35.03
CA ASP N 54 -14.84 -19.14 35.06
C ASP N 54 -14.17 -20.50 34.86
N GLY N 55 -12.87 -20.51 34.56
CA GLY N 55 -12.15 -21.76 34.35
C GLY N 55 -12.05 -22.21 32.91
N SER N 56 -12.42 -21.37 31.94
CA SER N 56 -12.43 -21.80 30.54
C SER N 56 -11.03 -21.76 29.95
N LYS N 57 -10.41 -20.59 29.92
CA LYS N 57 -9.11 -20.39 29.28
C LYS N 57 -8.00 -20.48 30.31
N LYS N 58 -6.95 -21.22 29.98
CA LYS N 58 -5.78 -21.37 30.82
C LYS N 58 -4.53 -21.08 29.99
N PHE N 59 -3.60 -20.33 30.56
CA PHE N 59 -2.35 -19.99 29.89
C PHE N 59 -1.19 -20.34 30.80
N TYR N 60 -0.11 -20.86 30.22
CA TYR N 60 1.02 -21.34 30.98
C TYR N 60 2.31 -20.78 30.41
N SER N 61 3.33 -20.71 31.26
CA SER N 61 4.65 -20.29 30.82
C SER N 61 5.33 -21.39 30.00
N GLU N 62 6.27 -20.97 29.16
CA GLU N 62 6.97 -21.93 28.30
C GLU N 62 7.77 -22.93 29.12
N SER N 63 8.12 -22.57 30.36
CA SER N 63 8.93 -23.47 31.18
C SER N 63 8.08 -24.46 31.96
N VAL N 64 6.76 -24.26 31.99
CA VAL N 64 5.87 -25.13 32.75
C VAL N 64 4.71 -25.66 31.91
N ARG N 65 4.69 -25.40 30.62
CA ARG N 65 3.57 -25.84 29.79
C ARG N 65 3.58 -27.36 29.64
N GLY N 66 2.43 -27.95 29.88
CA GLY N 66 2.30 -29.40 29.87
C GLY N 66 2.53 -30.07 31.21
N ARG N 67 3.57 -29.65 31.93
CA ARG N 67 3.84 -30.21 33.24
C ARG N 67 2.86 -29.69 34.28
N PHE N 68 2.53 -28.39 34.23
CA PHE N 68 1.68 -27.76 35.22
C PHE N 68 0.26 -27.62 34.69
N THR N 69 -0.71 -27.71 35.59
CA THR N 69 -2.11 -27.51 35.27
C THR N 69 -2.75 -26.61 36.32
N ILE N 70 -3.43 -25.57 35.88
CA ILE N 70 -4.09 -24.63 36.78
C ILE N 70 -5.59 -24.90 36.75
N SER N 71 -6.19 -24.95 37.94
CA SER N 71 -7.61 -25.22 38.06
C SER N 71 -8.16 -24.42 39.24
N ARG N 72 -9.48 -24.23 39.25
CA ARG N 72 -10.12 -23.46 40.30
C ARG N 72 -11.46 -24.10 40.64
N ASP N 73 -11.93 -23.84 41.86
CA ASP N 73 -13.24 -24.28 42.33
C ASP N 73 -13.93 -23.05 42.91
N ASN N 74 -14.77 -22.41 42.08
CA ASN N 74 -15.35 -21.13 42.47
C ASN N 74 -16.35 -21.26 43.60
N SER N 75 -16.80 -22.48 43.90
CA SER N 75 -17.78 -22.66 44.98
C SER N 75 -17.20 -22.27 46.33
N MET N 76 -16.04 -22.81 46.69
CA MET N 76 -15.40 -22.50 47.95
C MET N 76 -14.15 -21.64 47.80
N ASP N 77 -13.94 -21.04 46.63
CA ASP N 77 -12.94 -19.99 46.41
C ASP N 77 -11.51 -20.52 46.62
N THR N 78 -11.17 -21.60 45.91
CA THR N 78 -9.82 -22.16 45.97
C THR N 78 -9.23 -22.24 44.57
N LEU N 79 -7.97 -21.79 44.46
CA LEU N 79 -7.19 -21.90 43.24
C LEU N 79 -6.15 -22.99 43.42
N TYR N 80 -5.92 -23.78 42.36
CA TYR N 80 -4.99 -24.89 42.44
C TYR N 80 -3.95 -24.79 41.35
N LEU N 81 -2.76 -25.32 41.63
CA LEU N 81 -1.70 -25.51 40.66
C LEU N 81 -1.17 -26.92 40.84
N GLN N 82 -1.38 -27.78 39.85
CA GLN N 82 -0.95 -29.17 39.89
C GLN N 82 0.34 -29.29 39.09
N MET N 83 1.43 -29.62 39.76
CA MET N 83 2.74 -29.77 39.13
C MET N 83 3.08 -31.25 39.07
N SER N 84 3.57 -31.69 37.91
CA SER N 84 4.07 -33.05 37.72
C SER N 84 5.40 -33.01 36.98
N SER N 85 6.19 -34.07 37.16
CA SER N 85 7.53 -34.16 36.60
C SER N 85 8.40 -32.98 37.06
N LEU N 86 8.37 -32.72 38.36
CA LEU N 86 9.07 -31.58 38.93
C LEU N 86 10.57 -31.73 38.76
N ARG N 87 11.25 -30.61 38.60
CA ARG N 87 12.69 -30.57 38.39
C ARG N 87 13.33 -29.63 39.41
N ALA N 88 14.66 -29.66 39.46
CA ALA N 88 15.39 -28.83 40.40
C ALA N 88 15.20 -27.34 40.09
N GLU N 89 14.95 -27.01 38.83
CA GLU N 89 14.69 -25.62 38.45
C GLU N 89 13.34 -25.11 38.93
N ASP N 90 12.47 -25.99 39.43
CA ASP N 90 11.18 -25.59 39.95
C ASP N 90 11.22 -25.24 41.43
N THR N 91 12.40 -25.27 42.05
CA THR N 91 12.53 -24.87 43.45
C THR N 91 12.49 -23.34 43.55
N ALA N 92 11.43 -22.82 44.16
CA ALA N 92 11.22 -21.37 44.21
C ALA N 92 10.03 -21.10 45.12
N VAL N 93 9.76 -19.81 45.33
CA VAL N 93 8.59 -19.37 46.08
C VAL N 93 7.47 -19.07 45.10
N TYR N 94 6.34 -19.75 45.28
CA TYR N 94 5.20 -19.63 44.38
C TYR N 94 4.17 -18.69 45.01
N TYR N 95 3.80 -17.65 44.29
CA TYR N 95 2.84 -16.66 44.75
C TYR N 95 1.53 -16.78 43.99
N CYS N 96 0.43 -16.66 44.72
CA CYS N 96 -0.90 -16.62 44.14
C CYS N 96 -1.36 -15.17 44.04
N ALA N 97 -1.63 -14.72 42.82
CA ALA N 97 -1.89 -13.30 42.58
C ALA N 97 -3.22 -13.13 41.86
N ARG N 98 -3.91 -12.03 42.18
CA ARG N 98 -5.17 -11.69 41.53
C ARG N 98 -4.91 -10.69 40.41
N ASP N 99 -5.72 -10.79 39.35
CA ASP N 99 -5.56 -9.87 38.22
C ASP N 99 -6.16 -8.51 38.57
N GLY N 100 -5.34 -7.47 38.49
CA GLY N 100 -5.80 -6.13 38.79
C GLY N 100 -6.26 -5.37 37.56
N ALA N 101 -7.29 -5.90 36.90
CA ALA N 101 -7.85 -5.29 35.71
C ALA N 101 -9.26 -4.80 35.97
N ASP N 102 -9.59 -3.65 35.39
CA ASP N 102 -10.96 -3.17 35.42
C ASP N 102 -11.86 -4.11 34.62
N TYR N 103 -13.13 -4.17 35.00
CA TYR N 103 -14.06 -5.09 34.35
C TYR N 103 -14.29 -4.72 32.90
N PHE N 104 -13.88 -3.52 32.48
CA PHE N 104 -14.00 -3.08 31.10
C PHE N 104 -12.67 -2.53 30.58
N ASP N 105 -11.57 -3.17 30.97
CA ASP N 105 -10.25 -2.82 30.45
C ASP N 105 -9.88 -3.56 29.18
N SER N 106 -10.32 -4.82 29.04
CA SER N 106 -10.21 -5.61 27.82
C SER N 106 -8.78 -6.07 27.54
N THR N 107 -7.81 -5.64 28.35
CA THR N 107 -6.41 -6.02 28.14
C THR N 107 -5.69 -6.49 29.38
N GLY N 108 -6.39 -6.86 30.44
CA GLY N 108 -5.69 -7.36 31.61
C GLY N 108 -4.95 -6.26 32.36
N GLY N 109 -4.65 -6.53 33.62
CA GLY N 109 -3.99 -5.54 34.44
C GLY N 109 -2.77 -6.07 35.18
N ALA N 110 -2.32 -5.33 36.18
CA ALA N 110 -1.20 -5.74 37.00
C ALA N 110 -1.67 -6.75 38.05
N PHE N 111 -0.73 -7.24 38.85
CA PHE N 111 -1.03 -8.16 39.94
C PHE N 111 -1.40 -7.34 41.17
N ASP N 112 -2.70 -7.15 41.37
CA ASP N 112 -3.21 -6.30 42.44
C ASP N 112 -2.90 -6.86 43.82
N ILE N 113 -3.40 -8.06 44.12
CA ILE N 113 -3.26 -8.68 45.43
C ILE N 113 -2.37 -9.90 45.30
N TRP N 114 -1.36 -9.99 46.16
CA TRP N 114 -0.44 -11.11 46.19
C TRP N 114 -0.66 -11.94 47.44
N GLY N 115 -0.41 -13.23 47.33
CA GLY N 115 -0.41 -14.12 48.48
C GLY N 115 0.88 -14.04 49.25
N GLN N 116 0.91 -14.72 50.39
CA GLN N 116 2.10 -14.74 51.23
C GLN N 116 3.24 -15.50 50.56
N GLY N 117 2.93 -16.41 49.65
CA GLY N 117 3.94 -17.22 49.00
C GLY N 117 4.28 -18.46 49.78
N THR N 118 4.51 -19.55 49.04
CA THR N 118 4.85 -20.83 49.63
C THR N 118 6.08 -21.39 48.93
N MET N 119 7.05 -21.83 49.72
CA MET N 119 8.29 -22.39 49.20
C MET N 119 8.06 -23.82 48.74
N VAL N 120 8.50 -24.13 47.53
CA VAL N 120 8.50 -25.49 47.01
C VAL N 120 9.95 -25.87 46.75
N ILE N 121 10.39 -26.96 47.38
CA ILE N 121 11.78 -27.40 47.34
C ILE N 121 11.85 -28.73 46.60
N VAL N 122 12.68 -28.80 45.58
CA VAL N 122 12.90 -30.01 44.79
C VAL N 122 14.34 -30.43 44.97
N SER N 123 14.55 -31.44 45.81
CA SER N 123 15.90 -31.93 46.08
C SER N 123 15.83 -33.40 46.45
N SER N 124 16.96 -34.08 46.29
CA SER N 124 17.06 -35.50 46.59
C SER N 124 17.56 -35.73 48.01
N ILE O 2 9.92 -12.82 23.23
CA ILE O 2 9.86 -12.36 24.61
C ILE O 2 10.29 -10.89 24.68
N VAL O 3 9.47 -10.07 25.33
CA VAL O 3 9.77 -8.65 25.49
C VAL O 3 10.71 -8.56 26.69
N MET O 4 11.98 -8.29 26.41
CA MET O 4 12.98 -8.23 27.46
C MET O 4 12.92 -6.89 28.19
N THR O 5 12.99 -6.94 29.51
CA THR O 5 12.90 -5.75 30.36
C THR O 5 14.19 -5.60 31.15
N GLN O 6 14.81 -4.43 31.06
CA GLN O 6 16.08 -4.16 31.72
C GLN O 6 15.94 -2.98 32.69
N SER O 7 16.66 -3.07 33.80
CA SER O 7 16.69 -2.04 34.83
C SER O 7 18.12 -1.84 35.30
N PRO O 8 18.46 -0.63 35.80
CA PRO O 8 19.78 -0.44 36.42
C PRO O 8 19.97 -1.33 37.64
N ALA O 9 21.22 -1.75 37.88
CA ALA O 9 21.48 -2.75 38.92
C ALA O 9 21.15 -2.22 40.30
N THR O 10 21.69 -1.06 40.67
CA THR O 10 21.48 -0.52 42.00
C THR O 10 21.77 0.98 42.01
N LEU O 11 21.32 1.63 43.08
CA LEU O 11 21.58 3.06 43.29
C LEU O 11 21.65 3.31 44.79
N SER O 12 22.52 4.23 45.19
CA SER O 12 22.72 4.56 46.60
C SER O 12 22.16 5.94 46.88
N VAL O 13 21.10 6.01 47.67
CA VAL O 13 20.41 7.27 47.96
C VAL O 13 20.23 7.38 49.47
N SER O 14 20.57 8.55 50.01
CA SER O 14 20.36 8.85 51.41
C SER O 14 18.89 9.23 51.65
N PRO O 15 18.37 9.01 52.86
CA PRO O 15 16.98 9.37 53.14
C PRO O 15 16.73 10.85 52.92
N GLY O 16 15.55 11.16 52.37
CA GLY O 16 15.17 12.52 52.07
C GLY O 16 15.45 12.97 50.66
N GLU O 17 16.30 12.26 49.92
CA GLU O 17 16.60 12.62 48.54
C GLU O 17 15.57 12.02 47.59
N ARG O 18 15.85 12.15 46.30
CA ARG O 18 14.98 11.65 45.25
C ARG O 18 15.67 10.55 44.46
N ALA O 19 14.95 9.46 44.25
CA ALA O 19 15.45 8.31 43.50
C ALA O 19 14.69 8.19 42.19
N THR O 20 15.43 8.04 41.09
CA THR O 20 14.85 7.93 39.75
C THR O 20 15.24 6.58 39.18
N LEU O 21 14.26 5.70 39.03
CA LEU O 21 14.49 4.38 38.46
C LEU O 21 14.05 4.35 37.00
N SER O 22 14.83 3.65 36.18
CA SER O 22 14.59 3.58 34.75
C SER O 22 14.27 2.14 34.36
N CYS O 23 13.47 2.01 33.30
CA CYS O 23 13.09 0.70 32.80
C CYS O 23 12.89 0.80 31.30
N ARG O 24 13.50 -0.12 30.56
CA ARG O 24 13.47 -0.12 29.10
C ARG O 24 12.97 -1.48 28.61
N ALA O 25 12.09 -1.44 27.61
CA ALA O 25 11.53 -2.64 27.01
C ALA O 25 12.08 -2.82 25.60
N SER O 26 12.28 -4.07 25.19
CA SER O 26 12.77 -4.34 23.85
C SER O 26 11.78 -3.89 22.79
N GLN O 27 10.48 -4.10 23.03
CA GLN O 27 9.46 -3.64 22.11
C GLN O 27 8.51 -2.68 22.82
N SER O 28 7.45 -2.26 22.13
CA SER O 28 6.53 -1.25 22.64
C SER O 28 5.57 -1.88 23.63
N VAL O 29 5.43 -1.26 24.80
CA VAL O 29 4.43 -1.63 25.78
C VAL O 29 3.59 -0.39 26.06
N SER O 30 2.40 -0.33 25.48
CA SER O 30 1.60 0.89 25.52
C SER O 30 0.93 1.09 26.87
N SER O 31 1.66 1.66 27.83
CA SER O 31 1.14 1.97 29.16
C SER O 31 0.58 0.72 29.85
N ASN O 32 1.27 -0.40 29.64
CA ASN O 32 0.91 -1.66 30.27
C ASN O 32 2.06 -2.12 31.16
N LEU O 33 2.59 -1.20 31.96
CA LEU O 33 3.74 -1.47 32.81
C LEU O 33 3.36 -1.26 34.27
N ALA O 34 3.98 -2.04 35.15
CA ALA O 34 3.73 -1.94 36.58
C ALA O 34 5.05 -1.92 37.33
N TRP O 35 5.02 -1.33 38.53
CA TRP O 35 6.17 -1.28 39.42
C TRP O 35 5.80 -1.94 40.74
N TYR O 36 6.71 -2.77 41.26
CA TYR O 36 6.49 -3.52 42.49
C TYR O 36 7.62 -3.26 43.46
N GLN O 37 7.27 -3.18 44.73
CA GLN O 37 8.23 -3.02 45.82
C GLN O 37 8.24 -4.29 46.65
N GLN O 38 9.38 -4.96 46.71
CA GLN O 38 9.54 -6.18 47.47
C GLN O 38 10.68 -6.02 48.45
N LYS O 39 10.40 -6.21 49.70
CA LYS O 39 11.41 -6.28 50.74
C LYS O 39 11.79 -7.74 50.99
N PRO O 40 13.03 -8.02 51.37
CA PRO O 40 13.46 -9.41 51.55
C PRO O 40 12.58 -10.13 52.57
N GLY O 41 12.15 -11.33 52.22
CA GLY O 41 11.29 -12.13 53.07
C GLY O 41 9.81 -11.82 52.99
N GLN O 42 9.39 -10.96 52.05
CA GLN O 42 8.00 -10.59 51.93
C GLN O 42 7.55 -10.65 50.47
N ALA O 43 6.22 -10.68 50.29
CA ALA O 43 5.65 -10.72 48.95
C ALA O 43 5.79 -9.37 48.26
N PRO O 44 5.80 -9.34 46.93
CA PRO O 44 5.88 -8.07 46.21
C PRO O 44 4.64 -7.22 46.45
N ARG O 45 4.80 -5.91 46.32
CA ARG O 45 3.75 -4.94 46.57
C ARG O 45 3.61 -4.03 45.34
N LEU O 46 2.41 -4.00 44.77
CA LEU O 46 2.17 -3.16 43.59
C LEU O 46 2.16 -1.69 43.97
N LEU O 47 2.90 -0.88 43.21
CA LEU O 47 2.95 0.55 43.41
C LEU O 47 2.25 1.32 42.30
N ILE O 48 2.64 1.08 41.05
CA ILE O 48 2.09 1.78 39.89
C ILE O 48 1.56 0.75 38.91
N TYR O 49 0.40 1.02 38.34
CA TYR O 49 -0.12 0.25 37.22
C TYR O 49 -0.63 1.20 36.16
N GLY O 50 -0.51 0.79 34.90
CA GLY O 50 -0.74 1.68 33.80
C GLY O 50 0.37 2.68 33.55
N ALA O 51 1.53 2.50 34.21
CA ALA O 51 2.73 3.30 34.05
C ALA O 51 2.61 4.69 34.67
N SER O 52 1.40 5.05 35.11
CA SER O 52 1.22 6.34 35.78
C SER O 52 0.27 6.33 36.97
N THR O 53 -0.55 5.29 37.14
CA THR O 53 -1.60 5.30 38.17
C THR O 53 -1.13 4.57 39.41
N ARG O 54 -1.30 5.19 40.57
CA ARG O 54 -0.91 4.58 41.83
C ARG O 54 -1.99 3.61 42.31
N ALA O 55 -1.59 2.68 43.17
CA ALA O 55 -2.52 1.75 43.77
C ALA O 55 -3.23 2.40 44.96
N THR O 56 -3.99 1.59 45.70
CA THR O 56 -4.81 2.09 46.80
C THR O 56 -3.99 2.72 47.91
N GLY O 57 -3.17 1.91 48.59
CA GLY O 57 -2.41 2.39 49.72
C GLY O 57 -0.99 2.80 49.39
N ILE O 58 -0.83 3.64 48.38
CA ILE O 58 0.49 4.09 47.91
C ILE O 58 0.57 5.60 48.14
N PRO O 59 1.60 6.10 48.81
CA PRO O 59 1.70 7.55 49.04
C PRO O 59 2.03 8.30 47.76
N ALA O 60 1.79 9.61 47.80
CA ALA O 60 1.98 10.44 46.63
C ALA O 60 3.45 10.61 46.25
N ARG O 61 4.38 10.14 47.10
CA ARG O 61 5.79 10.30 46.80
C ARG O 61 6.27 9.35 45.71
N PHE O 62 5.43 8.42 45.26
CA PHE O 62 5.76 7.53 44.16
C PHE O 62 5.03 8.01 42.90
N SER O 63 5.76 8.15 41.80
CA SER O 63 5.19 8.62 40.55
C SER O 63 5.90 7.95 39.38
N GLY O 64 5.13 7.50 38.40
CA GLY O 64 5.67 6.86 37.21
C GLY O 64 5.32 7.63 35.95
N SER O 65 6.16 7.46 34.94
CA SER O 65 5.96 8.14 33.66
C SER O 65 6.61 7.30 32.56
N GLY O 66 6.18 7.57 31.33
CA GLY O 66 6.72 6.91 30.17
C GLY O 66 5.71 5.95 29.54
N SER O 67 5.93 5.68 28.26
CA SER O 67 5.11 4.72 27.52
C SER O 67 5.90 4.26 26.31
N GLY O 68 5.46 3.15 25.73
CA GLY O 68 6.17 2.56 24.61
C GLY O 68 7.27 1.63 25.06
N THR O 69 8.51 2.11 25.04
CA THR O 69 9.65 1.30 25.44
C THR O 69 10.37 1.81 26.69
N GLU O 70 10.45 3.13 26.89
CA GLU O 70 11.22 3.72 27.97
C GLU O 70 10.28 4.19 29.06
N PHE O 71 10.53 3.75 30.30
CA PHE O 71 9.71 4.07 31.45
C PHE O 71 10.58 4.51 32.61
N THR O 72 10.00 5.29 33.52
CA THR O 72 10.72 5.85 34.65
C THR O 72 9.83 5.80 35.89
N LEU O 73 10.42 5.44 37.02
CA LEU O 73 9.77 5.51 38.32
C LEU O 73 10.52 6.51 39.18
N THR O 74 9.80 7.43 39.80
CA THR O 74 10.39 8.51 40.58
C THR O 74 9.88 8.42 42.01
N ILE O 75 10.80 8.45 42.98
CA ILE O 75 10.46 8.48 44.39
C ILE O 75 11.00 9.78 44.97
N SER O 76 10.10 10.61 45.51
CA SER O 76 10.47 11.88 46.11
C SER O 76 10.45 11.75 47.63
N SER O 77 11.41 12.39 48.28
CA SER O 77 11.54 12.34 49.74
C SER O 77 11.63 10.90 50.23
N LEU O 78 12.70 10.24 49.81
CA LEU O 78 12.89 8.82 50.11
C LEU O 78 12.89 8.58 51.62
N GLN O 79 12.03 7.68 52.06
CA GLN O 79 11.85 7.38 53.48
C GLN O 79 12.54 6.07 53.83
N SER O 80 12.51 5.75 55.13
CA SER O 80 13.16 4.54 55.61
C SER O 80 12.49 3.26 55.11
N GLU O 81 11.18 3.31 54.84
CA GLU O 81 10.46 2.14 54.34
C GLU O 81 10.67 1.90 52.86
N ASP O 82 11.29 2.84 52.14
CA ASP O 82 11.39 2.78 50.69
C ASP O 82 12.71 2.16 50.22
N PHE O 83 13.51 1.61 51.13
CA PHE O 83 14.77 0.99 50.76
C PHE O 83 14.53 -0.50 50.53
N ALA O 84 14.29 -0.87 49.27
CA ALA O 84 13.98 -2.25 48.91
C ALA O 84 14.30 -2.46 47.44
N THR O 85 13.92 -3.63 46.94
CA THR O 85 14.11 -3.98 45.54
C THR O 85 12.83 -3.64 44.77
N TYR O 86 13.00 -2.99 43.62
CA TYR O 86 11.90 -2.50 42.82
C TYR O 86 11.92 -3.20 41.47
N TYR O 87 10.79 -3.80 41.08
CA TYR O 87 10.70 -4.62 39.89
C TYR O 87 9.85 -3.92 38.84
N CYS O 88 10.24 -4.08 37.57
CA CYS O 88 9.54 -3.52 36.44
C CYS O 88 8.93 -4.64 35.61
N GLN O 89 7.60 -4.64 35.51
CA GLN O 89 6.88 -5.69 34.80
C GLN O 89 6.06 -5.11 33.67
N GLN O 90 6.08 -5.78 32.53
CA GLN O 90 5.16 -5.50 31.43
C GLN O 90 4.05 -6.55 31.41
N TYR O 91 2.87 -6.15 30.93
CA TYR O 91 1.79 -7.11 30.70
C TYR O 91 1.10 -6.85 29.37
N LYS O 92 1.87 -6.59 28.31
CA LYS O 92 1.35 -6.37 26.98
C LYS O 92 1.42 -7.60 26.09
N THR O 93 2.59 -8.24 26.01
CA THR O 93 2.77 -9.48 25.26
C THR O 93 2.68 -10.69 26.19
N TRP O 94 3.44 -10.70 27.26
CA TRP O 94 3.30 -11.71 28.30
C TRP O 94 3.47 -11.02 29.64
N TRP O 95 3.68 -11.79 30.70
CA TRP O 95 3.93 -11.21 32.02
C TRP O 95 5.39 -11.47 32.35
N THR O 96 6.28 -10.59 31.87
CA THR O 96 7.70 -10.68 32.10
C THR O 96 8.14 -9.57 33.04
N PHE O 97 9.15 -9.87 33.86
CA PHE O 97 9.63 -8.95 34.89
C PHE O 97 11.02 -8.45 34.54
N GLY O 98 11.45 -7.42 35.27
CA GLY O 98 12.82 -6.99 35.22
C GLY O 98 13.69 -7.70 36.25
N GLN O 99 14.99 -7.45 36.18
CA GLN O 99 15.92 -8.06 37.13
C GLN O 99 15.92 -7.35 38.48
N GLY O 100 15.26 -6.21 38.59
CA GLY O 100 15.14 -5.53 39.85
C GLY O 100 16.20 -4.46 40.05
N THR O 101 15.87 -3.45 40.84
CA THR O 101 16.79 -2.39 41.21
C THR O 101 16.76 -2.23 42.72
N LYS O 102 17.94 -2.25 43.35
CA LYS O 102 18.03 -2.22 44.80
C LYS O 102 18.30 -0.80 45.27
N VAL O 103 17.53 -0.35 46.26
CA VAL O 103 17.72 0.96 46.88
C VAL O 103 18.39 0.73 48.23
N GLU O 104 19.62 1.22 48.37
CA GLU O 104 20.42 0.98 49.56
C GLU O 104 20.73 2.30 50.26
N ILE O 105 20.74 2.27 51.59
CA ILE O 105 21.03 3.46 52.37
C ILE O 105 22.47 3.89 52.15
N LYS O 106 22.67 5.14 51.79
CA LYS O 106 24.00 5.67 51.52
C LYS O 106 24.73 6.02 52.81
#